data_9EA6
#
_entry.id   9EA6
#
_cell.length_a   1.00
_cell.length_b   1.00
_cell.length_c   1.00
_cell.angle_alpha   90.00
_cell.angle_beta   90.00
_cell.angle_gamma   90.00
#
_symmetry.space_group_name_H-M   'P 1'
#
loop_
_entity.id
_entity.type
_entity.pdbx_description
1 polymer 'DNA-directed DNA polymerase'
2 polymer 'Sliding clamp'
3 polymer "DNA (5'-AGC TAT GAC CAT GAT TAC GAA TTG ddC-3')"
4 polymer 'DNA (38-MER)'
5 non-polymer 'CALCIUM ION'
6 non-polymer "2',3'-DIDEOXY-THYMIDINE-5'-TRIPHOSPHATE"
#
loop_
_entity_poly.entity_id
_entity_poly.type
_entity_poly.pdbx_seq_one_letter_code
_entity_poly.pdbx_strand_id
1 'polypeptide(L)'
;MKEFYISIETVGNNIVERYIDENGKERTREVEYLPTMFRHCKEESKYKDIYGKNCAPQKFPSMKDARDWMKRMEDIGLEA
LGMNDFKLAYISDTYGSEIVYDRKFVRVANCDIEVTGDKFPDPMKAEYEIDAITHYDSIDDRFYVFDLLNSMYGSVSKWD
AKLAAKLDCEGGDEVPQEILDRVIYMPFDNERDMLMEYINLWEQKRPAIFTGWNIEGFAVPYIMNRVKMILGERSMKRFS
PIGRVKSKLIQNMYGSKEIYSIDGVSILDYLDLYKKFAFTNLPSFSLESVAQHETKKGKLPYDGPINKLRETNHQRYISY
NIIDVESVQAIDKIRGFIDLVLSMSYYAKMPFSGVMSPIKTWDAIIFNSLKGEHKVIPQQGSHVKQSFPGAFVFEPKPIA
RRYIMSFDLTSLYPSIIRQVNISPETIRGQFKVHPIHEYIAGTAPKPSDEYSCSPNGWMYDKHQEGIIPKEIAKVFFQRK
DWKKKMFAEEMNAEAIKKIIMKGAGSCSTKPEVERYVKFSDDFLNELSNYTESVLNSLIEECEKAATLANTNQLNRKILI
NSLYGALGNIHFRYYDLRNATAITIFGQVGIQWIARKINEYLNKVCGTNDEDFIAAGDTDSVYVCVDKVIEKVGLDRFKE
QNDLVEFMNQFGKKKMEPMIDVAYRELCDYMNNREHLMHMDREAISCPPLGSKGVGGFWKAKKRYALNVYDMEDKRFAEP
HLKIMGMETQQSSTPKAVQEALEESIRRILQEGEESVQEYYKNFEKEYRQLDYKVIAEVKTANDIAKYDDKGWPGFKCPF
HIRGVLTYRRAVSGLGVAPILDGNKVMVLPLREGNPFGDKCIAWPSGTELPKEIRSDVLSWIDHSTLFQKSFVKPLAGMC
ESAGMDYEEKASLDFLFG
;
A,C
2 'polypeptide(L)'
;MKLSKDTTALLKNFATINSGIMLKSGQFIMTRAVNGTTYAEANISDVIDFDVAIYDLNGFLGILSLVNDDAEISQSEDGN
IKIADARSTIFWPAADPSTVVAPNKPIPFPVASAVTEIKAEDLQQLLRVSRGLQIDTIAITVKEGKIVINGFNKVEDSAL
TRVKYSLTLGDYDGENTFNFIINMANMKMQPGNYKLLLWAKGKQGAAKFEGEHANYVVALEADSTHDF
;
B,D,E
3 'polydeoxyribonucleotide'
;(DA)(DG)(DC)(DT)(DA)(DT)(DG)(DA)(DC)(DC)(DA)(DT)(DG)(DA)(DT)(DT)(DA)(DC)(DG)(DA)
(DA)(DT)(DT)(DG)(DC)
;
P
4 'polydeoxyribonucleotide'
;(DC)(DT)(DG)(DC)(DA)(DC)(DG)(DA)(DA)(DT)(DT)(DA)(DA)(DG)(DC)(DA)(DA)(DT)(DT)(DC)
(DG)(DT)(DA)(DA)(DT)(DC)(DA)(DT)(DG)(DG)(DT)(DC)(DA)(DT)(DA)(DG)(DC)(DT)
;
T
#
# COMPACT_ATOMS: atom_id res chain seq x y z
N MET A 1 46.88 -35.24 -29.98
CA MET A 1 45.52 -34.87 -29.61
C MET A 1 45.04 -33.66 -30.41
N LYS A 2 43.72 -33.49 -30.48
CA LYS A 2 43.14 -32.37 -31.22
C LYS A 2 43.36 -31.07 -30.44
N GLU A 3 43.32 -29.97 -31.18
CA GLU A 3 43.47 -28.65 -30.60
C GLU A 3 42.12 -28.07 -30.22
N PHE A 4 42.12 -27.23 -29.19
CA PHE A 4 40.89 -26.58 -28.74
C PHE A 4 41.25 -25.28 -28.04
N TYR A 5 40.37 -24.29 -28.17
CA TYR A 5 40.64 -22.97 -27.62
C TYR A 5 40.46 -22.97 -26.10
N ILE A 6 41.13 -22.01 -25.46
CA ILE A 6 40.92 -21.71 -24.05
C ILE A 6 40.30 -20.33 -23.86
N SER A 7 40.75 -19.33 -24.62
CA SER A 7 40.21 -17.99 -24.48
C SER A 7 40.37 -17.24 -25.79
N ILE A 8 39.35 -16.45 -26.11
CA ILE A 8 39.29 -15.70 -27.36
C ILE A 8 39.02 -14.24 -27.01
N GLU A 9 39.82 -13.34 -27.57
CA GLU A 9 39.57 -11.92 -27.39
C GLU A 9 39.87 -11.19 -28.69
N THR A 10 39.40 -9.96 -28.78
CA THR A 10 39.64 -9.12 -29.94
C THR A 10 40.23 -7.80 -29.48
N VAL A 11 41.39 -7.45 -30.01
CA VAL A 11 42.00 -6.15 -29.73
C VAL A 11 42.17 -5.44 -31.07
N GLY A 12 41.61 -4.24 -31.18
CA GLY A 12 41.71 -3.48 -32.41
C GLY A 12 41.16 -4.21 -33.61
N ASN A 13 42.06 -4.64 -34.49
CA ASN A 13 41.73 -5.36 -35.71
C ASN A 13 42.10 -6.84 -35.61
N ASN A 14 42.89 -7.22 -34.62
CA ASN A 14 43.44 -8.56 -34.49
C ASN A 14 42.61 -9.37 -33.49
N ILE A 15 42.54 -10.67 -33.73
CA ILE A 15 41.91 -11.61 -32.79
C ILE A 15 43.03 -12.39 -32.11
N VAL A 16 42.96 -12.52 -30.80
CA VAL A 16 43.94 -13.25 -30.02
C VAL A 16 43.30 -14.52 -29.48
N GLU A 17 44.02 -15.63 -29.62
CA GLU A 17 43.53 -16.95 -29.26
C GLU A 17 44.56 -17.62 -28.37
N ARG A 18 44.17 -17.93 -27.13
CA ARG A 18 44.95 -18.79 -26.26
C ARG A 18 44.32 -20.17 -26.31
N TYR A 19 45.09 -21.16 -26.77
CA TYR A 19 44.56 -22.49 -27.04
C TYR A 19 45.63 -23.51 -26.66
N ILE A 20 45.39 -24.77 -27.02
CA ILE A 20 46.30 -25.87 -26.75
C ILE A 20 46.55 -26.60 -28.05
N ASP A 21 47.82 -26.75 -28.42
CA ASP A 21 48.20 -27.46 -29.64
C ASP A 21 48.22 -28.96 -29.36
N GLU A 22 48.81 -29.73 -30.28
CA GLU A 22 48.75 -31.19 -30.20
C GLU A 22 49.48 -31.71 -28.97
N ASN A 23 50.71 -31.24 -28.74
CA ASN A 23 51.53 -31.82 -27.67
C ASN A 23 51.04 -31.45 -26.28
N GLY A 24 50.11 -30.51 -26.14
CA GLY A 24 49.47 -30.24 -24.89
C GLY A 24 50.04 -29.11 -24.06
N LYS A 25 50.63 -28.09 -24.69
CA LYS A 25 51.14 -26.93 -23.98
C LYS A 25 50.54 -25.66 -24.58
N GLU A 26 50.17 -24.73 -23.70
CA GLU A 26 49.37 -23.58 -24.08
C GLU A 26 50.11 -22.68 -25.07
N ARG A 27 49.39 -22.22 -26.09
CA ARG A 27 49.92 -21.31 -27.10
C ARG A 27 49.02 -20.10 -27.24
N THR A 28 49.63 -18.97 -27.58
CA THR A 28 48.91 -17.73 -27.85
C THR A 28 49.24 -17.28 -29.26
N ARG A 29 48.21 -16.97 -30.05
CA ARG A 29 48.42 -16.51 -31.41
C ARG A 29 47.52 -15.32 -31.72
N GLU A 30 48.01 -14.47 -32.62
CA GLU A 30 47.25 -13.32 -33.10
C GLU A 30 46.99 -13.50 -34.59
N VAL A 31 45.73 -13.37 -34.98
CA VAL A 31 45.29 -13.64 -36.34
C VAL A 31 44.53 -12.42 -36.86
N GLU A 32 44.85 -12.02 -38.09
CA GLU A 32 44.12 -10.97 -38.79
C GLU A 32 42.88 -11.60 -39.41
N TYR A 33 41.92 -11.92 -38.56
CA TYR A 33 40.73 -12.63 -38.99
C TYR A 33 39.85 -11.74 -39.87
N LEU A 34 39.29 -12.33 -40.92
CA LEU A 34 38.47 -11.61 -41.88
C LEU A 34 37.00 -11.95 -41.67
N PRO A 35 36.16 -10.97 -41.30
CA PRO A 35 34.74 -11.28 -41.08
C PRO A 35 34.04 -11.61 -42.38
N THR A 36 32.94 -12.34 -42.26
CA THR A 36 32.06 -12.63 -43.40
C THR A 36 30.62 -12.47 -42.92
N MET A 37 29.89 -11.58 -43.57
CA MET A 37 28.51 -11.31 -43.22
C MET A 37 27.59 -11.60 -44.40
N PHE A 38 26.30 -11.39 -44.20
CA PHE A 38 25.30 -11.67 -45.23
C PHE A 38 24.30 -10.53 -45.29
N ARG A 39 23.80 -10.26 -46.49
CA ARG A 39 22.78 -9.25 -46.71
C ARG A 39 21.72 -9.79 -47.65
N HIS A 40 20.66 -9.01 -47.85
CA HIS A 40 19.62 -9.39 -48.78
C HIS A 40 20.00 -9.05 -50.22
N CYS A 41 19.48 -9.83 -51.15
CA CYS A 41 19.76 -9.64 -52.57
C CYS A 41 18.63 -10.30 -53.37
N LYS A 42 18.78 -10.31 -54.69
CA LYS A 42 17.82 -10.93 -55.57
C LYS A 42 18.38 -12.08 -56.40
N GLU A 43 19.67 -12.06 -56.70
CA GLU A 43 20.29 -13.18 -57.42
C GLU A 43 20.23 -14.44 -56.56
N GLU A 44 19.85 -15.55 -57.18
CA GLU A 44 19.77 -16.81 -56.47
C GLU A 44 21.15 -17.23 -55.97
N SER A 45 21.22 -17.64 -54.71
CA SER A 45 22.48 -18.01 -54.09
C SER A 45 22.27 -19.22 -53.19
N LYS A 46 23.38 -19.89 -52.89
CA LYS A 46 23.31 -21.06 -52.00
C LYS A 46 22.83 -20.67 -50.62
N TYR A 47 23.31 -19.54 -50.09
CA TYR A 47 22.98 -19.12 -48.74
C TYR A 47 21.60 -18.50 -48.70
N LYS A 48 20.72 -19.08 -47.88
CA LYS A 48 19.37 -18.56 -47.67
C LYS A 48 19.20 -18.20 -46.20
N ASP A 49 18.33 -17.22 -45.94
CA ASP A 49 18.07 -16.80 -44.57
C ASP A 49 17.12 -17.78 -43.90
N ILE A 50 16.63 -17.41 -42.71
CA ILE A 50 15.83 -18.34 -41.92
C ILE A 50 14.52 -18.68 -42.63
N TYR A 51 13.85 -17.67 -43.20
CA TYR A 51 12.57 -17.91 -43.85
C TYR A 51 12.73 -18.70 -45.14
N GLY A 52 13.75 -18.39 -45.92
CA GLY A 52 13.98 -19.09 -47.17
C GLY A 52 14.41 -18.18 -48.31
N LYS A 53 14.42 -16.88 -48.07
CA LYS A 53 14.83 -15.93 -49.10
C LYS A 53 16.33 -15.99 -49.31
N ASN A 54 16.76 -15.60 -50.51
CA ASN A 54 18.17 -15.67 -50.89
C ASN A 54 18.98 -14.61 -50.17
N CYS A 55 20.27 -14.89 -49.99
CA CYS A 55 21.19 -13.99 -49.32
C CYS A 55 22.48 -13.87 -50.12
N ALA A 56 23.17 -12.76 -49.93
CA ALA A 56 24.44 -12.48 -50.59
C ALA A 56 25.53 -12.35 -49.53
N PRO A 57 26.63 -13.08 -49.66
CA PRO A 57 27.73 -12.93 -48.70
C PRO A 57 28.51 -11.65 -48.98
N GLN A 58 29.30 -11.27 -47.98
CA GLN A 58 30.14 -10.07 -48.10
C GLN A 58 31.31 -10.20 -47.13
N LYS A 59 32.51 -10.01 -47.64
CA LYS A 59 33.73 -10.12 -46.84
C LYS A 59 34.39 -8.77 -46.71
N PHE A 60 34.98 -8.52 -45.54
CA PHE A 60 35.64 -7.26 -45.25
C PHE A 60 37.07 -7.51 -44.78
N PRO A 61 37.99 -6.60 -45.11
CA PRO A 61 39.39 -6.81 -44.70
C PRO A 61 39.61 -6.72 -43.20
N SER A 62 38.70 -6.13 -42.44
CA SER A 62 38.95 -5.87 -41.04
C SER A 62 37.65 -5.88 -40.24
N MET A 63 37.79 -5.97 -38.92
CA MET A 63 36.64 -5.85 -38.03
C MET A 63 35.98 -4.49 -38.14
N LYS A 64 36.79 -3.42 -38.18
CA LYS A 64 36.26 -2.08 -38.23
C LYS A 64 35.50 -1.83 -39.53
N ASP A 65 35.96 -2.42 -40.63
CA ASP A 65 35.22 -2.30 -41.89
C ASP A 65 33.84 -2.95 -41.77
N ALA A 66 33.76 -4.10 -41.13
CA ALA A 66 32.46 -4.75 -40.91
C ALA A 66 31.57 -3.90 -40.02
N ARG A 67 32.13 -3.31 -38.97
CA ARG A 67 31.34 -2.45 -38.09
C ARG A 67 30.82 -1.23 -38.85
N ASP A 68 31.66 -0.61 -39.67
CA ASP A 68 31.21 0.54 -40.46
C ASP A 68 30.13 0.14 -41.46
N TRP A 69 30.28 -1.04 -42.07
CA TRP A 69 29.26 -1.52 -42.99
C TRP A 69 27.94 -1.79 -42.27
N MET A 70 28.00 -2.34 -41.06
CA MET A 70 26.79 -2.52 -40.25
C MET A 70 26.13 -1.19 -39.96
N LYS A 71 26.92 -0.18 -39.56
CA LYS A 71 26.35 1.13 -39.27
C LYS A 71 25.70 1.73 -40.51
N ARG A 72 26.37 1.62 -41.65
CA ARG A 72 25.82 2.17 -42.89
C ARG A 72 24.54 1.46 -43.30
N MET A 73 24.51 0.12 -43.17
CA MET A 73 23.31 -0.62 -43.51
C MET A 73 22.17 -0.29 -42.57
N GLU A 74 22.47 -0.08 -41.28
CA GLU A 74 21.45 0.37 -40.35
C GLU A 74 20.92 1.74 -40.74
N ASP A 75 21.82 2.64 -41.16
CA ASP A 75 21.40 3.98 -41.57
C ASP A 75 20.54 3.95 -42.83
N ILE A 76 20.84 3.06 -43.78
CA ILE A 76 19.94 2.87 -44.92
C ILE A 76 18.64 2.21 -44.50
N GLY A 77 18.70 1.23 -43.62
CA GLY A 77 17.51 0.60 -43.07
C GLY A 77 17.25 -0.83 -43.48
N LEU A 78 18.24 -1.51 -44.05
CA LEU A 78 18.07 -2.89 -44.48
C LEU A 78 18.76 -3.82 -43.48
N GLU A 79 18.20 -5.01 -43.32
CA GLU A 79 18.70 -5.96 -42.33
C GLU A 79 20.06 -6.51 -42.75
N ALA A 80 21.01 -6.48 -41.82
CA ALA A 80 22.33 -7.06 -42.02
C ALA A 80 22.38 -8.40 -41.29
N LEU A 81 22.43 -9.48 -42.05
CA LEU A 81 22.24 -10.82 -41.52
C LEU A 81 23.58 -11.49 -41.25
N GLY A 82 23.65 -12.22 -40.14
CA GLY A 82 24.86 -12.87 -39.68
C GLY A 82 25.18 -12.48 -38.26
N MET A 83 26.21 -13.13 -37.71
CA MET A 83 26.60 -12.84 -36.34
C MET A 83 27.21 -11.45 -36.24
N ASN A 84 26.65 -10.62 -35.37
CA ASN A 84 27.25 -9.33 -35.08
C ASN A 84 28.47 -9.47 -34.17
N ASP A 85 28.57 -10.58 -33.44
CA ASP A 85 29.72 -10.86 -32.59
C ASP A 85 30.63 -11.83 -33.32
N PHE A 86 31.88 -11.42 -33.55
CA PHE A 86 32.81 -12.18 -34.36
C PHE A 86 33.57 -13.24 -33.59
N LYS A 87 33.53 -13.23 -32.27
CA LYS A 87 34.30 -14.20 -31.49
C LYS A 87 33.85 -15.63 -31.80
N LEU A 88 32.57 -15.92 -31.62
CA LEU A 88 32.10 -17.27 -31.88
C LEU A 88 32.01 -17.56 -33.37
N ALA A 89 31.92 -16.52 -34.21
CA ALA A 89 32.00 -16.74 -35.64
C ALA A 89 33.37 -17.29 -36.03
N TYR A 90 34.43 -16.66 -35.54
CA TYR A 90 35.78 -17.19 -35.75
C TYR A 90 35.94 -18.55 -35.09
N ILE A 91 35.29 -18.76 -33.95
CA ILE A 91 35.36 -20.07 -33.29
C ILE A 91 34.79 -21.15 -34.19
N SER A 92 33.62 -20.90 -34.78
CA SER A 92 33.00 -21.87 -35.66
C SER A 92 33.82 -22.06 -36.94
N ASP A 93 34.35 -20.98 -37.49
CA ASP A 93 35.16 -21.09 -38.71
C ASP A 93 36.47 -21.82 -38.44
N THR A 94 36.96 -21.78 -37.20
CA THR A 94 38.25 -22.38 -36.91
C THR A 94 38.15 -23.89 -36.76
N TYR A 95 37.18 -24.36 -35.97
CA TYR A 95 37.04 -25.77 -35.66
C TYR A 95 35.99 -26.45 -36.52
N GLY A 96 34.76 -25.96 -36.50
CA GLY A 96 33.71 -26.54 -37.31
C GLY A 96 33.21 -27.86 -36.75
N SER A 97 34.09 -28.85 -36.68
CA SER A 97 33.73 -30.15 -36.12
C SER A 97 33.61 -30.05 -34.60
N GLU A 98 33.31 -31.18 -33.98
CA GLU A 98 33.14 -31.23 -32.53
C GLU A 98 34.49 -31.01 -31.83
N ILE A 99 34.41 -30.62 -30.56
CA ILE A 99 35.58 -30.30 -29.76
C ILE A 99 35.84 -31.43 -28.78
N VAL A 100 37.07 -31.92 -28.76
CA VAL A 100 37.53 -32.91 -27.79
C VAL A 100 38.48 -32.20 -26.84
N TYR A 101 38.14 -32.17 -25.56
CA TYR A 101 38.86 -31.39 -24.57
C TYR A 101 39.48 -32.31 -23.51
N ASP A 102 40.06 -31.69 -22.48
CA ASP A 102 40.71 -32.42 -21.41
C ASP A 102 40.79 -31.51 -20.20
N ARG A 103 40.27 -31.97 -19.06
CA ARG A 103 40.26 -31.13 -17.86
C ARG A 103 41.66 -30.83 -17.37
N LYS A 104 42.55 -31.82 -17.38
CA LYS A 104 43.89 -31.64 -16.84
C LYS A 104 44.73 -30.66 -17.65
N PHE A 105 44.34 -30.37 -18.89
CA PHE A 105 45.09 -29.42 -19.72
C PHE A 105 44.67 -27.98 -19.51
N VAL A 106 43.52 -27.74 -18.88
CA VAL A 106 43.02 -26.39 -18.67
C VAL A 106 43.46 -25.93 -17.28
N ARG A 107 44.10 -24.77 -17.21
CA ARG A 107 44.65 -24.26 -15.97
C ARG A 107 43.57 -23.52 -15.20
N VAL A 108 43.07 -24.13 -14.13
CA VAL A 108 42.06 -23.53 -13.26
C VAL A 108 42.72 -23.16 -11.94
N ALA A 109 42.52 -21.91 -11.51
CA ALA A 109 43.20 -21.38 -10.34
C ALA A 109 42.19 -20.81 -9.36
N ASN A 110 42.45 -21.03 -8.07
CA ASN A 110 41.67 -20.45 -6.99
C ASN A 110 42.57 -19.56 -6.14
N CYS A 111 41.98 -18.55 -5.51
CA CYS A 111 42.77 -17.63 -4.69
C CYS A 111 41.97 -17.22 -3.46
N ASP A 112 42.68 -16.85 -2.42
CA ASP A 112 42.05 -16.31 -1.22
C ASP A 112 42.95 -15.27 -0.56
N ILE A 113 42.29 -14.26 0.01
CA ILE A 113 42.89 -13.01 0.44
C ILE A 113 42.55 -12.81 1.91
N GLU A 114 43.55 -12.47 2.73
CA GLU A 114 43.25 -11.92 4.05
C GLU A 114 44.09 -10.69 4.36
N VAL A 115 43.42 -9.65 4.85
CA VAL A 115 44.00 -8.36 5.16
C VAL A 115 43.66 -8.02 6.60
N THR A 116 44.68 -7.61 7.36
CA THR A 116 44.50 -7.24 8.76
C THR A 116 44.42 -5.73 8.88
N GLY A 117 43.36 -5.23 9.53
CA GLY A 117 43.17 -3.81 9.68
C GLY A 117 42.22 -3.50 10.82
N ASP A 118 42.25 -2.23 11.25
CA ASP A 118 41.43 -1.81 12.39
C ASP A 118 39.95 -1.94 12.07
N LYS A 119 39.54 -1.56 10.87
CA LYS A 119 38.16 -1.69 10.44
C LYS A 119 38.11 -2.56 9.18
N PHE A 120 36.93 -2.68 8.59
CA PHE A 120 36.76 -3.52 7.42
C PHE A 120 37.46 -2.89 6.22
N PRO A 121 38.42 -3.57 5.60
CA PRO A 121 39.08 -3.01 4.43
C PRO A 121 38.12 -2.90 3.25
N ASP A 122 38.34 -1.88 2.42
CA ASP A 122 37.48 -1.63 1.28
C ASP A 122 38.23 -1.93 -0.01
N PRO A 123 37.76 -2.86 -0.84
CA PRO A 123 38.41 -3.10 -2.14
C PRO A 123 38.44 -1.85 -3.01
N MET A 124 37.46 -0.96 -2.86
CA MET A 124 37.46 0.30 -3.60
C MET A 124 38.59 1.23 -3.19
N LYS A 125 39.21 0.99 -2.04
CA LYS A 125 40.31 1.83 -1.58
C LYS A 125 41.62 1.07 -1.39
N ALA A 126 41.57 -0.13 -0.79
CA ALA A 126 42.74 -0.97 -0.57
C ALA A 126 43.83 -0.23 0.21
N GLU A 127 43.42 0.53 1.22
CA GLU A 127 44.37 1.34 1.96
C GLU A 127 45.18 0.51 2.95
N TYR A 128 44.71 -0.69 3.30
CA TYR A 128 45.46 -1.60 4.17
C TYR A 128 46.33 -2.53 3.34
N GLU A 129 47.39 -3.02 3.99
CA GLU A 129 48.29 -3.99 3.39
C GLU A 129 47.60 -5.35 3.27
N ILE A 130 48.17 -6.21 2.44
CA ILE A 130 47.72 -7.59 2.32
C ILE A 130 48.63 -8.46 3.16
N ASP A 131 48.05 -9.28 4.03
CA ASP A 131 48.82 -10.07 4.97
C ASP A 131 48.91 -11.54 4.62
N ALA A 132 47.85 -12.14 4.09
CA ALA A 132 47.86 -13.57 3.79
C ALA A 132 47.40 -13.80 2.36
N ILE A 133 48.26 -14.46 1.57
CA ILE A 133 47.99 -14.77 0.17
C ILE A 133 47.96 -16.29 0.05
N THR A 134 46.89 -16.83 -0.55
CA THR A 134 46.94 -18.24 -0.91
C THR A 134 46.38 -18.43 -2.32
N HIS A 135 47.05 -19.29 -3.09
CA HIS A 135 46.73 -19.47 -4.51
C HIS A 135 46.93 -20.92 -4.91
N TYR A 136 45.84 -21.59 -5.28
CA TYR A 136 45.88 -22.98 -5.71
C TYR A 136 45.82 -23.06 -7.23
N ASP A 137 46.66 -23.91 -7.81
CA ASP A 137 46.73 -24.13 -9.24
C ASP A 137 46.45 -25.60 -9.55
N SER A 138 45.74 -25.85 -10.64
CA SER A 138 45.25 -27.19 -10.95
C SER A 138 46.21 -28.02 -11.79
N ILE A 139 46.93 -27.40 -12.74
CA ILE A 139 47.84 -28.16 -13.58
C ILE A 139 48.97 -28.75 -12.76
N ASP A 140 49.49 -27.98 -11.81
CA ASP A 140 50.47 -28.48 -10.85
C ASP A 140 49.84 -28.87 -9.52
N ASP A 141 48.51 -28.73 -9.39
CA ASP A 141 47.75 -29.02 -8.17
C ASP A 141 48.52 -28.58 -6.93
N ARG A 142 49.00 -27.34 -6.95
CA ARG A 142 49.90 -26.83 -5.93
C ARG A 142 49.33 -25.57 -5.30
N PHE A 143 49.49 -25.46 -3.98
CA PHE A 143 49.14 -24.26 -3.25
C PHE A 143 50.40 -23.42 -3.06
N TYR A 144 50.28 -22.12 -3.28
CA TYR A 144 51.33 -21.15 -2.99
C TYR A 144 50.83 -20.25 -1.86
N VAL A 145 51.61 -20.16 -0.78
CA VAL A 145 51.23 -19.36 0.39
C VAL A 145 52.26 -18.27 0.60
N PHE A 146 51.79 -17.03 0.64
CA PHE A 146 52.59 -15.84 0.87
C PHE A 146 52.25 -15.29 2.25
N ASP A 147 53.26 -15.08 3.08
CA ASP A 147 53.14 -14.58 4.44
C ASP A 147 54.04 -13.37 4.61
N LEU A 148 53.53 -12.34 5.26
CA LEU A 148 54.30 -11.14 5.56
C LEU A 148 54.71 -11.19 7.03
N LEU A 149 56.03 -11.17 7.27
CA LEU A 149 56.53 -11.29 8.63
C LEU A 149 56.29 -10.03 9.45
N ASN A 150 56.37 -8.86 8.82
CA ASN A 150 56.21 -7.60 9.53
C ASN A 150 55.20 -6.71 8.81
N SER A 151 54.43 -5.97 9.60
CA SER A 151 53.46 -5.02 9.06
C SER A 151 53.21 -3.96 10.12
N MET A 152 52.65 -2.83 9.68
CA MET A 152 52.34 -1.76 10.62
C MET A 152 51.30 -2.18 11.65
N TYR A 153 50.49 -3.18 11.35
CA TYR A 153 49.51 -3.68 12.31
C TYR A 153 50.05 -4.84 13.14
N GLY A 154 51.31 -5.22 12.95
CA GLY A 154 51.92 -6.27 13.76
C GLY A 154 52.94 -7.10 13.01
N SER A 155 54.11 -7.27 13.62
CA SER A 155 55.16 -8.12 13.05
C SER A 155 55.14 -9.48 13.75
N VAL A 156 55.22 -10.54 12.96
CA VAL A 156 55.07 -11.89 13.46
C VAL A 156 56.13 -12.80 12.84
N SER A 157 56.26 -13.99 13.43
CA SER A 157 57.23 -14.98 12.99
C SER A 157 56.68 -15.76 11.79
N LYS A 158 57.36 -16.85 11.44
CA LYS A 158 56.99 -17.65 10.27
C LYS A 158 55.86 -18.61 10.61
N TRP A 159 55.45 -19.40 9.62
CA TRP A 159 54.40 -20.40 9.76
C TRP A 159 55.00 -21.78 9.50
N ASP A 160 54.78 -22.71 10.42
CA ASP A 160 55.34 -24.06 10.31
C ASP A 160 54.24 -25.02 9.91
N ALA A 161 54.51 -25.83 8.89
CA ALA A 161 53.52 -26.79 8.41
C ALA A 161 53.23 -27.85 9.47
N LYS A 162 54.26 -28.30 10.18
CA LYS A 162 54.10 -29.39 11.14
C LYS A 162 53.11 -29.01 12.23
N LEU A 163 53.25 -27.80 12.79
CA LEU A 163 52.34 -27.38 13.86
C LEU A 163 50.90 -27.30 13.38
N ALA A 164 50.69 -26.93 12.12
CA ALA A 164 49.33 -26.84 11.59
C ALA A 164 48.65 -28.21 11.58
N ALA A 165 49.40 -29.27 11.30
CA ALA A 165 48.83 -30.62 11.26
C ALA A 165 48.52 -31.18 12.64
N LYS A 166 48.97 -30.52 13.71
CA LYS A 166 48.76 -31.01 15.06
C LYS A 166 47.31 -30.75 15.50
N LEU A 167 46.93 -31.42 16.58
CA LEU A 167 45.59 -31.28 17.14
C LEU A 167 45.42 -29.93 17.83
N ASP A 168 44.17 -29.49 17.91
CA ASP A 168 43.87 -28.19 18.53
C ASP A 168 44.28 -28.16 19.99
N CYS A 169 44.04 -29.26 20.71
CA CYS A 169 44.40 -29.32 22.13
C CYS A 169 45.91 -29.18 22.32
N GLU A 170 46.71 -29.62 21.34
CA GLU A 170 48.15 -29.51 21.40
C GLU A 170 48.67 -28.25 20.72
N GLY A 171 47.80 -27.27 20.47
CA GLY A 171 48.21 -26.05 19.80
C GLY A 171 48.19 -26.11 18.29
N GLY A 172 47.75 -27.22 17.71
CA GLY A 172 47.72 -27.36 16.27
C GLY A 172 46.48 -26.76 15.65
N ASP A 173 46.39 -26.90 14.32
CA ASP A 173 45.32 -26.31 13.54
C ASP A 173 44.50 -27.33 12.77
N GLU A 174 44.73 -28.62 12.99
CA GLU A 174 43.96 -29.73 12.42
C GLU A 174 43.96 -29.74 10.89
N VAL A 175 44.89 -29.03 10.26
CA VAL A 175 44.95 -29.03 8.80
C VAL A 175 45.40 -30.39 8.30
N PRO A 176 44.70 -31.00 7.34
CA PRO A 176 45.09 -32.34 6.88
C PRO A 176 46.49 -32.38 6.30
N GLN A 177 47.18 -33.49 6.53
CA GLN A 177 48.56 -33.63 6.08
C GLN A 177 48.63 -33.79 4.56
N GLU A 178 47.65 -34.47 3.96
CA GLU A 178 47.68 -34.66 2.52
C GLU A 178 47.61 -33.33 1.78
N ILE A 179 46.80 -32.40 2.28
CA ILE A 179 46.79 -31.05 1.71
C ILE A 179 48.13 -30.36 1.96
N LEU A 180 48.71 -30.56 3.14
CA LEU A 180 50.00 -29.96 3.46
C LEU A 180 51.09 -30.45 2.51
N ASP A 181 50.93 -31.65 1.95
CA ASP A 181 51.93 -32.18 1.04
C ASP A 181 52.05 -31.34 -0.22
N ARG A 182 50.99 -30.64 -0.61
CA ARG A 182 50.97 -29.84 -1.83
C ARG A 182 51.18 -28.35 -1.58
N VAL A 183 51.59 -27.97 -0.39
CA VAL A 183 51.74 -26.56 -0.03
C VAL A 183 53.18 -26.14 -0.25
N ILE A 184 53.36 -24.99 -0.91
CA ILE A 184 54.67 -24.39 -1.13
C ILE A 184 54.64 -23.00 -0.49
N TYR A 185 55.60 -22.74 0.40
CA TYR A 185 55.64 -21.55 1.22
C TYR A 185 56.70 -20.60 0.69
N MET A 186 56.35 -19.32 0.57
CA MET A 186 57.35 -18.28 0.36
C MET A 186 57.02 -17.08 1.24
N PRO A 187 57.69 -16.95 2.38
CA PRO A 187 57.50 -15.75 3.20
C PRO A 187 58.31 -14.58 2.67
N PHE A 188 57.77 -13.38 2.86
CA PHE A 188 58.47 -12.15 2.50
C PHE A 188 58.33 -11.14 3.63
N ASP A 189 59.36 -10.30 3.76
CA ASP A 189 59.38 -9.34 4.86
C ASP A 189 58.40 -8.19 4.62
N ASN A 190 58.31 -7.71 3.39
CA ASN A 190 57.51 -6.55 3.07
C ASN A 190 56.48 -6.88 2.00
N GLU A 191 55.43 -6.05 1.94
CA GLU A 191 54.33 -6.29 1.02
C GLU A 191 54.77 -6.17 -0.44
N ARG A 192 55.70 -5.26 -0.72
CA ARG A 192 56.11 -5.00 -2.10
C ARG A 192 56.74 -6.24 -2.73
N ASP A 193 57.64 -6.90 -1.99
CA ASP A 193 58.28 -8.10 -2.52
C ASP A 193 57.27 -9.23 -2.74
N MET A 194 56.32 -9.37 -1.81
CA MET A 194 55.29 -10.39 -1.96
C MET A 194 54.46 -10.13 -3.20
N LEU A 195 54.10 -8.87 -3.43
CA LEU A 195 53.29 -8.54 -4.60
C LEU A 195 54.07 -8.72 -5.90
N MET A 196 55.37 -8.39 -5.89
CA MET A 196 56.21 -8.67 -7.04
C MET A 196 56.25 -10.16 -7.36
N GLU A 197 56.41 -10.98 -6.32
CA GLU A 197 56.45 -12.43 -6.53
C GLU A 197 55.13 -12.94 -7.06
N TYR A 198 54.01 -12.43 -6.52
CA TYR A 198 52.70 -12.85 -7.01
C TYR A 198 52.52 -12.46 -8.47
N ILE A 199 52.92 -11.24 -8.84
CA ILE A 199 52.79 -10.81 -10.23
C ILE A 199 53.62 -11.69 -11.14
N ASN A 200 54.87 -11.99 -10.75
CA ASN A 200 55.72 -12.75 -11.64
C ASN A 200 55.25 -14.20 -11.76
N LEU A 201 54.72 -14.77 -10.68
CA LEU A 201 54.18 -16.13 -10.80
C LEU A 201 52.91 -16.13 -11.65
N TRP A 202 52.09 -15.08 -11.55
CA TRP A 202 50.92 -14.97 -12.40
C TRP A 202 51.33 -14.92 -13.86
N GLU A 203 52.40 -14.18 -14.16
CA GLU A 203 52.93 -14.17 -15.53
C GLU A 203 53.43 -15.55 -15.93
N GLN A 204 54.15 -16.23 -15.03
CA GLN A 204 54.64 -17.56 -15.33
C GLN A 204 53.49 -18.56 -15.42
N LYS A 205 52.57 -18.51 -14.47
CA LYS A 205 51.41 -19.41 -14.41
C LYS A 205 50.17 -18.58 -14.70
N ARG A 206 49.78 -18.54 -15.97
CA ARG A 206 48.59 -17.78 -16.37
C ARG A 206 47.37 -18.68 -16.29
N PRO A 207 46.41 -18.41 -15.40
CA PRO A 207 45.25 -19.28 -15.27
C PRO A 207 44.29 -19.12 -16.44
N ALA A 208 43.70 -20.23 -16.88
CA ALA A 208 42.66 -20.16 -17.90
C ALA A 208 41.35 -19.63 -17.31
N ILE A 209 40.83 -20.34 -16.31
CA ILE A 209 39.63 -19.92 -15.59
C ILE A 209 40.04 -19.57 -14.17
N PHE A 210 39.73 -18.34 -13.76
CA PHE A 210 40.00 -17.88 -12.41
C PHE A 210 38.70 -17.92 -11.62
N THR A 211 38.61 -18.85 -10.68
CA THR A 211 37.40 -19.04 -9.90
C THR A 211 37.73 -19.12 -8.42
N GLY A 212 36.85 -18.57 -7.60
CA GLY A 212 37.01 -18.58 -6.16
C GLY A 212 35.73 -18.14 -5.51
N TRP A 213 35.67 -18.35 -4.18
CA TRP A 213 34.46 -18.03 -3.46
C TRP A 213 34.33 -16.52 -3.30
N ASN A 214 33.32 -15.93 -3.95
CA ASN A 214 33.10 -14.49 -3.93
C ASN A 214 34.34 -13.74 -4.39
N ILE A 215 35.04 -14.31 -5.36
CA ILE A 215 36.34 -13.73 -5.82
C ILE A 215 36.15 -12.33 -6.42
N GLU A 216 35.21 -12.16 -7.36
CA GLU A 216 35.05 -10.85 -8.04
C GLU A 216 34.46 -9.84 -7.05
N GLY A 217 34.03 -10.31 -5.87
CA GLY A 217 33.41 -9.42 -4.87
C GLY A 217 34.45 -8.73 -4.00
N PHE A 218 35.58 -9.38 -3.74
CA PHE A 218 36.58 -8.80 -2.80
C PHE A 218 38.00 -9.06 -3.30
N ALA A 219 38.40 -10.32 -3.45
CA ALA A 219 39.80 -10.64 -3.82
C ALA A 219 40.26 -9.86 -5.05
N VAL A 220 39.62 -10.09 -6.21
CA VAL A 220 40.09 -9.44 -7.48
C VAL A 220 40.10 -7.91 -7.30
N PRO A 221 38.98 -7.24 -6.94
CA PRO A 221 38.97 -5.78 -6.85
C PRO A 221 40.10 -5.26 -5.97
N TYR A 222 40.27 -5.86 -4.79
CA TYR A 222 41.30 -5.37 -3.82
C TYR A 222 42.69 -5.59 -4.42
N ILE A 223 42.98 -6.81 -4.85
CA ILE A 223 44.32 -7.11 -5.35
C ILE A 223 44.73 -6.09 -6.41
N MET A 224 43.84 -5.82 -7.37
CA MET A 224 44.19 -4.90 -8.44
C MET A 224 44.34 -3.47 -7.93
N ASN A 225 43.45 -3.05 -7.02
CA ASN A 225 43.57 -1.70 -6.47
C ASN A 225 44.88 -1.53 -5.70
N ARG A 226 45.24 -2.54 -4.89
CA ARG A 226 46.48 -2.46 -4.13
C ARG A 226 47.69 -2.45 -5.05
N VAL A 227 47.72 -3.34 -6.04
CA VAL A 227 48.86 -3.40 -6.94
C VAL A 227 48.97 -2.10 -7.74
N LYS A 228 47.84 -1.52 -8.12
CA LYS A 228 47.87 -0.22 -8.78
C LYS A 228 48.49 0.84 -7.86
N MET A 229 47.85 1.10 -6.72
CA MET A 229 48.30 2.21 -5.90
C MET A 229 49.63 1.96 -5.20
N ILE A 230 50.23 0.78 -5.37
CA ILE A 230 51.59 0.54 -4.88
C ILE A 230 52.62 0.60 -6.01
N LEU A 231 52.33 0.00 -7.17
CA LEU A 231 53.32 -0.18 -8.23
C LEU A 231 52.94 0.52 -9.53
N GLY A 232 52.10 1.55 -9.49
CA GLY A 232 51.67 2.15 -10.73
C GLY A 232 50.71 1.26 -11.48
N GLU A 233 50.44 1.62 -12.72
CA GLU A 233 49.55 0.83 -13.55
C GLU A 233 50.28 -0.16 -14.45
N ARG A 234 51.57 0.04 -14.68
CA ARG A 234 52.33 -0.86 -15.55
C ARG A 234 52.39 -2.26 -14.96
N SER A 235 52.65 -2.37 -13.66
CA SER A 235 52.68 -3.69 -13.02
C SER A 235 51.31 -4.34 -13.04
N MET A 236 50.25 -3.55 -12.79
CA MET A 236 48.90 -4.08 -12.77
C MET A 236 48.49 -4.60 -14.13
N LYS A 237 48.82 -3.89 -15.20
CA LYS A 237 48.42 -4.32 -16.55
C LYS A 237 49.02 -5.67 -16.93
N ARG A 238 50.08 -6.10 -16.26
CA ARG A 238 50.74 -7.35 -16.60
C ARG A 238 49.89 -8.58 -16.31
N PHE A 239 48.78 -8.43 -15.59
CA PHE A 239 47.94 -9.59 -15.26
C PHE A 239 47.37 -10.23 -16.52
N SER A 240 46.93 -9.42 -17.47
CA SER A 240 46.40 -9.94 -18.72
C SER A 240 47.53 -10.36 -19.66
N PRO A 241 47.35 -11.43 -20.44
CA PRO A 241 48.34 -11.75 -21.48
C PRO A 241 48.47 -10.65 -22.52
N ILE A 242 47.38 -9.96 -22.83
CA ILE A 242 47.43 -8.81 -23.73
C ILE A 242 47.73 -7.52 -22.99
N GLY A 243 47.47 -7.47 -21.69
CA GLY A 243 47.76 -6.29 -20.91
C GLY A 243 46.65 -5.27 -20.87
N ARG A 244 45.48 -5.58 -21.42
CA ARG A 244 44.33 -4.66 -21.39
C ARG A 244 43.31 -5.23 -20.42
N VAL A 245 43.09 -4.52 -19.32
CA VAL A 245 42.08 -4.91 -18.35
C VAL A 245 40.97 -3.86 -18.37
N LYS A 246 39.82 -4.22 -17.84
CA LYS A 246 38.67 -3.33 -17.82
C LYS A 246 38.12 -3.23 -16.40
N SER A 247 37.93 -1.99 -15.94
CA SER A 247 37.41 -1.67 -14.62
C SER A 247 36.00 -1.13 -14.81
N LYS A 248 35.00 -2.00 -14.66
CA LYS A 248 33.61 -1.61 -14.81
C LYS A 248 33.06 -1.22 -13.44
N LEU A 249 32.70 0.04 -13.28
CA LEU A 249 32.10 0.55 -12.04
C LEU A 249 30.59 0.52 -12.24
N ILE A 250 29.99 -0.64 -11.94
CA ILE A 250 28.54 -0.75 -12.09
C ILE A 250 27.86 0.03 -10.97
N GLN A 251 26.99 0.95 -11.36
CA GLN A 251 26.42 1.94 -10.46
C GLN A 251 25.05 1.48 -9.99
N ASN A 252 24.95 1.12 -8.71
CA ASN A 252 23.67 0.92 -8.07
C ASN A 252 23.18 2.26 -7.56
N MET A 253 21.98 2.30 -6.99
CA MET A 253 21.42 3.58 -6.58
C MET A 253 21.95 4.05 -5.22
N TYR A 254 22.55 3.15 -4.45
CA TYR A 254 23.10 3.51 -3.14
C TYR A 254 24.60 3.80 -3.20
N GLY A 255 25.37 2.93 -3.84
CA GLY A 255 26.81 3.11 -3.95
C GLY A 255 27.33 2.69 -5.31
N SER A 256 28.37 1.85 -5.33
CA SER A 256 28.91 1.34 -6.58
C SER A 256 29.59 0.01 -6.32
N LYS A 257 29.51 -0.88 -7.31
CA LYS A 257 30.22 -2.16 -7.27
C LYS A 257 31.31 -2.12 -8.33
N GLU A 258 32.49 -2.63 -7.99
CA GLU A 258 33.61 -2.60 -8.91
C GLU A 258 33.85 -4.01 -9.45
N ILE A 259 34.00 -4.12 -10.77
CA ILE A 259 34.21 -5.39 -11.43
C ILE A 259 35.45 -5.27 -12.32
N TYR A 260 36.30 -6.29 -12.28
CA TYR A 260 37.50 -6.36 -13.08
C TYR A 260 37.38 -7.48 -14.09
N SER A 261 37.52 -7.14 -15.37
CA SER A 261 37.41 -8.09 -16.46
C SER A 261 38.76 -8.19 -17.15
N ILE A 262 39.63 -9.06 -16.64
CA ILE A 262 40.94 -9.25 -17.25
C ILE A 262 40.76 -9.94 -18.58
N ASP A 263 41.33 -9.34 -19.63
CA ASP A 263 41.20 -9.88 -20.98
C ASP A 263 42.25 -10.96 -21.20
N GLY A 264 41.86 -12.04 -21.87
CA GLY A 264 42.71 -13.18 -22.06
C GLY A 264 42.47 -14.33 -21.10
N VAL A 265 41.81 -14.06 -19.98
CA VAL A 265 41.40 -15.08 -19.03
C VAL A 265 39.92 -14.86 -18.74
N SER A 266 39.22 -15.94 -18.39
CA SER A 266 37.79 -15.87 -18.12
C SER A 266 37.59 -15.91 -16.61
N ILE A 267 37.36 -14.75 -16.01
CA ILE A 267 37.11 -14.69 -14.57
C ILE A 267 35.68 -15.14 -14.29
N LEU A 268 35.54 -16.09 -13.37
CA LEU A 268 34.25 -16.69 -13.07
C LEU A 268 34.07 -16.75 -11.56
N ASP A 269 33.07 -16.04 -11.06
CA ASP A 269 32.71 -16.16 -9.65
C ASP A 269 32.22 -17.58 -9.37
N TYR A 270 32.54 -18.07 -8.17
CA TYR A 270 31.92 -19.31 -7.70
C TYR A 270 30.65 -19.03 -6.91
N LEU A 271 30.47 -17.81 -6.42
CA LEU A 271 29.24 -17.47 -5.69
C LEU A 271 28.04 -17.51 -6.61
N ASP A 272 28.12 -16.83 -7.76
CA ASP A 272 26.99 -16.85 -8.68
C ASP A 272 26.83 -18.20 -9.35
N LEU A 273 27.93 -18.93 -9.56
CA LEU A 273 27.84 -20.28 -10.10
C LEU A 273 27.02 -21.18 -9.18
N TYR A 274 27.29 -21.11 -7.87
CA TYR A 274 26.51 -21.88 -6.92
C TYR A 274 25.08 -21.36 -6.82
N LYS A 275 24.91 -20.04 -6.84
CA LYS A 275 23.58 -19.47 -6.74
C LYS A 275 22.71 -19.80 -7.94
N LYS A 276 23.31 -20.08 -9.09
CA LYS A 276 22.56 -20.31 -10.32
C LYS A 276 22.39 -21.79 -10.66
N PHE A 277 23.41 -22.62 -10.41
CA PHE A 277 23.39 -24.00 -10.88
C PHE A 277 23.13 -25.03 -9.79
N ALA A 278 23.29 -24.66 -8.51
CA ALA A 278 23.11 -25.64 -7.44
C ALA A 278 21.65 -25.80 -7.04
N PHE A 279 20.84 -24.74 -7.20
CA PHE A 279 19.41 -24.78 -6.89
C PHE A 279 19.17 -25.15 -5.43
N THR A 280 19.89 -24.48 -4.54
CA THR A 280 19.67 -24.60 -3.10
C THR A 280 19.76 -23.23 -2.47
N ASN A 281 19.09 -23.07 -1.32
CA ASN A 281 19.10 -21.82 -0.56
C ASN A 281 19.50 -22.15 0.87
N LEU A 282 20.79 -22.07 1.15
CA LEU A 282 21.31 -22.34 2.48
C LEU A 282 20.97 -21.19 3.42
N PRO A 283 21.05 -21.41 4.73
CA PRO A 283 20.88 -20.28 5.67
C PRO A 283 21.86 -19.15 5.42
N SER A 284 23.09 -19.46 5.02
CA SER A 284 24.08 -18.44 4.68
C SER A 284 24.95 -18.94 3.55
N PHE A 285 25.25 -18.06 2.60
CA PHE A 285 26.06 -18.42 1.45
C PHE A 285 27.54 -18.21 1.69
N SER A 286 27.94 -17.83 2.90
CA SER A 286 29.36 -17.74 3.22
C SER A 286 30.01 -19.12 3.13
N LEU A 287 31.30 -19.13 2.81
CA LEU A 287 31.97 -20.37 2.47
C LEU A 287 31.93 -21.38 3.61
N GLU A 288 31.89 -20.90 4.86
CA GLU A 288 31.86 -21.81 5.99
C GLU A 288 30.60 -22.67 5.99
N SER A 289 29.44 -22.03 5.80
CA SER A 289 28.17 -22.77 5.84
C SER A 289 28.06 -23.75 4.67
N VAL A 290 28.47 -23.32 3.48
CA VAL A 290 28.39 -24.23 2.34
C VAL A 290 29.38 -25.37 2.48
N ALA A 291 30.53 -25.12 3.13
CA ALA A 291 31.46 -26.20 3.42
C ALA A 291 30.85 -27.18 4.41
N GLN A 292 30.15 -26.67 5.42
CA GLN A 292 29.47 -27.56 6.36
C GLN A 292 28.41 -28.40 5.67
N HIS A 293 27.66 -27.79 4.75
CA HIS A 293 26.56 -28.50 4.09
C HIS A 293 27.07 -29.52 3.09
N GLU A 294 28.06 -29.15 2.27
CA GLU A 294 28.44 -29.97 1.12
C GLU A 294 29.47 -31.04 1.49
N THR A 295 30.64 -30.62 1.95
CA THR A 295 31.72 -31.56 2.25
C THR A 295 31.75 -31.97 3.71
N LYS A 296 30.81 -31.49 4.53
CA LYS A 296 30.64 -31.93 5.92
C LYS A 296 31.86 -31.65 6.78
N LYS A 297 32.83 -30.89 6.27
CA LYS A 297 34.02 -30.61 7.05
C LYS A 297 33.72 -29.56 8.11
N GLY A 298 34.65 -29.42 9.06
CA GLY A 298 34.43 -28.53 10.18
C GLY A 298 35.53 -27.50 10.39
N LYS A 299 35.17 -26.22 10.26
CA LYS A 299 36.09 -25.14 10.58
C LYS A 299 36.33 -25.09 12.08
N LEU A 300 37.55 -24.73 12.46
CA LEU A 300 37.85 -24.53 13.87
C LEU A 300 37.16 -23.26 14.36
N PRO A 301 36.35 -23.34 15.41
CA PRO A 301 35.57 -22.15 15.82
C PRO A 301 36.47 -21.01 16.27
N TYR A 302 36.01 -19.79 16.00
CA TYR A 302 36.68 -18.57 16.43
C TYR A 302 35.66 -17.73 17.19
N ASP A 303 35.97 -17.40 18.44
CA ASP A 303 35.19 -16.45 19.22
C ASP A 303 36.02 -15.17 19.35
N GLY A 304 35.60 -14.12 18.65
CA GLY A 304 36.33 -12.87 18.64
C GLY A 304 36.49 -12.32 17.25
N PRO A 305 36.88 -11.04 17.15
CA PRO A 305 37.04 -10.42 15.84
C PRO A 305 38.14 -11.10 15.02
N ILE A 306 37.89 -11.21 13.71
CA ILE A 306 38.85 -11.85 12.82
C ILE A 306 40.10 -10.99 12.67
N ASN A 307 39.94 -9.66 12.64
CA ASN A 307 41.02 -8.74 12.32
C ASN A 307 42.12 -8.71 13.36
N LYS A 308 42.03 -9.56 14.39
CA LYS A 308 43.08 -9.68 15.38
C LYS A 308 43.65 -11.08 15.49
N LEU A 309 43.19 -12.02 14.65
CA LEU A 309 43.65 -13.41 14.77
C LEU A 309 45.14 -13.50 14.56
N ARG A 310 45.67 -12.77 13.57
CA ARG A 310 47.11 -12.80 13.34
C ARG A 310 47.89 -12.31 14.55
N GLU A 311 47.28 -11.46 15.37
CA GLU A 311 47.93 -10.99 16.60
C GLU A 311 47.82 -11.99 17.74
N THR A 312 46.97 -13.00 17.62
CA THR A 312 46.82 -14.02 18.67
C THR A 312 47.58 -15.29 18.33
N ASN A 313 47.25 -15.95 17.21
CA ASN A 313 47.97 -17.13 16.74
C ASN A 313 48.07 -17.03 15.22
N HIS A 314 49.13 -16.35 14.75
CA HIS A 314 49.24 -16.06 13.33
C HIS A 314 49.36 -17.34 12.50
N GLN A 315 50.10 -18.32 13.02
CA GLN A 315 50.16 -19.63 12.37
C GLN A 315 48.74 -20.16 12.12
N ARG A 316 47.91 -20.15 13.18
CA ARG A 316 46.52 -20.54 13.05
C ARG A 316 45.87 -19.80 11.89
N TYR A 317 46.10 -18.49 11.85
CA TYR A 317 45.66 -17.62 10.77
C TYR A 317 45.87 -18.27 9.41
N ILE A 318 47.14 -18.53 9.07
CA ILE A 318 47.45 -19.06 7.75
C ILE A 318 46.73 -20.39 7.54
N SER A 319 46.66 -21.22 8.58
CA SER A 319 46.02 -22.52 8.44
C SER A 319 44.59 -22.36 7.92
N TYR A 320 43.83 -21.43 8.51
CA TYR A 320 42.47 -21.20 8.04
C TYR A 320 42.46 -20.92 6.55
N ASN A 321 43.33 -20.00 6.11
CA ASN A 321 43.49 -19.75 4.68
C ASN A 321 43.52 -21.05 3.90
N ILE A 322 44.56 -21.85 4.13
CA ILE A 322 44.72 -23.12 3.34
C ILE A 322 43.42 -23.92 3.35
N ILE A 323 42.80 -24.11 4.52
CA ILE A 323 41.59 -24.99 4.58
C ILE A 323 40.45 -24.40 3.74
N ASP A 324 40.28 -23.06 3.73
CA ASP A 324 39.12 -22.49 3.00
C ASP A 324 39.32 -22.69 1.49
N VAL A 325 40.54 -22.54 1.00
CA VAL A 325 40.82 -22.80 -0.45
C VAL A 325 40.56 -24.28 -0.74
N GLU A 326 41.06 -25.16 0.13
CA GLU A 326 40.80 -26.61 -0.05
C GLU A 326 39.29 -26.83 -0.04
N SER A 327 38.58 -26.16 0.86
CA SER A 327 37.10 -26.28 0.93
C SER A 327 36.49 -26.06 -0.46
N VAL A 328 36.86 -24.97 -1.13
CA VAL A 328 36.29 -24.68 -2.44
C VAL A 328 36.52 -25.86 -3.37
N GLN A 329 37.77 -26.31 -3.46
CA GLN A 329 38.07 -27.46 -4.30
C GLN A 329 37.21 -28.64 -3.90
N ALA A 330 37.07 -28.86 -2.59
CA ALA A 330 36.25 -29.96 -2.11
C ALA A 330 34.84 -29.88 -2.68
N ILE A 331 34.20 -28.72 -2.54
CA ILE A 331 32.82 -28.62 -3.01
C ILE A 331 32.77 -28.79 -4.51
N ASP A 332 33.80 -28.34 -5.21
CA ASP A 332 33.86 -28.56 -6.65
C ASP A 332 33.87 -30.05 -6.96
N LYS A 333 34.68 -30.81 -6.24
CA LYS A 333 34.73 -32.25 -6.44
C LYS A 333 33.36 -32.88 -6.21
N ILE A 334 32.54 -32.25 -5.37
CA ILE A 334 31.19 -32.76 -5.14
C ILE A 334 30.24 -32.31 -6.25
N ARG A 335 30.42 -31.12 -6.80
CA ARG A 335 29.48 -30.55 -7.76
C ARG A 335 29.98 -30.54 -9.18
N GLY A 336 31.28 -30.36 -9.40
CA GLY A 336 31.81 -30.31 -10.74
C GLY A 336 31.28 -29.16 -11.58
N PHE A 337 31.18 -27.96 -10.99
CA PHE A 337 30.61 -26.84 -11.71
C PHE A 337 31.52 -26.36 -12.82
N ILE A 338 32.84 -26.38 -12.61
CA ILE A 338 33.75 -26.00 -13.67
C ILE A 338 33.67 -26.98 -14.83
N ASP A 339 33.47 -28.27 -14.52
CA ASP A 339 33.24 -29.24 -15.59
C ASP A 339 32.01 -28.86 -16.41
N LEU A 340 30.94 -28.43 -15.74
CA LEU A 340 29.73 -28.03 -16.45
C LEU A 340 29.97 -26.80 -17.31
N VAL A 341 30.65 -25.79 -16.76
CA VAL A 341 30.88 -24.56 -17.54
C VAL A 341 31.77 -24.86 -18.74
N LEU A 342 32.77 -25.72 -18.57
CA LEU A 342 33.63 -26.09 -19.68
C LEU A 342 32.85 -26.86 -20.75
N SER A 343 32.04 -27.83 -20.33
CA SER A 343 31.27 -28.62 -21.29
C SER A 343 30.29 -27.75 -22.06
N MET A 344 29.59 -26.86 -21.36
CA MET A 344 28.60 -26.01 -22.02
C MET A 344 29.27 -24.98 -22.93
N SER A 345 30.43 -24.44 -22.52
CA SER A 345 31.11 -23.47 -23.36
C SER A 345 31.66 -24.13 -24.63
N TYR A 346 32.18 -25.35 -24.51
CA TYR A 346 32.74 -26.01 -25.69
C TYR A 346 31.65 -26.56 -26.59
N TYR A 347 30.53 -26.99 -26.02
CA TYR A 347 29.43 -27.54 -26.81
C TYR A 347 28.83 -26.50 -27.75
N ALA A 348 28.68 -25.27 -27.27
CA ALA A 348 28.08 -24.21 -28.06
C ALA A 348 29.11 -23.44 -28.89
N LYS A 349 30.39 -23.75 -28.74
CA LYS A 349 31.48 -23.04 -29.44
C LYS A 349 31.42 -21.54 -29.16
N MET A 350 31.61 -21.24 -27.88
CA MET A 350 31.41 -19.91 -27.32
C MET A 350 32.47 -19.67 -26.25
N PRO A 351 32.74 -18.41 -25.92
CA PRO A 351 33.69 -18.13 -24.84
C PRO A 351 33.18 -18.62 -23.51
N PHE A 352 34.11 -18.75 -22.55
CA PHE A 352 33.79 -19.38 -21.27
C PHE A 352 32.75 -18.57 -20.49
N SER A 353 32.96 -17.27 -20.37
CA SER A 353 32.10 -16.46 -19.50
C SER A 353 30.66 -16.43 -19.97
N GLY A 354 30.41 -16.61 -21.27
CA GLY A 354 29.06 -16.50 -21.79
C GLY A 354 28.09 -17.49 -21.20
N VAL A 355 28.59 -18.54 -20.54
CA VAL A 355 27.71 -19.50 -19.88
C VAL A 355 26.84 -18.83 -18.84
N MET A 356 27.32 -17.73 -18.23
CA MET A 356 26.50 -17.05 -17.23
C MET A 356 25.24 -16.43 -17.82
N SER A 357 25.15 -16.32 -19.14
CA SER A 357 23.95 -15.79 -19.80
C SER A 357 23.39 -16.84 -20.75
N PRO A 358 22.22 -17.42 -20.46
CA PRO A 358 21.67 -18.42 -21.37
C PRO A 358 21.34 -17.88 -22.74
N ILE A 359 21.09 -16.57 -22.85
CA ILE A 359 20.82 -15.97 -24.15
C ILE A 359 21.95 -16.26 -25.11
N LYS A 360 23.19 -16.03 -24.66
CA LYS A 360 24.33 -16.19 -25.56
C LYS A 360 24.54 -17.65 -25.95
N THR A 361 24.41 -18.58 -25.00
CA THR A 361 24.65 -19.98 -25.33
C THR A 361 23.58 -20.52 -26.28
N TRP A 362 22.31 -20.16 -26.06
CA TRP A 362 21.28 -20.61 -26.99
C TRP A 362 21.46 -19.97 -28.36
N ASP A 363 21.81 -18.68 -28.39
CA ASP A 363 22.07 -18.02 -29.67
C ASP A 363 23.19 -18.73 -30.41
N ALA A 364 24.28 -19.04 -29.71
CA ALA A 364 25.43 -19.68 -30.35
C ALA A 364 25.08 -21.07 -30.86
N ILE A 365 24.37 -21.87 -30.08
CA ILE A 365 24.09 -23.24 -30.52
C ILE A 365 23.12 -23.23 -31.70
N ILE A 366 22.11 -22.35 -31.67
CA ILE A 366 21.19 -22.29 -32.80
C ILE A 366 21.91 -21.78 -34.04
N PHE A 367 22.79 -20.80 -33.89
CA PHE A 367 23.56 -20.31 -35.03
C PHE A 367 24.43 -21.42 -35.61
N ASN A 368 25.05 -22.22 -34.75
CA ASN A 368 25.87 -23.33 -35.23
C ASN A 368 25.03 -24.34 -36.00
N SER A 369 23.85 -24.68 -35.46
CA SER A 369 22.99 -25.62 -36.16
C SER A 369 22.54 -25.08 -37.51
N LEU A 370 22.23 -23.79 -37.58
CA LEU A 370 21.82 -23.19 -38.84
C LEU A 370 22.96 -23.15 -39.85
N LYS A 371 24.16 -22.76 -39.41
CA LYS A 371 25.31 -22.70 -40.31
C LYS A 371 25.66 -24.08 -40.83
N GLY A 372 25.52 -25.11 -39.99
CA GLY A 372 25.81 -26.47 -40.42
C GLY A 372 24.98 -26.92 -41.61
N GLU A 373 23.82 -26.29 -41.83
CA GLU A 373 22.96 -26.60 -42.96
C GLU A 373 22.95 -25.50 -44.00
N HIS A 374 23.95 -24.61 -43.97
CA HIS A 374 24.12 -23.54 -44.96
C HIS A 374 22.90 -22.62 -44.99
N LYS A 375 22.58 -22.07 -43.83
CA LYS A 375 21.53 -21.08 -43.70
C LYS A 375 22.10 -19.81 -43.07
N VAL A 376 21.24 -18.82 -42.83
CA VAL A 376 21.66 -17.51 -42.36
C VAL A 376 20.69 -17.07 -41.27
N ILE A 377 21.25 -16.55 -40.18
CA ILE A 377 20.45 -16.08 -39.05
C ILE A 377 19.98 -14.65 -39.33
N PRO A 378 18.85 -14.23 -38.77
CA PRO A 378 18.41 -12.85 -38.96
C PRO A 378 19.11 -11.90 -38.00
N GLN A 379 19.08 -10.62 -38.39
CA GLN A 379 19.69 -9.58 -37.57
C GLN A 379 18.93 -9.41 -36.27
N GLN A 380 19.66 -9.06 -35.22
CA GLN A 380 19.04 -8.65 -33.96
C GLN A 380 18.13 -7.45 -34.21
N GLY A 381 16.82 -7.65 -34.07
CA GLY A 381 15.90 -6.56 -34.30
C GLY A 381 15.76 -5.66 -33.10
N SER A 382 14.52 -5.28 -32.78
CA SER A 382 14.25 -4.45 -31.61
C SER A 382 12.80 -4.65 -31.21
N HIS A 383 12.57 -4.89 -29.93
CA HIS A 383 11.21 -5.05 -29.40
C HIS A 383 11.14 -4.28 -28.10
N VAL A 384 10.04 -4.48 -27.37
CA VAL A 384 9.81 -3.78 -26.11
C VAL A 384 9.39 -4.79 -25.06
N LYS A 385 9.84 -4.58 -23.83
CA LYS A 385 9.55 -5.49 -22.74
C LYS A 385 8.05 -5.50 -22.45
N GLN A 386 7.45 -6.68 -22.47
CA GLN A 386 6.04 -6.86 -22.16
C GLN A 386 5.88 -8.03 -21.21
N SER A 387 4.79 -8.01 -20.44
CA SER A 387 4.44 -9.11 -19.56
C SER A 387 3.32 -9.92 -20.19
N PHE A 388 3.47 -11.24 -20.19
CA PHE A 388 2.50 -12.16 -20.75
C PHE A 388 2.08 -13.15 -19.68
N PRO A 389 0.89 -13.75 -19.81
CA PRO A 389 0.42 -14.67 -18.76
C PRO A 389 1.37 -15.83 -18.56
N GLY A 390 1.48 -16.27 -17.30
CA GLY A 390 2.39 -17.35 -16.97
C GLY A 390 1.68 -18.68 -16.79
N ALA A 391 2.23 -19.53 -15.94
CA ALA A 391 1.65 -20.85 -15.71
C ALA A 391 0.38 -20.73 -14.89
N PHE A 392 -0.31 -21.86 -14.75
CA PHE A 392 -1.57 -21.93 -14.01
C PHE A 392 -1.41 -22.76 -12.75
N VAL A 393 -2.10 -22.34 -11.69
CA VAL A 393 -2.13 -23.04 -10.42
C VAL A 393 -3.55 -23.01 -9.90
N PHE A 394 -4.03 -24.14 -9.40
CA PHE A 394 -5.43 -24.28 -9.03
C PHE A 394 -5.68 -23.60 -7.68
N GLU A 395 -6.88 -23.79 -7.15
CA GLU A 395 -7.24 -23.32 -5.82
C GLU A 395 -7.52 -24.51 -4.92
N PRO A 396 -6.58 -24.92 -4.08
CA PRO A 396 -6.84 -26.04 -3.18
C PRO A 396 -7.66 -25.61 -1.98
N LYS A 397 -8.53 -26.52 -1.53
CA LYS A 397 -9.33 -26.27 -0.35
C LYS A 397 -8.48 -26.64 0.86
N PRO A 398 -8.15 -25.70 1.74
CA PRO A 398 -7.19 -25.99 2.81
C PRO A 398 -7.74 -26.95 3.85
N ILE A 399 -7.98 -28.19 3.45
CA ILE A 399 -8.44 -29.24 4.34
C ILE A 399 -7.56 -30.47 4.13
N ALA A 400 -7.49 -31.29 5.17
CA ALA A 400 -6.67 -32.50 5.11
C ALA A 400 -7.24 -33.47 4.08
N ARG A 401 -6.38 -33.98 3.21
CA ARG A 401 -6.77 -34.91 2.17
C ARG A 401 -6.00 -36.20 2.38
N ARG A 402 -6.73 -37.29 2.63
CA ARG A 402 -6.11 -38.52 3.13
C ARG A 402 -5.21 -39.15 2.08
N TYR A 403 -5.78 -39.54 0.93
CA TYR A 403 -5.04 -40.23 -0.12
C TYR A 403 -4.97 -39.35 -1.35
N ILE A 404 -3.75 -39.10 -1.83
CA ILE A 404 -3.52 -38.23 -2.98
C ILE A 404 -2.67 -38.97 -3.99
N MET A 405 -3.08 -38.91 -5.26
CA MET A 405 -2.25 -39.34 -6.37
C MET A 405 -1.65 -38.11 -7.04
N SER A 406 -0.46 -38.29 -7.60
CA SER A 406 0.26 -37.19 -8.23
C SER A 406 0.67 -37.57 -9.64
N PHE A 407 0.55 -36.63 -10.56
CA PHE A 407 0.98 -36.84 -11.94
C PHE A 407 1.73 -35.61 -12.41
N ASP A 408 2.57 -35.78 -13.44
CA ASP A 408 3.25 -34.66 -14.05
C ASP A 408 3.60 -34.98 -15.49
N LEU A 409 3.88 -33.93 -16.25
CA LEU A 409 4.33 -34.05 -17.62
C LEU A 409 5.82 -33.72 -17.71
N THR A 410 6.56 -34.58 -18.38
CA THR A 410 8.01 -34.43 -18.48
C THR A 410 8.34 -33.20 -19.29
N SER A 411 8.87 -32.16 -18.63
CA SER A 411 9.43 -30.99 -19.31
C SER A 411 8.40 -30.33 -20.22
N LEU A 412 7.40 -29.75 -19.57
CA LEU A 412 6.18 -29.32 -20.27
C LEU A 412 6.49 -28.44 -21.47
N TYR A 413 7.27 -27.37 -21.28
CA TYR A 413 7.34 -26.33 -22.31
C TYR A 413 8.08 -26.77 -23.57
N PRO A 414 9.25 -27.42 -23.47
CA PRO A 414 9.85 -27.98 -24.69
C PRO A 414 8.96 -28.99 -25.40
N SER A 415 8.22 -29.81 -24.65
CA SER A 415 7.27 -30.72 -25.28
C SER A 415 6.17 -29.96 -26.00
N ILE A 416 5.69 -28.87 -25.41
CA ILE A 416 4.68 -28.04 -26.06
C ILE A 416 5.23 -27.46 -27.35
N ILE A 417 6.49 -26.99 -27.32
CA ILE A 417 7.10 -26.44 -28.52
C ILE A 417 7.20 -27.50 -29.61
N ARG A 418 7.62 -28.72 -29.24
CA ARG A 418 7.69 -29.79 -30.21
C ARG A 418 6.32 -30.19 -30.74
N GLN A 419 5.28 -30.06 -29.92
CA GLN A 419 3.95 -30.52 -30.32
C GLN A 419 3.26 -29.49 -31.22
N VAL A 420 3.10 -28.26 -30.72
CA VAL A 420 2.45 -27.23 -31.51
C VAL A 420 3.32 -26.79 -32.68
N ASN A 421 4.61 -27.13 -32.68
CA ASN A 421 5.53 -26.80 -33.75
C ASN A 421 5.60 -25.28 -33.96
N ILE A 422 6.12 -24.62 -32.94
CA ILE A 422 6.14 -23.17 -32.86
C ILE A 422 7.58 -22.67 -32.96
N SER A 423 7.78 -21.64 -33.75
CA SER A 423 9.11 -21.12 -34.05
C SER A 423 8.95 -19.77 -34.76
N PRO A 424 9.98 -18.94 -34.76
CA PRO A 424 9.86 -17.62 -35.41
C PRO A 424 9.62 -17.70 -36.90
N GLU A 425 9.94 -18.81 -37.55
CA GLU A 425 9.76 -18.96 -38.99
C GLU A 425 8.41 -19.56 -39.35
N THR A 426 7.84 -20.38 -38.48
CA THR A 426 6.69 -21.22 -38.81
C THR A 426 5.35 -20.53 -38.58
N ILE A 427 5.34 -19.23 -38.28
CA ILE A 427 4.09 -18.51 -38.15
C ILE A 427 3.35 -18.53 -39.48
N ARG A 428 2.02 -18.62 -39.42
CA ARG A 428 1.24 -18.72 -40.65
C ARG A 428 -0.03 -17.87 -40.68
N GLY A 429 -0.37 -17.16 -39.62
CA GLY A 429 -1.57 -16.34 -39.64
C GLY A 429 -2.35 -16.49 -38.35
N GLN A 430 -3.60 -16.03 -38.38
CA GLN A 430 -4.41 -15.88 -37.18
C GLN A 430 -5.79 -16.48 -37.41
N PHE A 431 -6.42 -16.92 -36.32
CA PHE A 431 -7.79 -17.38 -36.33
C PHE A 431 -8.57 -16.72 -35.20
N LYS A 432 -9.90 -16.77 -35.32
CA LYS A 432 -10.79 -16.14 -34.35
C LYS A 432 -10.63 -16.77 -32.98
N VAL A 433 -10.09 -16.03 -32.03
CA VAL A 433 -9.79 -16.56 -30.71
C VAL A 433 -11.08 -16.59 -29.88
N HIS A 434 -11.40 -17.75 -29.34
CA HIS A 434 -12.47 -17.89 -28.37
C HIS A 434 -11.90 -17.77 -26.96
N PRO A 435 -12.74 -17.45 -25.97
CA PRO A 435 -12.25 -17.41 -24.59
C PRO A 435 -11.86 -18.79 -24.11
N ILE A 436 -10.92 -18.81 -23.16
CA ILE A 436 -10.38 -20.08 -22.67
C ILE A 436 -11.46 -20.92 -22.02
N HIS A 437 -12.49 -20.26 -21.46
CA HIS A 437 -13.53 -20.98 -20.73
C HIS A 437 -14.24 -22.00 -21.62
N GLU A 438 -14.45 -21.68 -22.89
CA GLU A 438 -15.08 -22.64 -23.78
C GLU A 438 -14.07 -23.47 -24.55
N TYR A 439 -12.77 -23.19 -24.40
CA TYR A 439 -11.75 -24.06 -24.97
C TYR A 439 -11.44 -25.24 -24.04
N ILE A 440 -11.38 -24.99 -22.73
CA ILE A 440 -11.13 -26.08 -21.79
C ILE A 440 -12.25 -27.11 -21.87
N ALA A 441 -13.50 -26.65 -21.88
CA ALA A 441 -14.63 -27.56 -21.94
C ALA A 441 -14.75 -28.29 -23.26
N GLY A 442 -14.00 -27.88 -24.27
CA GLY A 442 -14.09 -28.52 -25.58
C GLY A 442 -15.41 -28.30 -26.27
N THR A 443 -15.94 -27.07 -26.22
CA THR A 443 -17.20 -26.73 -26.86
C THR A 443 -16.99 -25.93 -28.15
N ALA A 444 -16.01 -25.04 -28.16
CA ALA A 444 -15.75 -24.24 -29.35
C ALA A 444 -15.25 -25.13 -30.48
N PRO A 445 -15.52 -24.75 -31.73
CA PRO A 445 -15.14 -25.59 -32.86
C PRO A 445 -13.64 -25.61 -33.07
N LYS A 446 -13.19 -26.59 -33.84
CA LYS A 446 -11.77 -26.72 -34.15
C LYS A 446 -11.27 -25.48 -34.87
N PRO A 447 -10.21 -24.83 -34.39
CA PRO A 447 -9.75 -23.59 -35.01
C PRO A 447 -9.40 -23.71 -36.48
N SER A 448 -8.81 -24.84 -36.90
CA SER A 448 -8.40 -25.01 -38.28
C SER A 448 -8.44 -26.49 -38.62
N ASP A 449 -8.03 -26.82 -39.84
CA ASP A 449 -7.99 -28.21 -40.28
C ASP A 449 -6.63 -28.56 -40.86
N GLU A 450 -5.94 -27.57 -41.44
CA GLU A 450 -4.66 -27.79 -42.11
C GLU A 450 -3.50 -27.08 -41.44
N TYR A 451 -3.72 -26.49 -40.26
CA TYR A 451 -2.67 -25.77 -39.55
C TYR A 451 -2.68 -26.17 -38.08
N SER A 452 -1.53 -26.02 -37.43
CA SER A 452 -1.40 -26.36 -36.02
C SER A 452 -1.73 -25.12 -35.19
N CYS A 453 -2.79 -25.20 -34.41
CA CYS A 453 -3.34 -24.03 -33.72
C CYS A 453 -2.94 -24.00 -32.26
N SER A 454 -2.65 -22.79 -31.77
CA SER A 454 -2.34 -22.54 -30.38
C SER A 454 -3.42 -21.64 -29.78
N PRO A 455 -3.87 -21.94 -28.55
CA PRO A 455 -5.16 -21.44 -28.07
C PRO A 455 -5.19 -19.97 -27.68
N ASN A 456 -4.15 -19.19 -27.93
CA ASN A 456 -4.33 -17.75 -27.89
C ASN A 456 -4.94 -17.24 -29.18
N GLY A 457 -5.18 -18.13 -30.14
CA GLY A 457 -5.68 -17.73 -31.44
C GLY A 457 -4.58 -17.56 -32.46
N TRP A 458 -3.69 -18.55 -32.60
CA TRP A 458 -2.67 -18.44 -33.65
C TRP A 458 -2.53 -19.78 -34.37
N MET A 459 -2.07 -19.70 -35.62
CA MET A 459 -1.82 -20.87 -36.44
C MET A 459 -0.35 -20.96 -36.80
N TYR A 460 0.11 -22.19 -37.00
CA TYR A 460 1.50 -22.44 -37.37
C TYR A 460 1.54 -23.54 -38.43
N ASP A 461 2.66 -23.56 -39.16
CA ASP A 461 2.79 -24.32 -40.39
C ASP A 461 2.78 -25.81 -40.08
N LYS A 462 1.78 -26.52 -40.59
CA LYS A 462 1.65 -27.95 -40.39
C LYS A 462 2.68 -28.72 -41.22
N HIS A 463 3.11 -29.86 -40.68
CA HIS A 463 4.09 -30.77 -41.30
C HIS A 463 5.31 -30.00 -41.82
N GLN A 464 6.01 -29.38 -40.87
CA GLN A 464 7.26 -28.67 -41.12
C GLN A 464 7.89 -28.36 -39.78
N GLU A 465 9.20 -28.61 -39.67
CA GLU A 465 9.93 -28.44 -38.41
C GLU A 465 10.67 -27.12 -38.43
N GLY A 466 10.47 -26.30 -37.39
CA GLY A 466 11.22 -25.08 -37.21
C GLY A 466 12.57 -25.34 -36.58
N ILE A 467 13.34 -24.27 -36.44
CA ILE A 467 14.67 -24.38 -35.86
C ILE A 467 14.59 -24.72 -34.38
N ILE A 468 13.75 -23.99 -33.64
CA ILE A 468 13.64 -24.21 -32.21
C ILE A 468 13.18 -25.62 -31.87
N PRO A 469 12.11 -26.16 -32.47
CA PRO A 469 11.76 -27.55 -32.17
C PRO A 469 12.83 -28.55 -32.55
N LYS A 470 13.59 -28.32 -33.62
CA LYS A 470 14.65 -29.25 -33.99
C LYS A 470 15.75 -29.26 -32.94
N GLU A 471 16.18 -28.08 -32.48
CA GLU A 471 17.20 -28.03 -31.44
C GLU A 471 16.67 -28.67 -30.16
N ILE A 472 15.42 -28.41 -29.82
CA ILE A 472 14.82 -29.02 -28.64
C ILE A 472 14.85 -30.53 -28.75
N ALA A 473 14.50 -31.06 -29.93
CA ALA A 473 14.49 -32.51 -30.12
C ALA A 473 15.88 -33.10 -29.95
N LYS A 474 16.89 -32.45 -30.51
CA LYS A 474 18.26 -32.95 -30.36
C LYS A 474 18.67 -33.00 -28.89
N VAL A 475 18.47 -31.89 -28.18
CA VAL A 475 18.86 -31.84 -26.78
C VAL A 475 18.08 -32.87 -25.97
N PHE A 476 16.80 -33.06 -26.31
CA PHE A 476 15.97 -34.03 -25.60
C PHE A 476 16.44 -35.45 -25.82
N PHE A 477 16.82 -35.79 -27.06
CA PHE A 477 17.32 -37.14 -27.32
C PHE A 477 18.60 -37.40 -26.56
N GLN A 478 19.50 -36.41 -26.52
CA GLN A 478 20.72 -36.59 -25.72
C GLN A 478 20.38 -36.77 -24.23
N ARG A 479 19.49 -35.93 -23.70
CA ARG A 479 19.16 -36.02 -22.29
C ARG A 479 18.54 -37.37 -21.96
N LYS A 480 17.63 -37.86 -22.80
CA LYS A 480 16.98 -39.13 -22.54
C LYS A 480 17.96 -40.30 -22.68
N ASP A 481 18.96 -40.17 -23.57
CA ASP A 481 20.00 -41.20 -23.64
C ASP A 481 20.75 -41.29 -22.31
N TRP A 482 21.15 -40.14 -21.76
CA TRP A 482 21.79 -40.17 -20.45
C TRP A 482 20.84 -40.67 -19.37
N LYS A 483 19.54 -40.39 -19.50
CA LYS A 483 18.57 -40.92 -18.55
C LYS A 483 18.57 -42.44 -18.54
N LYS A 484 18.50 -43.06 -19.73
CA LYS A 484 18.55 -44.51 -19.80
C LYS A 484 19.86 -45.05 -19.23
N LYS A 485 20.97 -44.36 -19.51
CA LYS A 485 22.25 -44.83 -19.00
C LYS A 485 22.27 -44.86 -17.48
N MET A 486 21.80 -43.78 -16.83
CA MET A 486 21.84 -43.77 -15.37
C MET A 486 20.81 -44.72 -14.77
N PHE A 487 19.67 -44.91 -15.45
CA PHE A 487 18.69 -45.88 -14.97
C PHE A 487 19.26 -47.30 -15.01
N ALA A 488 19.98 -47.64 -16.08
CA ALA A 488 20.63 -48.94 -16.16
C ALA A 488 21.67 -49.09 -15.06
N GLU A 489 22.45 -48.03 -14.81
CA GLU A 489 23.45 -48.09 -13.75
C GLU A 489 22.82 -48.33 -12.39
N GLU A 490 21.72 -47.63 -12.08
CA GLU A 490 21.09 -47.80 -10.78
C GLU A 490 20.44 -49.17 -10.66
N MET A 491 19.89 -49.69 -11.77
CA MET A 491 19.35 -51.05 -11.74
C MET A 491 20.45 -52.07 -11.48
N ASN A 492 21.61 -51.89 -12.10
CA ASN A 492 22.75 -52.77 -11.83
C ASN A 492 23.17 -52.70 -10.37
N ALA A 493 23.22 -51.49 -9.82
CA ALA A 493 23.60 -51.34 -8.41
C ALA A 493 22.61 -52.07 -7.50
N GLU A 494 21.31 -51.91 -7.76
CA GLU A 494 20.31 -52.60 -6.96
C GLU A 494 20.42 -54.11 -7.10
N ALA A 495 20.70 -54.59 -8.31
CA ALA A 495 20.86 -56.03 -8.52
C ALA A 495 22.04 -56.56 -7.73
N ILE A 496 23.16 -55.83 -7.72
CA ILE A 496 24.32 -56.28 -6.95
C ILE A 496 24.02 -56.24 -5.46
N LYS A 497 23.25 -55.25 -5.00
CA LYS A 497 22.83 -55.22 -3.60
C LYS A 497 22.01 -56.45 -3.26
N LYS A 498 21.08 -56.82 -4.14
CA LYS A 498 20.28 -58.03 -3.91
C LYS A 498 21.16 -59.28 -3.88
N ILE A 499 22.14 -59.35 -4.78
CA ILE A 499 23.06 -60.49 -4.79
C ILE A 499 23.82 -60.57 -3.47
N ILE A 500 24.32 -59.43 -2.98
CA ILE A 500 25.04 -59.42 -1.71
C ILE A 500 24.13 -59.89 -0.58
N MET A 501 22.89 -59.39 -0.54
CA MET A 501 21.97 -59.79 0.51
C MET A 501 21.61 -61.27 0.41
N LYS A 502 21.67 -61.85 -0.79
CA LYS A 502 21.41 -63.28 -0.94
C LYS A 502 22.57 -64.11 -0.43
N GLY A 503 23.81 -63.66 -0.64
CA GLY A 503 24.97 -64.39 -0.19
C GLY A 503 26.14 -64.30 -1.15
N ALA A 504 27.33 -64.03 -0.61
CA ALA A 504 28.53 -63.89 -1.41
C ALA A 504 29.29 -65.21 -1.50
N GLY A 505 30.15 -65.31 -2.51
CA GLY A 505 30.96 -66.49 -2.76
C GLY A 505 32.36 -66.37 -2.19
N SER A 506 33.30 -67.02 -2.87
CA SER A 506 34.69 -67.03 -2.44
C SER A 506 35.65 -66.74 -3.59
N CYS A 507 35.27 -65.82 -4.48
CA CYS A 507 36.10 -65.41 -5.61
C CYS A 507 36.46 -63.94 -5.43
N SER A 508 37.73 -63.67 -5.16
CA SER A 508 38.22 -62.30 -4.98
C SER A 508 38.63 -61.65 -6.30
N THR A 509 38.61 -62.39 -7.41
CA THR A 509 38.95 -61.81 -8.69
C THR A 509 37.85 -60.86 -9.14
N LYS A 510 38.23 -59.66 -9.58
CA LYS A 510 37.26 -58.67 -10.02
C LYS A 510 36.92 -58.87 -11.49
N PRO A 511 35.68 -59.20 -11.84
CA PRO A 511 35.32 -59.32 -13.25
C PRO A 511 35.05 -57.97 -13.89
N GLU A 512 35.24 -57.91 -15.21
CA GLU A 512 35.00 -56.69 -15.94
C GLU A 512 33.51 -56.36 -15.98
N VAL A 513 33.19 -55.09 -15.82
CA VAL A 513 31.82 -54.60 -15.80
C VAL A 513 31.65 -53.55 -16.87
N GLU A 514 30.68 -53.75 -17.76
CA GLU A 514 30.37 -52.77 -18.78
C GLU A 514 29.48 -51.67 -18.21
N ARG A 515 29.74 -50.44 -18.63
CA ARG A 515 29.06 -49.28 -18.06
C ARG A 515 27.81 -48.92 -18.84
N TYR A 516 26.85 -48.32 -18.12
CA TYR A 516 25.63 -47.77 -18.72
C TYR A 516 24.77 -48.84 -19.40
N VAL A 517 24.86 -50.08 -18.92
CA VAL A 517 24.08 -51.18 -19.48
C VAL A 517 23.54 -52.02 -18.33
N LYS A 518 22.30 -52.47 -18.48
CA LYS A 518 21.68 -53.33 -17.47
C LYS A 518 22.34 -54.70 -17.46
N PHE A 519 22.56 -55.24 -16.27
CA PHE A 519 23.19 -56.54 -16.13
C PHE A 519 22.22 -57.66 -16.53
N SER A 520 22.76 -58.67 -17.20
CA SER A 520 21.97 -59.84 -17.58
C SER A 520 21.77 -60.75 -16.37
N ASP A 521 20.73 -61.59 -16.47
CA ASP A 521 20.41 -62.50 -15.37
C ASP A 521 21.53 -63.51 -15.14
N ASP A 522 22.12 -64.02 -16.22
CA ASP A 522 23.24 -64.95 -16.08
C ASP A 522 24.43 -64.30 -15.39
N PHE A 523 24.69 -63.03 -15.72
CA PHE A 523 25.77 -62.30 -15.04
C PHE A 523 25.47 -62.15 -13.55
N LEU A 524 24.21 -61.88 -13.21
CA LEU A 524 23.84 -61.77 -11.80
C LEU A 524 24.03 -63.10 -11.08
N ASN A 525 23.66 -64.20 -11.72
CA ASN A 525 23.87 -65.52 -11.12
C ASN A 525 25.35 -65.80 -10.95
N GLU A 526 26.17 -65.41 -11.93
CA GLU A 526 27.61 -65.60 -11.83
C GLU A 526 28.20 -64.78 -10.69
N LEU A 527 27.64 -63.58 -10.46
CA LEU A 527 28.16 -62.70 -9.41
C LEU A 527 28.03 -63.31 -8.01
N SER A 528 27.17 -64.31 -7.84
CA SER A 528 26.98 -64.91 -6.52
C SER A 528 28.20 -65.66 -6.03
N ASN A 529 29.10 -66.06 -6.93
CA ASN A 529 30.30 -66.82 -6.56
C ASN A 529 31.46 -65.93 -6.14
N TYR A 530 31.33 -64.62 -6.24
CA TYR A 530 32.41 -63.71 -5.93
C TYR A 530 32.36 -63.28 -4.46
N THR A 531 33.49 -62.77 -3.98
CA THR A 531 33.56 -62.27 -2.61
C THR A 531 32.79 -60.96 -2.48
N GLU A 532 32.49 -60.60 -1.23
CA GLU A 532 31.67 -59.42 -0.96
C GLU A 532 32.39 -58.12 -1.33
N SER A 533 33.72 -58.08 -1.18
CA SER A 533 34.46 -56.86 -1.46
C SER A 533 34.35 -56.46 -2.93
N VAL A 534 34.46 -57.44 -3.83
CA VAL A 534 34.36 -57.14 -5.26
C VAL A 534 32.97 -56.60 -5.59
N LEU A 535 31.93 -57.21 -5.02
CA LEU A 535 30.57 -56.74 -5.27
C LEU A 535 30.35 -55.33 -4.72
N ASN A 536 30.92 -55.04 -3.55
CA ASN A 536 30.83 -53.69 -3.01
C ASN A 536 31.55 -52.68 -3.91
N SER A 537 32.71 -53.06 -4.44
CA SER A 537 33.42 -52.20 -5.38
C SER A 537 32.59 -51.95 -6.63
N LEU A 538 31.93 -52.99 -7.13
CA LEU A 538 31.04 -52.82 -8.27
C LEU A 538 29.88 -51.88 -7.94
N ILE A 539 29.34 -52.00 -6.73
CA ILE A 539 28.26 -51.11 -6.30
C ILE A 539 28.72 -49.67 -6.30
N GLU A 540 29.90 -49.41 -5.74
CA GLU A 540 30.39 -48.03 -5.69
C GLU A 540 30.75 -47.49 -7.07
N GLU A 541 31.24 -48.36 -7.96
CA GLU A 541 31.48 -47.93 -9.34
C GLU A 541 30.17 -47.57 -10.03
N CYS A 542 29.13 -48.37 -9.83
CA CYS A 542 27.83 -48.05 -10.41
C CYS A 542 27.29 -46.74 -9.83
N GLU A 543 27.51 -46.52 -8.53
CA GLU A 543 27.05 -45.27 -7.91
C GLU A 543 27.77 -44.07 -8.49
N LYS A 544 29.10 -44.17 -8.68
CA LYS A 544 29.83 -43.03 -9.24
C LYS A 544 29.43 -42.77 -10.69
N ALA A 545 29.19 -43.84 -11.46
CA ALA A 545 28.69 -43.65 -12.82
C ALA A 545 27.32 -42.99 -12.82
N ALA A 546 26.46 -43.39 -11.88
CA ALA A 546 25.14 -42.77 -11.77
C ALA A 546 25.26 -41.29 -11.41
N THR A 547 26.19 -40.95 -10.52
CA THR A 547 26.39 -39.54 -10.17
C THR A 547 26.88 -38.72 -11.36
N LEU A 548 27.83 -39.26 -12.14
CA LEU A 548 28.31 -38.55 -13.31
C LEU A 548 27.19 -38.36 -14.34
N ALA A 549 26.39 -39.41 -14.56
CA ALA A 549 25.26 -39.29 -15.48
C ALA A 549 24.23 -38.30 -14.95
N ASN A 550 24.06 -38.24 -13.63
CA ASN A 550 23.16 -37.27 -13.03
C ASN A 550 23.65 -35.85 -13.31
N THR A 551 24.96 -35.63 -13.19
CA THR A 551 25.52 -34.31 -13.48
C THR A 551 25.29 -33.93 -14.95
N ASN A 552 25.52 -34.88 -15.86
CA ASN A 552 25.36 -34.58 -17.28
C ASN A 552 23.90 -34.34 -17.64
N GLN A 553 22.98 -35.12 -17.08
CA GLN A 553 21.57 -34.89 -17.34
C GLN A 553 21.10 -33.59 -16.69
N LEU A 554 21.70 -33.19 -15.58
CA LEU A 554 21.42 -31.86 -15.03
C LEU A 554 21.91 -30.76 -15.97
N ASN A 555 23.06 -30.98 -16.62
CA ASN A 555 23.52 -30.05 -17.65
C ASN A 555 22.48 -29.90 -18.75
N ARG A 556 22.02 -31.03 -19.30
CA ARG A 556 21.02 -30.97 -20.36
C ARG A 556 19.74 -30.32 -19.87
N LYS A 557 19.33 -30.61 -18.63
CA LYS A 557 18.09 -30.08 -18.09
C LYS A 557 18.18 -28.57 -17.92
N ILE A 558 19.32 -28.06 -17.41
CA ILE A 558 19.44 -26.62 -17.25
C ILE A 558 19.49 -25.94 -18.61
N LEU A 559 20.08 -26.59 -19.61
CA LEU A 559 20.02 -26.04 -20.97
C LEU A 559 18.58 -25.91 -21.46
N ILE A 560 17.82 -27.00 -21.36
CA ILE A 560 16.44 -26.99 -21.87
C ILE A 560 15.61 -25.97 -21.12
N ASN A 561 15.72 -25.94 -19.79
CA ASN A 561 14.96 -24.98 -19.00
C ASN A 561 15.39 -23.55 -19.29
N SER A 562 16.67 -23.36 -19.67
CA SER A 562 17.11 -22.03 -20.04
C SER A 562 16.52 -21.59 -21.37
N LEU A 563 16.14 -22.55 -22.22
CA LEU A 563 15.55 -22.17 -23.51
C LEU A 563 14.27 -21.36 -23.33
N TYR A 564 13.37 -21.81 -22.46
CA TYR A 564 12.12 -21.09 -22.28
C TYR A 564 12.36 -19.70 -21.73
N GLY A 565 13.27 -19.58 -20.76
CA GLY A 565 13.61 -18.26 -20.26
C GLY A 565 14.20 -17.37 -21.33
N ALA A 566 15.01 -17.94 -22.22
CA ALA A 566 15.62 -17.15 -23.28
C ALA A 566 14.57 -16.67 -24.27
N LEU A 567 13.59 -17.52 -24.58
CA LEU A 567 12.60 -17.18 -25.60
C LEU A 567 11.70 -16.03 -25.17
N GLY A 568 11.72 -15.66 -23.90
CA GLY A 568 10.99 -14.51 -23.41
C GLY A 568 11.82 -13.27 -23.20
N ASN A 569 13.11 -13.30 -23.52
CA ASN A 569 13.99 -12.15 -23.35
C ASN A 569 13.94 -11.30 -24.61
N ILE A 570 13.69 -10.00 -24.44
CA ILE A 570 13.57 -9.13 -25.60
C ILE A 570 14.86 -9.06 -26.39
N HIS A 571 16.00 -9.31 -25.74
CA HIS A 571 17.27 -9.25 -26.43
C HIS A 571 17.65 -10.56 -27.11
N PHE A 572 16.82 -11.59 -26.99
CA PHE A 572 17.05 -12.82 -27.73
C PHE A 572 16.95 -12.54 -29.23
N ARG A 573 17.74 -13.29 -30.01
CA ARG A 573 17.77 -13.08 -31.45
C ARG A 573 16.42 -13.40 -32.08
N TYR A 574 15.75 -14.45 -31.60
CA TYR A 574 14.54 -14.96 -32.23
C TYR A 574 13.31 -14.74 -31.35
N TYR A 575 13.34 -13.70 -30.53
CA TYR A 575 12.23 -13.42 -29.63
C TYR A 575 10.99 -13.03 -30.43
N ASP A 576 9.86 -13.64 -30.07
CA ASP A 576 8.57 -13.32 -30.69
C ASP A 576 7.50 -13.52 -29.61
N LEU A 577 6.93 -12.40 -29.14
CA LEU A 577 5.99 -12.46 -28.02
C LEU A 577 4.87 -13.44 -28.28
N ARG A 578 4.43 -13.53 -29.55
CA ARG A 578 3.39 -14.48 -29.90
C ARG A 578 3.81 -15.91 -29.57
N ASN A 579 5.07 -16.25 -29.81
CA ASN A 579 5.52 -17.61 -29.54
C ASN A 579 5.49 -17.93 -28.05
N ALA A 580 6.04 -17.03 -27.23
CA ALA A 580 6.08 -17.28 -25.79
C ALA A 580 4.67 -17.34 -25.21
N THR A 581 3.80 -16.41 -25.63
CA THR A 581 2.45 -16.41 -25.09
C THR A 581 1.67 -17.63 -25.56
N ALA A 582 1.95 -18.14 -26.76
CA ALA A 582 1.33 -19.39 -27.19
C ALA A 582 1.79 -20.56 -26.35
N ILE A 583 3.09 -20.62 -26.05
CA ILE A 583 3.61 -21.71 -25.22
C ILE A 583 2.90 -21.71 -23.87
N THR A 584 2.88 -20.56 -23.22
CA THR A 584 2.35 -20.53 -21.85
C THR A 584 0.84 -20.70 -21.82
N ILE A 585 0.12 -20.12 -22.78
CA ILE A 585 -1.34 -20.27 -22.78
C ILE A 585 -1.73 -21.70 -23.12
N PHE A 586 -0.99 -22.36 -24.03
CA PHE A 586 -1.29 -23.77 -24.27
C PHE A 586 -0.96 -24.61 -23.05
N GLY A 587 0.04 -24.22 -22.26
CA GLY A 587 0.27 -24.92 -21.01
C GLY A 587 -0.91 -24.81 -20.07
N GLN A 588 -1.44 -23.58 -19.91
CA GLN A 588 -2.63 -23.38 -19.10
C GLN A 588 -3.80 -24.24 -19.59
N VAL A 589 -4.06 -24.19 -20.90
CA VAL A 589 -5.20 -24.92 -21.45
C VAL A 589 -5.02 -26.42 -21.27
N GLY A 590 -3.79 -26.92 -21.45
CA GLY A 590 -3.56 -28.34 -21.27
C GLY A 590 -3.76 -28.80 -19.84
N ILE A 591 -3.26 -28.03 -18.87
CA ILE A 591 -3.43 -28.46 -17.49
C ILE A 591 -4.91 -28.42 -17.09
N GLN A 592 -5.64 -27.38 -17.52
CA GLN A 592 -7.06 -27.34 -17.15
C GLN A 592 -7.86 -28.39 -17.90
N TRP A 593 -7.47 -28.72 -19.13
CA TRP A 593 -8.13 -29.77 -19.89
C TRP A 593 -7.97 -31.11 -19.19
N ILE A 594 -6.76 -31.42 -18.74
CA ILE A 594 -6.55 -32.65 -18.00
C ILE A 594 -7.31 -32.63 -16.68
N ALA A 595 -7.39 -31.45 -16.05
CA ALA A 595 -8.18 -31.33 -14.84
C ALA A 595 -9.62 -31.72 -15.08
N ARG A 596 -10.22 -31.19 -16.15
CA ARG A 596 -11.61 -31.51 -16.46
C ARG A 596 -11.78 -32.99 -16.74
N LYS A 597 -10.85 -33.56 -17.52
CA LYS A 597 -10.98 -34.99 -17.87
C LYS A 597 -10.86 -35.86 -16.64
N ILE A 598 -9.94 -35.54 -15.73
CA ILE A 598 -9.83 -36.28 -14.46
C ILE A 598 -11.12 -36.16 -13.66
N ASN A 599 -11.69 -34.94 -13.60
CA ASN A 599 -12.92 -34.75 -12.85
C ASN A 599 -14.02 -35.65 -13.39
N GLU A 600 -14.21 -35.65 -14.72
CA GLU A 600 -15.26 -36.46 -15.31
C GLU A 600 -15.01 -37.95 -15.07
N TYR A 601 -13.77 -38.41 -15.28
CA TYR A 601 -13.51 -39.84 -15.14
C TYR A 601 -13.69 -40.30 -13.70
N LEU A 602 -13.23 -39.50 -12.74
CA LEU A 602 -13.43 -39.86 -11.34
C LEU A 602 -14.91 -39.83 -10.95
N ASN A 603 -15.67 -38.88 -11.50
CA ASN A 603 -17.10 -38.87 -11.22
C ASN A 603 -17.77 -40.13 -11.77
N LYS A 604 -17.39 -40.56 -12.98
CA LYS A 604 -17.96 -41.79 -13.52
C LYS A 604 -17.57 -43.00 -12.68
N VAL A 605 -16.28 -43.13 -12.33
CA VAL A 605 -15.81 -44.34 -11.66
C VAL A 605 -16.36 -44.41 -10.24
N CYS A 606 -16.48 -43.27 -9.57
CA CYS A 606 -17.00 -43.25 -8.21
C CYS A 606 -18.52 -43.42 -8.18
N GLY A 607 -19.20 -43.00 -9.24
CA GLY A 607 -20.63 -43.09 -9.33
C GLY A 607 -21.38 -41.84 -8.93
N THR A 608 -20.72 -40.87 -8.30
CA THR A 608 -21.37 -39.62 -7.92
C THR A 608 -21.14 -38.59 -9.03
N ASN A 609 -21.73 -37.40 -8.89
CA ASN A 609 -21.61 -36.38 -9.91
C ASN A 609 -21.15 -35.08 -9.28
N ASP A 610 -20.71 -34.15 -10.13
CA ASP A 610 -20.26 -32.81 -9.78
C ASP A 610 -19.41 -32.75 -8.52
N GLU A 611 -18.49 -33.70 -8.37
CA GLU A 611 -17.54 -33.72 -7.26
C GLU A 611 -16.16 -33.40 -7.78
N ASP A 612 -15.46 -32.49 -7.11
CA ASP A 612 -14.13 -32.05 -7.52
C ASP A 612 -13.09 -32.91 -6.81
N PHE A 613 -12.61 -33.94 -7.49
CA PHE A 613 -11.63 -34.86 -6.91
C PHE A 613 -10.21 -34.34 -6.95
N ILE A 614 -9.95 -33.24 -7.65
CA ILE A 614 -8.59 -32.78 -7.84
C ILE A 614 -8.21 -31.86 -6.69
N ALA A 615 -7.11 -32.20 -6.00
CA ALA A 615 -6.66 -31.38 -4.88
C ALA A 615 -6.11 -30.06 -5.37
N ALA A 616 -5.05 -30.09 -6.16
CA ALA A 616 -4.51 -28.88 -6.76
C ALA A 616 -3.44 -29.22 -7.77
N GLY A 617 -3.33 -28.42 -8.83
CA GLY A 617 -2.34 -28.70 -9.88
C GLY A 617 -1.53 -27.47 -10.24
N ASP A 618 -0.25 -27.64 -10.55
CA ASP A 618 0.61 -26.51 -10.98
C ASP A 618 1.38 -26.91 -12.23
N THR A 619 1.19 -26.17 -13.33
CA THR A 619 1.89 -26.49 -14.60
C THR A 619 1.71 -27.98 -14.93
N ASP A 620 2.81 -28.70 -15.15
CA ASP A 620 2.74 -30.15 -15.50
C ASP A 620 2.22 -30.96 -14.31
N SER A 621 2.67 -30.64 -13.09
CA SER A 621 2.28 -31.44 -11.90
C SER A 621 0.79 -31.30 -11.59
N VAL A 622 0.18 -32.33 -10.98
CA VAL A 622 -1.26 -32.28 -10.60
C VAL A 622 -1.52 -33.30 -9.49
N TYR A 623 -2.12 -32.89 -8.38
CA TYR A 623 -2.42 -33.78 -7.28
C TYR A 623 -3.93 -33.92 -7.17
N VAL A 624 -4.42 -35.15 -7.26
CA VAL A 624 -5.84 -35.46 -7.28
C VAL A 624 -6.16 -36.38 -6.11
N CYS A 625 -7.22 -36.03 -5.37
CA CYS A 625 -7.65 -36.87 -4.27
C CYS A 625 -8.38 -38.10 -4.81
N VAL A 626 -8.13 -39.26 -4.18
CA VAL A 626 -8.63 -40.51 -4.72
C VAL A 626 -9.27 -41.36 -3.62
N ASP A 627 -9.57 -40.74 -2.46
CA ASP A 627 -10.05 -41.50 -1.32
C ASP A 627 -11.37 -42.20 -1.60
N LYS A 628 -12.13 -41.70 -2.58
CA LYS A 628 -13.44 -42.30 -2.87
C LYS A 628 -13.30 -43.72 -3.37
N VAL A 629 -12.30 -43.99 -4.22
CA VAL A 629 -12.09 -45.36 -4.71
C VAL A 629 -11.74 -46.29 -3.56
N ILE A 630 -10.87 -45.83 -2.65
CA ILE A 630 -10.48 -46.66 -1.51
C ILE A 630 -11.67 -46.93 -0.61
N GLU A 631 -12.51 -45.92 -0.38
CA GLU A 631 -13.73 -46.15 0.38
C GLU A 631 -14.65 -47.12 -0.33
N LYS A 632 -14.67 -47.10 -1.67
CA LYS A 632 -15.49 -48.04 -2.41
C LYS A 632 -15.02 -49.47 -2.24
N VAL A 633 -13.71 -49.70 -2.41
CA VAL A 633 -13.19 -51.06 -2.27
C VAL A 633 -13.24 -51.51 -0.80
N GLY A 634 -12.97 -50.60 0.12
CA GLY A 634 -13.01 -50.92 1.54
C GLY A 634 -11.66 -51.24 2.11
N LEU A 635 -11.33 -50.64 3.26
CA LEU A 635 -10.01 -50.79 3.87
C LEU A 635 -9.78 -52.17 4.46
N ASP A 636 -10.81 -53.00 4.55
CA ASP A 636 -10.66 -54.32 5.20
C ASP A 636 -9.74 -55.23 4.40
N ARG A 637 -9.80 -55.17 3.07
CA ARG A 637 -9.13 -56.16 2.23
C ARG A 637 -7.61 -56.04 2.26
N PHE A 638 -7.06 -54.88 2.62
CA PHE A 638 -5.60 -54.71 2.68
C PHE A 638 -5.12 -55.11 4.06
N LYS A 639 -4.36 -56.21 4.13
CA LYS A 639 -3.79 -56.67 5.39
C LYS A 639 -2.53 -55.93 5.79
N GLU A 640 -1.92 -55.19 4.87
CA GLU A 640 -0.67 -54.49 5.13
C GLU A 640 -0.66 -53.18 4.35
N GLN A 641 0.01 -52.18 4.91
CA GLN A 641 0.10 -50.87 4.25
C GLN A 641 0.77 -50.99 2.89
N ASN A 642 1.82 -51.83 2.80
CA ASN A 642 2.48 -52.03 1.51
C ASN A 642 1.52 -52.59 0.48
N ASP A 643 0.60 -53.47 0.90
CA ASP A 643 -0.41 -53.98 -0.02
C ASP A 643 -1.32 -52.86 -0.51
N LEU A 644 -1.72 -51.96 0.40
CA LEU A 644 -2.55 -50.82 -0.01
C LEU A 644 -1.84 -49.94 -1.02
N VAL A 645 -0.58 -49.61 -0.75
CA VAL A 645 0.15 -48.73 -1.66
C VAL A 645 0.39 -49.44 -3.00
N GLU A 646 0.62 -50.75 -2.98
CA GLU A 646 0.78 -51.49 -4.23
C GLU A 646 -0.51 -51.51 -5.03
N PHE A 647 -1.65 -51.69 -4.36
CA PHE A 647 -2.93 -51.66 -5.07
C PHE A 647 -3.20 -50.29 -5.68
N MET A 648 -2.91 -49.22 -4.93
CA MET A 648 -3.14 -47.89 -5.48
C MET A 648 -2.17 -47.58 -6.62
N ASN A 649 -0.94 -48.05 -6.51
CA ASN A 649 0.02 -47.90 -7.61
C ASN A 649 -0.44 -48.64 -8.85
N GLN A 650 -0.96 -49.86 -8.68
CA GLN A 650 -1.47 -50.61 -9.81
C GLN A 650 -2.67 -49.90 -10.45
N PHE A 651 -3.57 -49.37 -9.62
CA PHE A 651 -4.72 -48.66 -10.14
C PHE A 651 -4.28 -47.44 -10.95
N GLY A 652 -3.34 -46.67 -10.43
CA GLY A 652 -2.82 -45.54 -11.17
C GLY A 652 -2.11 -45.94 -12.44
N LYS A 653 -1.40 -47.07 -12.41
CA LYS A 653 -0.60 -47.48 -13.56
C LYS A 653 -1.47 -47.99 -14.71
N LYS A 654 -2.45 -48.83 -14.41
CA LYS A 654 -3.20 -49.52 -15.46
C LYS A 654 -4.61 -48.99 -15.67
N LYS A 655 -5.06 -48.02 -14.88
CA LYS A 655 -6.40 -47.47 -15.05
C LYS A 655 -6.37 -45.98 -15.34
N MET A 656 -5.60 -45.20 -14.58
CA MET A 656 -5.48 -43.77 -14.84
C MET A 656 -4.76 -43.48 -16.14
N GLU A 657 -3.62 -44.14 -16.37
CA GLU A 657 -2.78 -43.81 -17.51
C GLU A 657 -3.47 -44.01 -18.86
N PRO A 658 -4.17 -45.11 -19.13
CA PRO A 658 -4.83 -45.21 -20.44
C PRO A 658 -5.85 -44.12 -20.69
N MET A 659 -6.62 -43.73 -19.67
CA MET A 659 -7.64 -42.70 -19.86
C MET A 659 -6.97 -41.33 -20.03
N ILE A 660 -5.88 -41.09 -19.30
CA ILE A 660 -5.11 -39.88 -19.50
C ILE A 660 -4.59 -39.79 -20.94
N ASP A 661 -4.03 -40.89 -21.43
CA ASP A 661 -3.49 -40.89 -22.78
C ASP A 661 -4.60 -40.71 -23.81
N VAL A 662 -5.76 -41.29 -23.57
CA VAL A 662 -6.90 -41.10 -24.45
C VAL A 662 -7.31 -39.63 -24.49
N ALA A 663 -7.38 -39.00 -23.31
CA ALA A 663 -7.76 -37.60 -23.24
C ALA A 663 -6.76 -36.71 -23.99
N TYR A 664 -5.46 -36.96 -23.80
CA TYR A 664 -4.49 -36.12 -24.49
C TYR A 664 -4.44 -36.38 -25.98
N ARG A 665 -4.61 -37.63 -26.43
CA ARG A 665 -4.68 -37.89 -27.86
C ARG A 665 -5.88 -37.19 -28.48
N GLU A 666 -7.02 -37.21 -27.77
CA GLU A 666 -8.19 -36.50 -28.25
C GLU A 666 -7.95 -34.99 -28.30
N LEU A 667 -7.24 -34.45 -27.31
CA LEU A 667 -6.89 -33.03 -27.35
C LEU A 667 -5.99 -32.70 -28.55
N CYS A 668 -4.99 -33.56 -28.79
CA CYS A 668 -4.08 -33.32 -29.91
C CYS A 668 -4.83 -33.36 -31.24
N ASP A 669 -5.75 -34.32 -31.39
CA ASP A 669 -6.60 -34.34 -32.58
C ASP A 669 -7.51 -33.11 -32.63
N TYR A 670 -7.94 -32.63 -31.46
CA TYR A 670 -8.78 -31.43 -31.41
C TYR A 670 -8.05 -30.23 -31.96
N MET A 671 -6.76 -30.10 -31.66
CA MET A 671 -5.98 -28.99 -32.19
C MET A 671 -5.10 -29.39 -33.37
N ASN A 672 -5.11 -30.66 -33.76
CA ASN A 672 -4.38 -31.19 -34.93
C ASN A 672 -2.94 -30.66 -35.01
N ASN A 673 -2.16 -30.97 -33.98
CA ASN A 673 -0.76 -30.58 -33.91
C ASN A 673 0.09 -31.63 -34.62
N ARG A 674 1.41 -31.57 -34.47
CA ARG A 674 2.29 -32.45 -35.24
C ARG A 674 2.31 -33.87 -34.67
N GLU A 675 2.78 -34.02 -33.43
CA GLU A 675 2.95 -35.32 -32.82
C GLU A 675 2.27 -35.32 -31.46
N HIS A 676 2.48 -36.40 -30.71
CA HIS A 676 2.01 -36.50 -29.34
C HIS A 676 3.20 -36.74 -28.42
N LEU A 677 3.43 -35.81 -27.50
CA LEU A 677 4.52 -35.92 -26.55
C LEU A 677 4.13 -35.57 -25.12
N MET A 678 2.87 -35.22 -24.86
CA MET A 678 2.46 -34.66 -23.58
C MET A 678 2.10 -35.80 -22.63
N HIS A 679 3.12 -36.57 -22.26
CA HIS A 679 2.95 -37.78 -21.49
C HIS A 679 2.61 -37.47 -20.03
N MET A 680 2.10 -38.49 -19.34
CA MET A 680 1.80 -38.44 -17.91
C MET A 680 2.31 -39.70 -17.24
N ASP A 681 2.62 -39.57 -15.95
CA ASP A 681 3.05 -40.71 -15.15
C ASP A 681 2.85 -40.36 -13.68
N ARG A 682 2.61 -41.38 -12.87
CA ARG A 682 2.49 -41.16 -11.43
C ARG A 682 3.83 -40.71 -10.87
N GLU A 683 3.79 -39.80 -9.91
CA GLU A 683 5.00 -39.27 -9.30
C GLU A 683 5.09 -39.50 -7.81
N ALA A 684 3.96 -39.48 -7.10
CA ALA A 684 3.97 -39.69 -5.66
C ALA A 684 2.64 -40.26 -5.23
N ILE A 685 2.68 -41.18 -4.26
CA ILE A 685 1.50 -41.75 -3.64
C ILE A 685 1.58 -41.45 -2.15
N SER A 686 0.62 -40.68 -1.66
CA SER A 686 0.56 -40.31 -0.25
C SER A 686 -0.62 -40.99 0.41
N CYS A 687 -0.37 -41.64 1.55
CA CYS A 687 -1.41 -42.29 2.30
C CYS A 687 -0.97 -42.35 3.75
N PRO A 688 -1.88 -42.13 4.70
CA PRO A 688 -1.50 -42.23 6.11
C PRO A 688 -1.15 -43.64 6.48
N PRO A 689 -0.39 -43.85 7.56
CA PRO A 689 -0.07 -45.22 7.98
C PRO A 689 -1.33 -46.01 8.25
N LEU A 690 -1.28 -47.29 7.87
CA LEU A 690 -2.47 -48.14 7.93
C LEU A 690 -2.99 -48.26 9.35
N GLY A 691 -4.24 -47.86 9.55
CA GLY A 691 -4.89 -47.97 10.84
C GLY A 691 -4.54 -46.87 11.83
N SER A 692 -3.69 -45.93 11.46
CA SER A 692 -3.28 -44.88 12.37
C SER A 692 -4.28 -43.72 12.35
N LYS A 693 -3.97 -42.69 13.11
CA LYS A 693 -4.81 -41.50 13.19
C LYS A 693 -4.25 -40.33 12.38
N GLY A 694 -3.26 -40.59 11.51
CA GLY A 694 -2.67 -39.52 10.74
C GLY A 694 -3.58 -39.06 9.62
N VAL A 695 -3.46 -37.77 9.28
CA VAL A 695 -4.26 -37.22 8.20
C VAL A 695 -3.82 -37.79 6.86
N GLY A 696 -2.54 -38.11 6.72
CA GLY A 696 -2.00 -38.56 5.45
C GLY A 696 -1.41 -37.43 4.63
N GLY A 697 -2.21 -36.41 4.32
CA GLY A 697 -1.71 -35.26 3.60
C GLY A 697 -2.64 -34.09 3.77
N PHE A 698 -2.10 -32.88 3.62
CA PHE A 698 -2.92 -31.69 3.78
C PHE A 698 -2.32 -30.54 3.00
N TRP A 699 -3.11 -29.49 2.83
CA TRP A 699 -2.75 -28.37 1.98
C TRP A 699 -2.96 -27.08 2.77
N LYS A 700 -2.33 -26.02 2.33
CA LYS A 700 -2.50 -24.75 3.04
C LYS A 700 -2.91 -23.61 2.14
N ALA A 701 -2.33 -23.58 0.93
CA ALA A 701 -2.67 -22.52 -0.05
C ALA A 701 -2.08 -22.93 -1.41
N LYS A 702 -1.93 -21.97 -2.33
CA LYS A 702 -1.28 -22.30 -3.63
C LYS A 702 0.20 -22.58 -3.39
N LYS A 703 0.72 -23.68 -3.95
CA LYS A 703 2.15 -24.05 -3.77
C LYS A 703 2.48 -24.23 -2.28
N ARG A 704 1.52 -24.72 -1.49
CA ARG A 704 1.76 -24.97 -0.05
C ARG A 704 1.09 -26.31 0.33
N TYR A 705 1.87 -27.37 0.54
CA TYR A 705 1.27 -28.70 0.82
C TYR A 705 2.27 -29.64 1.49
N ALA A 706 1.77 -30.61 2.25
CA ALA A 706 2.64 -31.60 2.93
C ALA A 706 2.07 -33.00 2.72
N LEU A 707 2.90 -33.97 2.28
CA LEU A 707 2.38 -35.32 1.96
C LEU A 707 3.31 -36.40 2.53
N ASN A 708 2.75 -37.50 3.06
CA ASN A 708 3.56 -38.60 3.54
C ASN A 708 3.72 -39.58 2.38
N VAL A 709 4.77 -39.38 1.59
CA VAL A 709 4.95 -40.13 0.37
C VAL A 709 5.48 -41.52 0.69
N TYR A 710 4.87 -42.54 0.09
CA TYR A 710 5.26 -43.92 0.27
C TYR A 710 6.09 -44.45 -0.90
N ASP A 711 5.79 -44.02 -2.13
CA ASP A 711 6.60 -44.36 -3.28
C ASP A 711 6.76 -43.13 -4.16
N MET A 712 7.87 -43.04 -4.88
CA MET A 712 8.19 -41.90 -5.74
C MET A 712 8.83 -42.44 -7.01
N GLU A 713 8.10 -42.37 -8.11
CA GLU A 713 8.56 -42.84 -9.42
C GLU A 713 8.99 -44.31 -9.36
N ASP A 714 8.03 -45.17 -9.01
CA ASP A 714 8.20 -46.61 -8.96
C ASP A 714 9.29 -47.04 -7.99
N LYS A 715 9.58 -46.23 -6.97
CA LYS A 715 10.55 -46.56 -5.93
C LYS A 715 9.79 -46.78 -4.63
N ARG A 716 9.56 -48.04 -4.28
CA ARG A 716 8.91 -48.35 -3.01
C ARG A 716 9.87 -48.07 -1.86
N PHE A 717 9.40 -47.32 -0.87
CA PHE A 717 10.22 -46.91 0.26
C PHE A 717 9.92 -47.79 1.47
N ALA A 718 10.99 -48.20 2.16
CA ALA A 718 10.83 -49.10 3.31
C ALA A 718 9.96 -48.46 4.38
N GLU A 719 10.21 -47.19 4.69
CA GLU A 719 9.33 -46.45 5.56
C GLU A 719 8.86 -45.19 4.85
N PRO A 720 7.64 -44.74 5.09
CA PRO A 720 7.16 -43.53 4.41
C PRO A 720 8.00 -42.34 4.77
N HIS A 721 8.26 -41.47 3.79
CA HIS A 721 9.06 -40.29 4.04
C HIS A 721 8.28 -39.05 3.67
N LEU A 722 8.57 -37.96 4.37
CA LEU A 722 7.78 -36.75 4.28
C LEU A 722 8.20 -35.95 3.04
N LYS A 723 7.21 -35.42 2.33
CA LYS A 723 7.43 -34.57 1.15
C LYS A 723 6.61 -33.31 1.35
N ILE A 724 7.27 -32.16 1.42
CA ILE A 724 6.59 -30.92 1.73
C ILE A 724 7.13 -29.83 0.81
N MET A 725 6.22 -29.05 0.23
CA MET A 725 6.61 -27.95 -0.64
C MET A 725 5.91 -26.68 -0.18
N GLY A 726 6.68 -25.74 0.36
CA GLY A 726 6.21 -24.40 0.62
C GLY A 726 6.23 -23.97 2.08
N MET A 727 5.97 -24.88 3.01
CA MET A 727 5.78 -24.46 4.39
C MET A 727 7.12 -24.07 5.03
N GLU A 728 7.05 -23.80 6.33
CA GLU A 728 8.15 -23.14 7.02
C GLU A 728 9.40 -24.01 7.12
N THR A 729 9.27 -25.32 6.95
CA THR A 729 10.45 -26.17 7.06
C THR A 729 11.29 -26.17 5.79
N GLN A 730 10.78 -25.62 4.69
CA GLN A 730 11.57 -25.44 3.48
C GLN A 730 12.02 -24.00 3.28
N GLN A 731 11.27 -23.03 3.82
CA GLN A 731 11.69 -21.64 3.81
C GLN A 731 12.97 -21.48 4.63
N SER A 732 14.06 -21.05 4.00
CA SER A 732 15.32 -20.93 4.72
C SER A 732 15.24 -19.89 5.83
N SER A 733 14.42 -18.86 5.66
CA SER A 733 14.37 -17.78 6.64
C SER A 733 13.94 -18.26 8.01
N THR A 734 13.20 -19.36 8.10
CA THR A 734 12.81 -19.88 9.41
C THR A 734 14.00 -20.51 10.13
N PRO A 735 14.06 -20.42 11.46
CA PRO A 735 15.24 -20.90 12.18
C PRO A 735 15.44 -22.39 12.07
N LYS A 736 16.70 -22.81 12.21
CA LYS A 736 17.07 -24.22 12.08
C LYS A 736 16.38 -25.07 13.14
N ALA A 737 16.47 -24.66 14.40
CA ALA A 737 15.81 -25.41 15.46
C ALA A 737 14.30 -25.41 15.26
N VAL A 738 13.74 -24.25 14.89
CA VAL A 738 12.32 -24.17 14.56
C VAL A 738 12.01 -25.06 13.36
N GLN A 739 12.91 -25.07 12.37
CA GLN A 739 12.71 -25.94 11.21
C GLN A 739 12.56 -27.39 11.63
N GLU A 740 13.50 -27.89 12.43
CA GLU A 740 13.43 -29.30 12.84
C GLU A 740 12.19 -29.54 13.69
N ALA A 741 11.87 -28.62 14.60
CA ALA A 741 10.73 -28.81 15.49
C ALA A 741 9.43 -28.91 14.71
N LEU A 742 9.16 -27.94 13.85
CA LEU A 742 7.91 -27.97 13.11
C LEU A 742 7.91 -29.03 12.02
N GLU A 743 9.07 -29.45 11.52
CA GLU A 743 9.10 -30.58 10.60
C GLU A 743 8.68 -31.86 11.32
N GLU A 744 9.18 -32.07 12.53
CA GLU A 744 8.75 -33.25 13.29
C GLU A 744 7.28 -33.15 13.65
N SER A 745 6.80 -31.95 13.96
CA SER A 745 5.38 -31.78 14.24
C SER A 745 4.52 -32.10 13.02
N ILE A 746 4.97 -31.67 11.84
CA ILE A 746 4.26 -31.99 10.60
C ILE A 746 4.26 -33.49 10.36
N ARG A 747 5.39 -34.14 10.63
CA ARG A 747 5.42 -35.60 10.48
C ARG A 747 4.43 -36.27 11.42
N ARG A 748 4.35 -35.79 12.67
CA ARG A 748 3.39 -36.33 13.61
C ARG A 748 1.96 -36.10 13.12
N ILE A 749 1.68 -34.93 12.57
CA ILE A 749 0.36 -34.65 12.02
C ILE A 749 0.03 -35.65 10.92
N LEU A 750 0.98 -35.86 10.00
CA LEU A 750 0.73 -36.70 8.84
C LEU A 750 0.71 -38.18 9.17
N GLN A 751 1.26 -38.58 10.31
CA GLN A 751 1.34 -40.01 10.62
C GLN A 751 0.71 -40.39 11.94
N GLU A 752 0.87 -39.58 12.98
CA GLU A 752 0.52 -40.03 14.33
C GLU A 752 -0.89 -39.61 14.75
N GLY A 753 -1.14 -38.30 14.81
CA GLY A 753 -2.46 -37.84 15.21
C GLY A 753 -2.46 -36.66 16.17
N GLU A 754 -3.66 -36.23 16.57
CA GLU A 754 -3.81 -34.99 17.32
C GLU A 754 -3.12 -35.06 18.68
N GLU A 755 -3.30 -36.17 19.40
CA GLU A 755 -2.72 -36.29 20.73
C GLU A 755 -1.20 -36.17 20.69
N SER A 756 -0.58 -36.80 19.69
CA SER A 756 0.86 -36.69 19.53
C SER A 756 1.27 -35.26 19.27
N VAL A 757 0.50 -34.54 18.45
CA VAL A 757 0.84 -33.14 18.17
C VAL A 757 0.79 -32.32 19.45
N GLN A 758 -0.26 -32.50 20.25
CA GLN A 758 -0.36 -31.74 21.50
C GLN A 758 0.78 -32.08 22.45
N GLU A 759 1.08 -33.37 22.59
CA GLU A 759 2.16 -33.78 23.49
C GLU A 759 3.49 -33.19 23.04
N TYR A 760 3.77 -33.24 21.74
CA TYR A 760 5.06 -32.73 21.26
C TYR A 760 5.11 -31.21 21.35
N TYR A 761 3.97 -30.53 21.15
CA TYR A 761 3.95 -29.09 21.32
C TYR A 761 4.27 -28.71 22.76
N LYS A 762 3.69 -29.42 23.72
CA LYS A 762 4.02 -29.17 25.12
C LYS A 762 5.49 -29.44 25.39
N ASN A 763 6.01 -30.54 24.85
CA ASN A 763 7.42 -30.89 25.08
C ASN A 763 8.35 -29.82 24.52
N PHE A 764 8.06 -29.34 23.30
CA PHE A 764 8.91 -28.31 22.71
C PHE A 764 8.72 -26.96 23.38
N GLU A 765 7.53 -26.67 23.89
CA GLU A 765 7.36 -25.45 24.68
C GLU A 765 8.24 -25.50 25.92
N LYS A 766 8.32 -26.67 26.56
CA LYS A 766 9.26 -26.84 27.67
C LYS A 766 10.71 -26.68 27.20
N GLU A 767 11.04 -27.26 26.04
CA GLU A 767 12.43 -27.31 25.60
C GLU A 767 12.93 -25.97 25.05
N TYR A 768 12.01 -25.07 24.69
CA TYR A 768 12.41 -23.86 23.97
C TYR A 768 13.30 -22.95 24.81
N ARG A 769 13.08 -22.88 26.12
CA ARG A 769 13.75 -21.87 26.93
C ARG A 769 15.25 -22.10 27.01
N GLN A 770 15.71 -23.35 27.06
CA GLN A 770 17.11 -23.68 27.28
C GLN A 770 17.83 -24.08 25.99
N LEU A 771 17.50 -23.41 24.89
CA LEU A 771 18.16 -23.65 23.61
C LEU A 771 19.12 -22.51 23.29
N ASP A 772 20.05 -22.79 22.37
CA ASP A 772 21.06 -21.82 21.99
C ASP A 772 20.44 -20.66 21.20
N TYR A 773 21.03 -19.48 21.33
CA TYR A 773 20.47 -18.29 20.71
C TYR A 773 20.70 -18.28 19.20
N LYS A 774 21.83 -18.83 18.75
CA LYS A 774 22.16 -18.77 17.33
C LYS A 774 21.23 -19.64 16.49
N VAL A 775 20.77 -20.78 17.04
CA VAL A 775 19.96 -21.71 16.27
C VAL A 775 18.49 -21.34 16.19
N ILE A 776 18.10 -20.22 16.79
CA ILE A 776 16.70 -19.74 16.73
C ILE A 776 16.73 -18.27 16.32
N ALA A 777 16.51 -18.01 15.04
CA ALA A 777 16.49 -16.66 14.47
C ALA A 777 16.09 -16.75 13.01
N GLU A 778 15.46 -15.69 12.52
CA GLU A 778 15.18 -15.59 11.09
C GLU A 778 16.43 -15.10 10.37
N VAL A 779 16.69 -15.66 9.18
CA VAL A 779 17.97 -15.46 8.51
C VAL A 779 17.81 -14.75 7.17
N LYS A 780 16.82 -13.87 7.07
CA LYS A 780 16.56 -13.20 5.80
C LYS A 780 17.71 -12.25 5.44
N THR A 781 17.82 -11.95 4.15
CA THR A 781 18.89 -11.12 3.61
C THR A 781 18.59 -9.64 3.85
N ALA A 782 19.49 -8.80 3.34
CA ALA A 782 19.35 -7.35 3.43
C ALA A 782 19.71 -6.72 2.10
N ASN A 783 18.96 -5.71 1.70
CA ASN A 783 19.19 -5.00 0.44
C ASN A 783 18.80 -3.54 0.61
N ASP A 784 19.32 -2.70 -0.28
CA ASP A 784 19.00 -1.27 -0.32
C ASP A 784 19.37 -0.60 1.00
N ILE A 785 20.67 -0.58 1.29
CA ILE A 785 21.17 -0.08 2.57
C ILE A 785 20.87 1.40 2.75
N ALA A 786 21.08 2.21 1.71
CA ALA A 786 21.00 3.66 1.84
C ALA A 786 19.57 4.20 1.79
N LYS A 787 18.56 3.35 1.92
CA LYS A 787 17.17 3.79 1.91
C LYS A 787 16.74 4.42 3.23
N TYR A 788 17.30 3.95 4.34
CA TYR A 788 16.70 4.17 5.66
C TYR A 788 17.68 4.60 6.75
N ASP A 789 18.97 4.33 6.63
CA ASP A 789 19.86 4.42 7.79
C ASP A 789 20.04 5.85 8.27
N ASP A 790 20.09 6.01 9.59
CA ASP A 790 20.40 7.28 10.25
C ASP A 790 20.65 7.02 11.72
N LYS A 791 21.78 7.49 12.24
CA LYS A 791 22.21 7.34 13.64
C LYS A 791 21.98 5.92 14.14
N GLY A 792 22.05 4.95 13.25
CA GLY A 792 21.72 3.57 13.60
C GLY A 792 20.28 3.36 14.00
N TRP A 793 19.36 4.12 13.41
CA TRP A 793 17.95 4.04 13.76
C TRP A 793 17.10 3.88 12.49
N PRO A 794 15.92 3.28 12.62
CA PRO A 794 15.10 3.02 11.43
C PRO A 794 14.67 4.30 10.72
N GLY A 795 14.49 4.17 9.41
CA GLY A 795 14.00 5.24 8.57
C GLY A 795 12.58 5.00 8.12
N PHE A 796 12.25 5.49 6.92
CA PHE A 796 10.91 5.36 6.37
C PHE A 796 10.72 3.92 5.90
N LYS A 797 9.66 3.26 6.41
CA LYS A 797 9.31 1.89 6.03
C LYS A 797 10.49 0.95 6.25
N CYS A 798 11.11 1.06 7.42
CA CYS A 798 12.23 0.19 7.75
C CYS A 798 11.73 -1.20 8.09
N PRO A 799 12.17 -2.24 7.39
CA PRO A 799 11.74 -3.60 7.72
C PRO A 799 12.36 -4.09 9.02
N PHE A 800 11.86 -5.23 9.49
CA PHE A 800 12.28 -5.76 10.78
C PHE A 800 13.75 -6.17 10.77
N HIS A 801 14.17 -6.90 9.73
CA HIS A 801 15.56 -7.35 9.66
C HIS A 801 16.52 -6.18 9.53
N ILE A 802 16.15 -5.17 8.74
CA ILE A 802 16.98 -3.99 8.59
C ILE A 802 17.04 -3.20 9.89
N ARG A 803 15.92 -3.13 10.62
CA ARG A 803 15.93 -2.49 11.93
C ARG A 803 16.88 -3.19 12.88
N GLY A 804 16.87 -4.53 12.88
CA GLY A 804 17.83 -5.27 13.68
C GLY A 804 19.26 -5.03 13.24
N VAL A 805 19.48 -4.91 11.92
CA VAL A 805 20.82 -4.63 11.41
C VAL A 805 21.32 -3.30 11.94
N LEU A 806 20.47 -2.27 11.88
CA LEU A 806 20.87 -0.95 12.38
C LEU A 806 21.10 -0.97 13.88
N THR A 807 20.28 -1.73 14.63
CA THR A 807 20.54 -1.86 16.06
C THR A 807 21.88 -2.53 16.33
N TYR A 808 22.23 -3.55 15.54
CA TYR A 808 23.54 -4.17 15.68
C TYR A 808 24.65 -3.17 15.35
N ARG A 809 24.40 -2.30 14.37
CA ARG A 809 25.36 -1.23 14.10
C ARG A 809 25.55 -0.34 15.33
N ARG A 810 24.45 -0.02 16.02
CA ARG A 810 24.55 0.76 17.24
C ARG A 810 25.11 -0.02 18.42
N ALA A 811 25.17 -1.35 18.32
CA ALA A 811 25.40 -2.20 19.49
C ALA A 811 26.70 -1.87 20.22
N VAL A 812 27.84 -2.15 19.59
CA VAL A 812 29.12 -1.74 20.15
C VAL A 812 29.91 -1.02 19.07
N SER A 813 30.13 -1.69 17.94
CA SER A 813 30.86 -1.16 16.80
C SER A 813 32.29 -0.76 17.17
N GLY A 814 33.06 -0.31 16.18
CA GLY A 814 34.42 0.10 16.42
C GLY A 814 35.39 -1.06 16.58
N LEU A 815 34.90 -2.28 16.39
CA LEU A 815 35.75 -3.47 16.46
C LEU A 815 36.25 -3.92 15.10
N GLY A 816 35.80 -3.28 14.03
CA GLY A 816 36.21 -3.66 12.69
C GLY A 816 35.71 -5.01 12.24
N VAL A 817 34.48 -5.37 12.60
CA VAL A 817 33.88 -6.63 12.17
C VAL A 817 33.29 -6.41 10.78
N ALA A 818 33.06 -7.49 10.04
CA ALA A 818 32.57 -7.37 8.68
C ALA A 818 31.20 -6.68 8.67
N PRO A 819 30.96 -5.78 7.72
CA PRO A 819 29.68 -5.05 7.69
C PRO A 819 28.52 -5.90 7.20
N ILE A 820 27.37 -5.26 7.02
CA ILE A 820 26.14 -5.95 6.64
C ILE A 820 25.82 -5.64 5.18
N LEU A 821 26.86 -5.46 4.37
CA LEU A 821 26.68 -5.10 2.96
C LEU A 821 25.74 -6.09 2.27
N ASP A 822 24.90 -5.55 1.40
CA ASP A 822 23.78 -6.33 0.84
C ASP A 822 24.29 -7.50 0.03
N GLY A 823 23.47 -8.55 -0.02
CA GLY A 823 23.85 -9.83 -0.58
C GLY A 823 24.20 -10.87 0.46
N ASN A 824 24.42 -10.44 1.70
CA ASN A 824 24.74 -11.36 2.79
C ASN A 824 23.47 -11.81 3.50
N LYS A 825 23.62 -12.79 4.36
CA LYS A 825 22.53 -13.31 5.18
C LYS A 825 22.81 -12.94 6.64
N VAL A 826 21.76 -12.55 7.36
CA VAL A 826 21.87 -12.12 8.75
C VAL A 826 20.79 -12.81 9.56
N MET A 827 21.16 -13.28 10.75
CA MET A 827 20.14 -13.67 11.72
C MET A 827 19.56 -12.43 12.39
N VAL A 828 18.24 -12.47 12.61
CA VAL A 828 17.53 -11.41 13.31
C VAL A 828 16.94 -12.00 14.59
N LEU A 829 17.04 -11.25 15.68
CA LEU A 829 16.56 -11.68 16.99
C LEU A 829 15.71 -10.56 17.57
N PRO A 830 14.43 -10.79 17.80
CA PRO A 830 13.61 -9.77 18.48
C PRO A 830 14.04 -9.61 19.93
N LEU A 831 13.79 -8.41 20.46
CA LEU A 831 14.25 -8.06 21.80
C LEU A 831 13.04 -7.81 22.70
N ARG A 832 13.27 -7.97 24.00
CA ARG A 832 12.24 -7.72 25.00
C ARG A 832 11.99 -6.22 25.15
N GLU A 833 10.78 -5.87 25.58
CA GLU A 833 10.47 -4.50 25.88
C GLU A 833 11.27 -4.02 27.08
N GLY A 834 11.85 -2.83 26.97
CA GLY A 834 12.70 -2.30 28.01
C GLY A 834 14.16 -2.66 27.90
N ASN A 835 14.60 -3.18 26.74
CA ASN A 835 16.00 -3.53 26.56
C ASN A 835 16.85 -2.27 26.55
N PRO A 836 18.12 -2.38 27.00
CA PRO A 836 19.00 -1.20 26.98
C PRO A 836 19.39 -0.77 25.58
N PHE A 837 19.17 -1.61 24.57
CA PHE A 837 19.59 -1.27 23.22
C PHE A 837 18.79 -0.12 22.65
N GLY A 838 17.54 0.03 23.07
CA GLY A 838 16.65 1.06 22.55
C GLY A 838 15.80 0.64 21.38
N ASP A 839 16.04 -0.54 20.82
CA ASP A 839 15.24 -1.05 19.70
C ASP A 839 14.77 -2.46 20.02
N LYS A 840 13.92 -2.99 19.13
CA LYS A 840 13.22 -4.24 19.38
C LYS A 840 13.88 -5.46 18.73
N CYS A 841 14.94 -5.27 17.94
CA CYS A 841 15.57 -6.40 17.26
C CYS A 841 17.05 -6.11 17.05
N ILE A 842 17.80 -7.18 16.86
CA ILE A 842 19.22 -7.07 16.50
C ILE A 842 19.53 -8.13 15.45
N ALA A 843 20.27 -7.74 14.42
CA ALA A 843 20.57 -8.63 13.31
C ALA A 843 22.06 -8.61 13.01
N TRP A 844 22.66 -9.78 12.95
CA TRP A 844 24.09 -9.91 12.74
C TRP A 844 24.38 -10.88 11.60
N PRO A 845 25.52 -10.72 10.92
CA PRO A 845 25.80 -11.54 9.74
C PRO A 845 25.82 -13.02 10.08
N SER A 846 25.30 -13.83 9.16
CA SER A 846 25.06 -15.23 9.44
C SER A 846 26.36 -16.01 9.56
N GLY A 847 26.30 -17.10 10.32
CA GLY A 847 27.45 -17.92 10.57
C GLY A 847 28.47 -17.33 11.53
N THR A 848 28.12 -16.25 12.22
CA THR A 848 29.04 -15.55 13.11
C THR A 848 28.46 -15.47 14.51
N GLU A 849 29.34 -15.55 15.50
CA GLU A 849 28.96 -15.45 16.90
C GLU A 849 28.93 -14.00 17.32
N LEU A 850 27.89 -13.62 18.06
CA LEU A 850 27.79 -12.25 18.56
C LEU A 850 28.86 -12.01 19.62
N PRO A 851 29.44 -10.82 19.68
CA PRO A 851 30.48 -10.55 20.68
C PRO A 851 29.94 -10.66 22.11
N LYS A 852 30.84 -10.98 23.04
CA LYS A 852 30.47 -11.32 24.40
C LYS A 852 29.89 -10.15 25.19
N GLU A 853 30.28 -8.92 24.87
CA GLU A 853 30.04 -7.78 25.76
C GLU A 853 28.56 -7.56 26.08
N ILE A 854 27.65 -8.29 25.43
CA ILE A 854 26.22 -8.09 25.62
C ILE A 854 25.47 -9.38 25.90
N ARG A 855 26.12 -10.55 25.79
CA ARG A 855 25.39 -11.82 25.77
C ARG A 855 24.44 -11.96 26.94
N SER A 856 24.93 -11.75 28.16
CA SER A 856 24.09 -11.88 29.34
C SER A 856 22.87 -10.98 29.23
N ASP A 857 23.09 -9.71 28.89
CA ASP A 857 21.97 -8.80 28.69
C ASP A 857 21.06 -9.30 27.59
N VAL A 858 21.66 -9.80 26.50
CA VAL A 858 20.87 -10.45 25.44
C VAL A 858 20.03 -11.57 26.03
N LEU A 859 20.67 -12.42 26.85
CA LEU A 859 19.94 -13.53 27.46
C LEU A 859 18.82 -13.06 28.37
N SER A 860 18.87 -11.80 28.83
CA SER A 860 17.82 -11.25 29.67
C SER A 860 16.93 -10.27 28.94
N TRP A 861 17.12 -10.07 27.62
CA TRP A 861 16.28 -9.11 26.92
C TRP A 861 15.86 -9.60 25.53
N ILE A 862 15.87 -10.90 25.29
CA ILE A 862 15.29 -11.47 24.07
C ILE A 862 13.89 -11.99 24.41
N ASP A 863 12.88 -11.48 23.71
CA ASP A 863 11.51 -11.87 24.02
C ASP A 863 11.24 -13.28 23.53
N HIS A 864 11.58 -14.27 24.36
CA HIS A 864 11.42 -15.66 23.97
C HIS A 864 9.95 -16.00 23.73
N SER A 865 9.05 -15.43 24.54
CA SER A 865 7.63 -15.73 24.40
C SER A 865 7.09 -15.29 23.05
N THR A 866 7.36 -14.04 22.66
CA THR A 866 6.84 -13.53 21.39
C THR A 866 7.44 -14.26 20.20
N LEU A 867 8.75 -14.51 20.24
CA LEU A 867 9.39 -15.25 19.14
C LEU A 867 8.84 -16.67 19.05
N PHE A 868 8.69 -17.34 20.18
CA PHE A 868 8.16 -18.70 20.19
C PHE A 868 6.71 -18.73 19.70
N GLN A 869 5.96 -17.67 19.96
CA GLN A 869 4.58 -17.61 19.48
C GLN A 869 4.50 -17.28 18.00
N LYS A 870 5.40 -16.45 17.49
CA LYS A 870 5.32 -15.96 16.12
C LYS A 870 6.02 -16.89 15.13
N SER A 871 7.30 -17.19 15.36
CA SER A 871 8.05 -18.00 14.40
C SER A 871 7.54 -19.43 14.35
N PHE A 872 7.17 -19.99 15.50
CA PHE A 872 6.86 -21.41 15.60
C PHE A 872 5.39 -21.69 15.85
N VAL A 873 4.78 -21.02 16.83
CA VAL A 873 3.42 -21.37 17.23
C VAL A 873 2.42 -20.96 16.16
N LYS A 874 2.57 -19.78 15.57
CA LYS A 874 1.62 -19.33 14.55
C LYS A 874 1.60 -20.25 13.34
N PRO A 875 2.73 -20.65 12.73
CA PRO A 875 2.64 -21.63 11.64
C PRO A 875 2.03 -22.95 12.07
N LEU A 876 2.33 -23.42 13.29
CA LEU A 876 1.73 -24.67 13.75
C LEU A 876 0.22 -24.54 13.84
N ALA A 877 -0.27 -23.42 14.35
CA ALA A 877 -1.71 -23.20 14.41
C ALA A 877 -2.29 -23.18 13.01
N GLY A 878 -1.61 -22.53 12.07
CA GLY A 878 -2.11 -22.49 10.71
C GLY A 878 -2.27 -23.88 10.10
N MET A 879 -1.21 -24.68 10.16
CA MET A 879 -1.28 -26.03 9.58
C MET A 879 -2.30 -26.89 10.32
N CYS A 880 -2.33 -26.82 11.65
CA CYS A 880 -3.26 -27.66 12.40
C CYS A 880 -4.71 -27.31 12.07
N GLU A 881 -5.05 -26.02 12.05
CA GLU A 881 -6.40 -25.63 11.71
C GLU A 881 -6.72 -25.87 10.25
N SER A 882 -5.71 -25.97 9.39
CA SER A 882 -5.96 -26.37 8.00
C SER A 882 -6.02 -27.88 7.82
N ALA A 883 -5.63 -28.65 8.83
CA ALA A 883 -5.67 -30.10 8.76
C ALA A 883 -6.83 -30.70 9.54
N GLY A 884 -7.77 -29.89 10.00
CA GLY A 884 -8.85 -30.39 10.83
C GLY A 884 -8.38 -30.95 12.15
N MET A 885 -7.41 -30.27 12.78
CA MET A 885 -6.75 -30.78 13.97
C MET A 885 -6.39 -29.61 14.86
N ASP A 886 -6.16 -29.89 16.14
CA ASP A 886 -5.83 -28.86 17.11
C ASP A 886 -4.62 -29.28 17.92
N TYR A 887 -3.86 -28.29 18.37
CA TYR A 887 -2.62 -28.52 19.10
C TYR A 887 -2.69 -28.18 20.57
N GLU A 888 -3.68 -27.40 21.00
CA GLU A 888 -3.88 -27.06 22.41
C GLU A 888 -5.25 -27.59 22.83
N GLU A 889 -5.25 -28.53 23.77
CA GLU A 889 -6.50 -29.16 24.18
C GLU A 889 -7.37 -28.19 24.96
N LYS A 890 -8.64 -28.08 24.54
CA LYS A 890 -9.64 -27.29 25.24
C LYS A 890 -10.74 -28.14 25.84
N ALA A 891 -10.86 -29.41 25.43
CA ALA A 891 -11.87 -30.34 25.92
C ALA A 891 -13.27 -29.89 25.53
N SER A 892 -13.77 -28.83 26.18
CA SER A 892 -15.11 -28.31 25.92
C SER A 892 -16.12 -29.42 26.17
N LEU A 893 -17.24 -29.41 25.46
CA LEU A 893 -18.29 -30.41 25.63
C LEU A 893 -18.74 -30.95 24.29
N ASP A 894 -17.79 -31.12 23.36
CA ASP A 894 -18.13 -31.63 22.03
C ASP A 894 -18.69 -33.05 22.11
N PHE A 895 -18.10 -33.89 22.96
CA PHE A 895 -18.52 -35.28 23.05
C PHE A 895 -19.95 -35.42 23.56
N LEU A 896 -20.36 -34.56 24.49
CA LEU A 896 -21.70 -34.66 25.05
C LEU A 896 -22.78 -34.41 24.00
N PHE A 897 -22.52 -33.50 23.05
CA PHE A 897 -23.52 -33.20 22.03
C PHE A 897 -23.83 -34.42 21.17
N GLY A 898 -22.82 -35.18 20.78
CA GLY A 898 -23.02 -36.37 19.99
C GLY A 898 -23.47 -37.57 20.80
N MET B 1 -31.83 34.18 50.51
CA MET B 1 -32.75 33.23 49.90
C MET B 1 -32.88 31.98 50.74
N LYS B 2 -34.00 31.28 50.61
CA LYS B 2 -34.17 29.95 51.16
C LYS B 2 -34.94 29.11 50.16
N LEU B 3 -34.29 28.08 49.62
CA LEU B 3 -34.84 27.28 48.54
C LEU B 3 -35.38 25.98 49.12
N SER B 4 -36.65 25.70 48.84
CA SER B 4 -37.29 24.48 49.33
C SER B 4 -36.93 23.29 48.47
N LYS B 5 -37.32 22.10 48.94
CA LYS B 5 -36.98 20.87 48.23
C LYS B 5 -37.65 20.82 46.86
N ASP B 6 -38.90 21.24 46.76
CA ASP B 6 -39.62 21.19 45.50
C ASP B 6 -38.98 22.10 44.46
N THR B 7 -38.56 23.29 44.87
CA THR B 7 -37.88 24.20 43.95
C THR B 7 -36.58 23.60 43.43
N THR B 8 -35.80 22.99 44.31
CA THR B 8 -34.55 22.36 43.88
C THR B 8 -34.83 21.20 42.93
N ALA B 9 -35.85 20.39 43.23
CA ALA B 9 -36.21 19.28 42.34
C ALA B 9 -36.63 19.78 40.97
N LEU B 10 -37.36 20.90 40.92
CA LEU B 10 -37.73 21.48 39.64
C LEU B 10 -36.50 21.96 38.87
N LEU B 11 -35.67 22.77 39.52
CA LEU B 11 -34.60 23.41 38.76
C LEU B 11 -33.40 22.51 38.51
N LYS B 12 -33.31 21.35 39.17
CA LYS B 12 -32.29 20.38 38.76
C LYS B 12 -32.66 19.74 37.43
N ASN B 13 -33.95 19.42 37.25
CA ASN B 13 -34.37 18.89 35.93
C ASN B 13 -34.08 19.96 34.88
N PHE B 14 -34.30 21.24 35.21
CA PHE B 14 -34.00 22.35 34.27
C PHE B 14 -32.49 22.39 34.03
N ALA B 15 -31.69 22.16 35.08
CA ALA B 15 -30.22 22.15 34.93
C ALA B 15 -29.81 21.09 33.92
N THR B 16 -30.54 19.97 33.88
CA THR B 16 -30.26 18.90 32.89
C THR B 16 -30.33 19.49 31.48
N ILE B 17 -31.31 20.35 31.22
CA ILE B 17 -31.44 21.01 29.89
C ILE B 17 -30.27 21.97 29.68
N ASN B 18 -30.19 23.04 30.46
CA ASN B 18 -29.14 24.04 30.32
C ASN B 18 -28.33 24.09 31.60
N SER B 19 -26.99 23.99 31.46
CA SER B 19 -26.14 24.01 32.64
C SER B 19 -26.25 25.32 33.40
N GLY B 20 -26.23 26.44 32.68
CA GLY B 20 -26.36 27.74 33.31
C GLY B 20 -27.81 28.11 33.57
N ILE B 21 -27.98 29.20 34.32
CA ILE B 21 -29.31 29.73 34.62
C ILE B 21 -29.15 31.20 34.98
N MET B 22 -30.25 31.95 34.90
CA MET B 22 -30.27 33.37 35.20
C MET B 22 -31.42 33.62 36.15
N LEU B 23 -31.16 33.48 37.46
CA LEU B 23 -32.20 33.59 38.49
C LEU B 23 -32.53 35.06 38.69
N LYS B 24 -33.71 35.46 38.22
CA LYS B 24 -34.15 36.84 38.35
C LYS B 24 -35.05 37.01 39.56
N SER B 25 -35.29 38.27 39.93
CA SER B 25 -36.14 38.58 41.07
C SER B 25 -37.58 38.20 40.79
N GLY B 26 -38.24 37.62 41.79
CA GLY B 26 -39.63 37.23 41.66
C GLY B 26 -39.89 35.80 42.07
N GLN B 27 -40.85 35.16 41.42
CA GLN B 27 -41.21 33.77 41.69
C GLN B 27 -41.39 33.02 40.37
N PHE B 28 -40.52 33.31 39.40
CA PHE B 28 -40.61 32.75 38.06
C PHE B 28 -39.21 32.36 37.64
N ILE B 29 -38.99 31.07 37.40
CA ILE B 29 -37.69 30.55 36.99
C ILE B 29 -37.79 30.10 35.54
N MET B 30 -36.79 30.47 34.75
CA MET B 30 -36.80 30.30 33.31
C MET B 30 -35.49 29.66 32.85
N THR B 31 -35.57 28.86 31.79
CA THR B 31 -34.39 28.26 31.19
C THR B 31 -34.64 28.11 29.69
N ARG B 32 -33.56 28.24 28.92
CA ARG B 32 -33.61 27.97 27.48
C ARG B 32 -32.43 27.10 27.09
N ALA B 33 -32.63 26.30 26.04
CA ALA B 33 -31.53 25.52 25.49
C ALA B 33 -30.49 26.44 24.86
N VAL B 34 -29.23 26.04 24.97
CA VAL B 34 -28.15 26.83 24.36
C VAL B 34 -28.35 26.93 22.86
N ASN B 35 -28.76 25.83 22.23
CA ASN B 35 -29.09 25.83 20.80
C ASN B 35 -30.52 26.26 20.53
N GLY B 36 -31.28 26.63 21.56
CA GLY B 36 -32.65 27.10 21.38
C GLY B 36 -33.61 26.06 20.88
N THR B 37 -33.54 24.83 21.39
CA THR B 37 -34.44 23.77 21.00
C THR B 37 -35.51 23.45 22.04
N THR B 38 -35.25 23.73 23.31
CA THR B 38 -36.23 23.49 24.36
C THR B 38 -36.18 24.65 25.34
N TYR B 39 -37.36 25.06 25.83
CA TYR B 39 -37.46 26.24 26.67
C TYR B 39 -38.44 25.95 27.80
N ALA B 40 -37.97 26.06 29.04
CA ALA B 40 -38.69 25.56 30.20
C ALA B 40 -38.96 26.69 31.19
N GLU B 41 -40.11 26.59 31.86
CA GLU B 41 -40.57 27.63 32.76
C GLU B 41 -41.17 26.98 34.00
N ALA B 42 -41.12 27.70 35.12
CA ALA B 42 -41.83 27.24 36.31
C ALA B 42 -42.07 28.40 37.25
N ASN B 43 -43.07 28.24 38.11
CA ASN B 43 -43.38 29.20 39.17
C ASN B 43 -43.11 28.55 40.51
N ILE B 44 -42.42 29.28 41.39
CA ILE B 44 -42.00 28.74 42.67
C ILE B 44 -42.52 29.66 43.78
N SER B 45 -42.43 29.16 45.02
CA SER B 45 -42.98 29.85 46.18
C SER B 45 -41.91 30.57 46.99
N ASP B 46 -40.69 30.70 46.45
CA ASP B 46 -39.59 31.35 47.16
C ASP B 46 -39.42 32.79 46.69
N VAL B 47 -39.11 33.68 47.63
CA VAL B 47 -38.91 35.08 47.31
C VAL B 47 -37.51 35.28 46.78
N ILE B 48 -37.37 36.16 45.79
CA ILE B 48 -36.09 36.51 45.18
C ILE B 48 -35.98 38.02 45.14
N ASP B 49 -34.89 38.56 45.70
CA ASP B 49 -34.71 40.00 45.77
C ASP B 49 -33.56 40.54 44.93
N PHE B 50 -32.57 39.72 44.59
CA PHE B 50 -31.57 40.13 43.61
C PHE B 50 -31.44 39.04 42.55
N ASP B 51 -30.95 39.47 41.38
CA ASP B 51 -30.75 38.59 40.24
C ASP B 51 -29.29 38.14 40.19
N VAL B 52 -29.07 36.92 39.71
CA VAL B 52 -27.71 36.36 39.65
C VAL B 52 -27.68 35.27 38.59
N ALA B 53 -26.56 35.19 37.86
CA ALA B 53 -26.36 34.18 36.84
C ALA B 53 -25.46 33.07 37.38
N ILE B 54 -25.90 31.82 37.22
CA ILE B 54 -25.20 30.65 37.75
C ILE B 54 -24.65 29.85 36.57
N TYR B 55 -23.37 29.49 36.64
CA TYR B 55 -22.74 28.65 35.63
C TYR B 55 -22.79 27.18 35.99
N ASP B 56 -22.17 26.80 37.12
CA ASP B 56 -22.17 25.42 37.57
C ASP B 56 -23.34 25.22 38.54
N LEU B 57 -24.55 25.24 37.97
CA LEU B 57 -25.76 25.22 38.78
C LEU B 57 -25.92 23.88 39.49
N ASN B 58 -25.48 22.79 38.86
CA ASN B 58 -25.60 21.48 39.47
C ASN B 58 -24.71 21.37 40.71
N GLY B 59 -23.50 21.94 40.66
CA GLY B 59 -22.66 21.98 41.84
C GLY B 59 -23.27 22.84 42.93
N PHE B 60 -23.93 23.93 42.54
CA PHE B 60 -24.63 24.76 43.51
C PHE B 60 -25.71 23.95 44.22
N LEU B 61 -26.45 23.14 43.47
CA LEU B 61 -27.46 22.27 44.08
C LEU B 61 -26.82 21.20 44.96
N GLY B 62 -25.67 20.67 44.54
CA GLY B 62 -24.97 19.71 45.39
C GLY B 62 -24.59 20.33 46.73
N ILE B 63 -24.10 21.57 46.70
CA ILE B 63 -23.78 22.28 47.94
C ILE B 63 -25.04 22.50 48.76
N LEU B 64 -26.14 22.90 48.11
CA LEU B 64 -27.39 23.14 48.83
C LEU B 64 -27.90 21.89 49.51
N SER B 65 -27.90 20.75 48.80
CA SER B 65 -28.33 19.50 49.40
C SER B 65 -27.35 19.05 50.47
N LEU B 66 -26.09 19.44 50.36
CA LEU B 66 -25.13 19.14 51.41
C LEU B 66 -25.48 19.83 52.72
N VAL B 67 -26.08 21.01 52.67
CA VAL B 67 -26.30 21.82 53.86
C VAL B 67 -27.78 21.87 54.19
N ASN B 68 -28.13 22.48 55.31
CA ASN B 68 -29.50 22.51 55.79
C ASN B 68 -30.39 23.32 54.85
N ASP B 69 -31.69 23.05 54.92
CA ASP B 69 -32.65 23.69 54.03
C ASP B 69 -32.79 25.17 54.33
N ASP B 70 -32.59 25.59 55.58
CA ASP B 70 -32.74 26.97 55.97
C ASP B 70 -31.48 27.79 55.75
N ALA B 71 -30.58 27.34 54.87
CA ALA B 71 -29.41 28.12 54.52
C ALA B 71 -29.80 29.36 53.74
N GLU B 72 -29.17 30.48 54.05
CA GLU B 72 -29.54 31.77 53.49
C GLU B 72 -28.55 32.14 52.40
N ILE B 73 -29.07 32.63 51.27
CA ILE B 73 -28.27 32.94 50.09
C ILE B 73 -28.23 34.45 49.93
N SER B 74 -27.03 35.00 49.74
CA SER B 74 -26.83 36.45 49.66
C SER B 74 -25.82 36.79 48.57
N GLN B 75 -25.81 38.06 48.20
CA GLN B 75 -24.77 38.61 47.32
C GLN B 75 -23.51 38.82 48.15
N SER B 76 -22.47 38.05 47.86
CA SER B 76 -21.24 38.14 48.64
C SER B 76 -20.50 39.43 48.34
N GLU B 77 -19.56 39.77 49.22
CA GLU B 77 -18.84 41.03 49.11
C GLU B 77 -17.91 41.07 47.90
N ASP B 78 -17.52 39.91 47.36
CA ASP B 78 -16.63 39.86 46.20
C ASP B 78 -17.41 39.68 44.89
N GLY B 79 -18.64 40.20 44.84
CA GLY B 79 -19.45 40.06 43.64
C GLY B 79 -19.84 38.64 43.31
N ASN B 80 -20.12 37.83 44.32
CA ASN B 80 -20.43 36.41 44.11
C ASN B 80 -21.52 36.02 45.10
N ILE B 81 -21.70 34.71 45.28
CA ILE B 81 -22.81 34.17 46.07
C ILE B 81 -22.25 33.69 47.40
N LYS B 82 -22.94 34.02 48.49
CA LYS B 82 -22.58 33.58 49.83
C LYS B 82 -23.72 32.74 50.40
N ILE B 83 -23.37 31.57 50.93
CA ILE B 83 -24.34 30.66 51.53
C ILE B 83 -24.04 30.58 53.02
N ALA B 84 -24.93 31.12 53.84
CA ALA B 84 -24.77 31.12 55.28
C ALA B 84 -25.62 30.01 55.88
N ASP B 85 -24.96 29.03 56.48
CA ASP B 85 -25.64 27.94 57.15
C ASP B 85 -25.86 28.31 58.62
N ALA B 86 -26.41 27.37 59.39
CA ALA B 86 -26.56 27.60 60.82
C ALA B 86 -25.22 27.66 61.53
N ARG B 87 -24.19 27.02 60.96
CA ARG B 87 -22.88 26.99 61.59
C ARG B 87 -21.71 27.22 60.62
N SER B 88 -21.95 27.32 59.32
CA SER B 88 -20.85 27.40 58.35
C SER B 88 -21.18 28.43 57.28
N THR B 89 -20.13 28.86 56.58
CA THR B 89 -20.24 29.83 55.50
C THR B 89 -19.56 29.28 54.25
N ILE B 90 -20.21 29.44 53.10
CA ILE B 90 -19.74 28.91 51.83
C ILE B 90 -19.72 30.05 50.82
N PHE B 91 -18.75 30.02 49.91
CA PHE B 91 -18.65 30.97 48.82
C PHE B 91 -18.79 30.23 47.50
N TRP B 92 -19.55 30.82 46.56
CA TRP B 92 -19.76 30.24 45.25
C TRP B 92 -19.59 31.35 44.21
N PRO B 93 -18.78 31.14 43.18
CA PRO B 93 -18.57 32.18 42.17
C PRO B 93 -19.85 32.49 41.41
N ALA B 94 -19.98 33.75 41.02
CA ALA B 94 -21.12 34.22 40.23
C ALA B 94 -20.68 34.41 38.79
N ALA B 95 -21.36 33.74 37.87
CA ALA B 95 -21.02 33.82 36.46
C ALA B 95 -21.49 35.14 35.86
N ASP B 96 -20.82 35.55 34.80
CA ASP B 96 -21.24 36.75 34.07
C ASP B 96 -22.54 36.47 33.34
N PRO B 97 -23.55 37.35 33.47
CA PRO B 97 -24.83 37.08 32.78
C PRO B 97 -24.71 36.95 31.28
N SER B 98 -23.75 37.65 30.66
CA SER B 98 -23.57 37.54 29.22
C SER B 98 -23.08 36.16 28.78
N THR B 99 -22.46 35.41 29.68
CA THR B 99 -22.00 34.06 29.37
C THR B 99 -23.04 33.00 29.66
N VAL B 100 -24.23 33.38 30.12
CA VAL B 100 -25.30 32.44 30.43
C VAL B 100 -26.41 32.63 29.39
N VAL B 101 -26.79 31.54 28.73
CA VAL B 101 -27.84 31.59 27.70
C VAL B 101 -29.18 31.47 28.41
N ALA B 102 -29.90 32.58 28.52
CA ALA B 102 -31.18 32.62 29.20
C ALA B 102 -32.19 33.40 28.38
N PRO B 103 -33.48 33.07 28.49
CA PRO B 103 -34.50 33.81 27.75
C PRO B 103 -34.58 35.26 28.23
N ASN B 104 -34.90 36.15 27.30
CA ASN B 104 -35.04 37.57 27.61
C ASN B 104 -36.46 37.98 27.94
N LYS B 105 -37.46 37.14 27.62
CA LYS B 105 -38.85 37.46 27.87
C LYS B 105 -39.64 36.18 27.92
N PRO B 106 -40.74 36.13 28.69
CA PRO B 106 -41.63 34.96 28.63
C PRO B 106 -42.22 34.82 27.23
N ILE B 107 -42.34 33.57 26.78
CA ILE B 107 -42.83 33.26 25.45
C ILE B 107 -44.33 33.01 25.56
N PRO B 108 -45.18 33.81 24.92
CA PRO B 108 -46.62 33.54 24.92
C PRO B 108 -46.96 32.43 23.95
N PHE B 109 -47.32 31.27 24.48
CA PHE B 109 -47.64 30.13 23.63
C PHE B 109 -48.90 30.44 22.82
N PRO B 110 -48.88 30.24 21.51
CA PRO B 110 -50.07 30.54 20.70
C PRO B 110 -51.21 29.57 20.94
N VAL B 111 -52.32 29.75 20.23
CA VAL B 111 -53.46 28.86 20.38
C VAL B 111 -53.08 27.47 19.90
N ALA B 112 -53.37 26.46 20.72
CA ALA B 112 -52.98 25.09 20.40
C ALA B 112 -53.84 24.53 19.28
N SER B 113 -53.18 23.99 18.26
CA SER B 113 -53.93 23.33 17.18
C SER B 113 -54.53 22.01 17.67
N ALA B 114 -53.79 21.29 18.52
CA ALA B 114 -54.28 20.04 19.09
C ALA B 114 -54.02 20.03 20.59
N VAL B 115 -54.95 19.42 21.33
CA VAL B 115 -54.89 19.34 22.78
C VAL B 115 -55.03 17.88 23.19
N THR B 116 -54.15 17.43 24.09
CA THR B 116 -54.22 16.06 24.60
C THR B 116 -53.46 16.00 25.92
N GLU B 117 -53.27 14.79 26.45
CA GLU B 117 -52.54 14.61 27.68
C GLU B 117 -51.81 13.27 27.64
N ILE B 118 -50.72 13.18 28.40
CA ILE B 118 -49.92 11.97 28.52
C ILE B 118 -49.62 11.71 29.98
N LYS B 119 -49.69 10.45 30.39
CA LYS B 119 -49.51 10.07 31.78
C LYS B 119 -48.02 9.98 32.14
N ALA B 120 -47.76 9.92 33.44
CA ALA B 120 -46.38 9.87 33.92
C ALA B 120 -45.69 8.58 33.49
N GLU B 121 -46.31 7.44 33.77
CA GLU B 121 -45.68 6.15 33.46
C GLU B 121 -45.53 5.96 31.96
N ASP B 122 -46.46 6.49 31.16
CA ASP B 122 -46.32 6.40 29.72
C ASP B 122 -45.06 7.10 29.24
N LEU B 123 -44.84 8.34 29.71
CA LEU B 123 -43.64 9.07 29.32
C LEU B 123 -42.38 8.40 29.86
N GLN B 124 -42.44 7.86 31.08
CA GLN B 124 -41.29 7.18 31.65
C GLN B 124 -40.90 5.97 30.82
N GLN B 125 -41.89 5.15 30.45
CA GLN B 125 -41.62 4.00 29.59
C GLN B 125 -41.11 4.44 28.22
N LEU B 126 -41.67 5.54 27.69
CA LEU B 126 -41.22 6.05 26.41
C LEU B 126 -39.74 6.42 26.45
N LEU B 127 -39.33 7.13 27.51
CA LEU B 127 -37.93 7.53 27.62
C LEU B 127 -37.01 6.33 27.79
N ARG B 128 -37.41 5.37 28.63
CA ARG B 128 -36.56 4.19 28.82
C ARG B 128 -36.42 3.38 27.54
N VAL B 129 -37.53 3.18 26.83
CA VAL B 129 -37.47 2.50 25.54
C VAL B 129 -36.62 3.30 24.56
N SER B 130 -36.70 4.64 24.63
CA SER B 130 -35.92 5.49 23.73
C SER B 130 -34.43 5.29 23.94
N ARG B 131 -34.00 5.22 25.20
CA ARG B 131 -32.58 4.93 25.44
C ARG B 131 -32.25 3.51 25.00
N GLY B 132 -33.19 2.57 25.20
CA GLY B 132 -32.89 1.18 24.91
C GLY B 132 -32.68 0.90 23.43
N LEU B 133 -33.67 1.24 22.60
CA LEU B 133 -33.65 0.85 21.19
C LEU B 133 -33.03 1.88 20.28
N GLN B 134 -32.29 2.85 20.81
CA GLN B 134 -31.50 3.78 20.00
C GLN B 134 -32.37 4.58 19.04
N ILE B 135 -33.60 4.87 19.44
CA ILE B 135 -34.45 5.73 18.63
C ILE B 135 -34.09 7.18 18.94
N ASP B 136 -34.04 8.01 17.89
CA ASP B 136 -33.67 9.41 18.06
C ASP B 136 -34.79 10.33 17.61
N THR B 137 -35.72 9.83 16.80
CA THR B 137 -36.86 10.60 16.34
C THR B 137 -38.15 9.97 16.84
N ILE B 138 -39.10 10.81 17.23
CA ILE B 138 -40.44 10.37 17.59
C ILE B 138 -41.44 11.16 16.75
N ALA B 139 -42.39 10.43 16.17
CA ALA B 139 -43.40 11.00 15.28
C ALA B 139 -44.75 10.98 15.98
N ILE B 140 -45.34 12.15 16.15
CA ILE B 140 -46.69 12.28 16.67
C ILE B 140 -47.63 12.44 15.47
N THR B 141 -48.56 11.50 15.32
CA THR B 141 -49.46 11.50 14.18
C THR B 141 -50.82 10.98 14.63
N VAL B 142 -51.69 10.68 13.66
CA VAL B 142 -53.04 10.21 13.92
C VAL B 142 -53.21 8.84 13.28
N LYS B 143 -54.12 8.05 13.85
CA LYS B 143 -54.36 6.70 13.35
C LYS B 143 -55.78 6.28 13.77
N GLU B 144 -56.69 6.24 12.79
CA GLU B 144 -58.06 5.77 12.99
C GLU B 144 -58.76 6.56 14.11
N GLY B 145 -58.68 7.87 14.02
CA GLY B 145 -59.31 8.72 15.02
C GLY B 145 -58.61 8.74 16.35
N LYS B 146 -57.39 8.20 16.43
CA LYS B 146 -56.61 8.18 17.65
C LYS B 146 -55.24 8.79 17.38
N ILE B 147 -54.77 9.60 18.30
CA ILE B 147 -53.43 10.18 18.19
C ILE B 147 -52.41 9.17 18.73
N VAL B 148 -51.35 8.94 17.96
CA VAL B 148 -50.35 7.94 18.29
C VAL B 148 -48.97 8.58 18.23
N ILE B 149 -48.04 7.96 18.95
CA ILE B 149 -46.64 8.36 18.98
C ILE B 149 -45.79 7.16 18.60
N ASN B 150 -44.91 7.33 17.63
CA ASN B 150 -44.09 6.25 17.10
C ASN B 150 -42.62 6.62 17.21
N GLY B 151 -41.77 5.60 17.20
CA GLY B 151 -40.32 5.79 17.29
C GLY B 151 -39.64 5.38 16.01
N PHE B 152 -38.73 6.23 15.54
CA PHE B 152 -37.95 5.97 14.34
C PHE B 152 -36.51 6.39 14.58
N ASN B 153 -35.59 5.65 13.97
CA ASN B 153 -34.16 5.94 14.05
C ASN B 153 -33.73 6.59 12.75
N LYS B 154 -33.28 7.85 12.83
CA LYS B 154 -32.86 8.58 11.63
C LYS B 154 -31.58 8.01 11.04
N VAL B 155 -30.73 7.40 11.88
CA VAL B 155 -29.45 6.89 11.40
C VAL B 155 -29.66 5.77 10.39
N GLU B 156 -30.55 4.83 10.69
CA GLU B 156 -30.80 3.73 9.77
C GLU B 156 -31.87 4.05 8.74
N ASP B 157 -32.80 4.96 9.05
CA ASP B 157 -33.87 5.30 8.12
C ASP B 157 -34.11 6.81 8.20
N SER B 158 -33.73 7.51 7.14
CA SER B 158 -34.01 8.94 7.04
C SER B 158 -35.42 9.23 6.56
N ALA B 159 -36.12 8.24 6.02
CA ALA B 159 -37.49 8.41 5.56
C ALA B 159 -38.52 8.06 6.61
N LEU B 160 -38.10 7.48 7.74
CA LEU B 160 -38.98 7.14 8.85
C LEU B 160 -40.14 6.24 8.40
N THR B 161 -39.76 5.03 7.96
CA THR B 161 -40.74 4.04 7.53
C THR B 161 -40.50 2.70 8.21
N ARG B 162 -39.80 2.71 9.35
CA ARG B 162 -39.55 1.50 10.13
C ARG B 162 -40.07 1.74 11.55
N VAL B 163 -41.28 1.25 11.83
CA VAL B 163 -41.90 1.46 13.14
C VAL B 163 -41.22 0.52 14.14
N LYS B 164 -40.58 1.10 15.15
CA LYS B 164 -39.99 0.34 16.24
C LYS B 164 -40.76 0.45 17.54
N TYR B 165 -41.37 1.61 17.80
CA TYR B 165 -42.20 1.81 18.98
C TYR B 165 -43.51 2.46 18.54
N SER B 166 -44.55 2.24 19.34
CA SER B 166 -45.85 2.83 19.06
C SER B 166 -46.68 2.85 20.33
N LEU B 167 -47.32 3.98 20.60
CA LEU B 167 -48.22 4.10 21.73
C LEU B 167 -49.47 4.86 21.30
N THR B 168 -50.58 4.56 21.96
CA THR B 168 -51.83 5.26 21.75
C THR B 168 -52.07 6.20 22.91
N LEU B 169 -52.26 7.49 22.61
CA LEU B 169 -52.37 8.51 23.64
C LEU B 169 -53.82 8.91 23.94
N GLY B 170 -54.65 9.07 22.92
CA GLY B 170 -56.02 9.48 23.15
C GLY B 170 -56.79 9.55 21.86
N ASP B 171 -58.06 9.92 21.99
CA ASP B 171 -58.94 10.01 20.83
C ASP B 171 -58.66 11.26 20.03
N TYR B 172 -59.14 11.26 18.79
CA TYR B 172 -58.99 12.41 17.88
C TYR B 172 -60.20 12.46 16.96
N ASP B 173 -61.04 13.46 17.14
CA ASP B 173 -62.23 13.65 16.32
C ASP B 173 -62.02 14.89 15.46
N GLY B 174 -61.63 14.68 14.21
CA GLY B 174 -61.40 15.80 13.30
C GLY B 174 -60.92 15.30 11.97
N GLU B 175 -60.66 16.26 11.08
CA GLU B 175 -60.16 15.97 9.74
C GLU B 175 -58.80 16.58 9.44
N ASN B 176 -58.30 17.49 10.26
CA ASN B 176 -56.96 18.03 10.07
C ASN B 176 -55.93 16.96 10.37
N THR B 177 -55.00 16.74 9.45
CA THR B 177 -54.01 15.69 9.61
C THR B 177 -52.63 16.30 9.89
N PHE B 178 -51.80 15.54 10.61
CA PHE B 178 -50.51 16.06 11.00
C PHE B 178 -49.56 14.92 11.31
N ASN B 179 -48.26 15.22 11.22
CA ASN B 179 -47.21 14.29 11.59
C ASN B 179 -46.00 15.13 11.99
N PHE B 180 -45.77 15.25 13.29
CA PHE B 180 -44.67 16.03 13.84
C PHE B 180 -43.49 15.15 14.22
N ILE B 181 -42.29 15.68 14.02
CA ILE B 181 -41.05 14.96 14.31
C ILE B 181 -40.34 15.69 15.44
N ILE B 182 -39.99 14.94 16.49
CA ILE B 182 -39.27 15.49 17.64
C ILE B 182 -38.02 14.67 17.88
N ASN B 183 -36.90 15.35 18.06
CA ASN B 183 -35.65 14.65 18.39
C ASN B 183 -35.64 14.27 19.86
N MET B 184 -35.02 13.13 20.16
CA MET B 184 -34.99 12.62 21.52
C MET B 184 -34.17 13.48 22.47
N ALA B 185 -33.34 14.39 21.94
CA ALA B 185 -32.53 15.24 22.80
C ALA B 185 -33.35 16.26 23.56
N ASN B 186 -34.56 16.57 23.09
CA ASN B 186 -35.39 17.58 23.74
C ASN B 186 -36.37 17.00 24.76
N MET B 187 -36.50 15.68 24.82
CA MET B 187 -37.43 15.02 25.74
C MET B 187 -36.76 14.92 27.12
N LYS B 188 -36.55 16.09 27.73
CA LYS B 188 -35.79 16.18 28.97
C LYS B 188 -36.63 16.59 30.18
N MET B 189 -37.96 16.60 30.05
CA MET B 189 -38.80 16.99 31.18
C MET B 189 -38.80 15.90 32.24
N GLN B 190 -39.13 16.31 33.47
CA GLN B 190 -39.17 15.38 34.59
C GLN B 190 -40.31 14.39 34.42
N PRO B 191 -40.20 13.21 35.04
CA PRO B 191 -41.34 12.29 35.05
C PRO B 191 -42.54 12.92 35.74
N GLY B 192 -43.72 12.65 35.22
CA GLY B 192 -44.94 13.21 35.76
C GLY B 192 -46.00 13.33 34.69
N ASN B 193 -47.23 13.58 35.13
CA ASN B 193 -48.33 13.78 34.21
C ASN B 193 -48.15 15.09 33.44
N TYR B 194 -48.56 15.08 32.17
CA TYR B 194 -48.38 16.25 31.34
C TYR B 194 -49.58 16.43 30.42
N LYS B 195 -49.83 17.68 30.03
CA LYS B 195 -50.77 18.02 28.99
C LYS B 195 -49.98 18.50 27.78
N LEU B 196 -50.31 17.95 26.61
CA LEU B 196 -49.58 18.22 25.38
C LEU B 196 -50.42 19.13 24.48
N LEU B 197 -49.85 20.28 24.13
CA LEU B 197 -50.46 21.21 23.19
C LEU B 197 -49.59 21.26 21.94
N LEU B 198 -50.24 21.23 20.78
CA LEU B 198 -49.55 21.21 19.50
C LEU B 198 -50.01 22.41 18.67
N TRP B 199 -49.06 23.12 18.08
CA TRP B 199 -49.35 24.27 17.23
C TRP B 199 -48.54 24.14 15.96
N ALA B 200 -49.18 24.37 14.81
CA ALA B 200 -48.50 24.24 13.53
C ALA B 200 -49.19 25.14 12.51
N LYS B 201 -48.37 25.87 11.74
CA LYS B 201 -48.88 26.76 10.69
C LYS B 201 -47.76 26.94 9.67
N GLY B 202 -47.96 26.37 8.48
CA GLY B 202 -46.95 26.42 7.44
C GLY B 202 -45.64 25.80 7.87
N LYS B 203 -44.62 26.63 8.03
CA LYS B 203 -43.30 26.19 8.50
C LYS B 203 -43.00 26.77 9.88
N GLN B 204 -44.02 26.85 10.73
CA GLN B 204 -43.86 27.34 12.10
C GLN B 204 -44.63 26.41 13.01
N GLY B 205 -43.91 25.59 13.77
CA GLY B 205 -44.54 24.59 14.61
C GLY B 205 -43.87 24.48 15.95
N ALA B 206 -44.64 24.08 16.95
CA ALA B 206 -44.14 23.93 18.31
C ALA B 206 -45.05 22.98 19.09
N ALA B 207 -44.50 22.45 20.18
CA ALA B 207 -45.24 21.62 21.10
C ALA B 207 -44.95 22.07 22.52
N LYS B 208 -45.90 21.80 23.42
CA LYS B 208 -45.77 22.22 24.81
C LYS B 208 -46.25 21.12 25.74
N PHE B 209 -45.40 20.75 26.69
CA PHE B 209 -45.73 19.80 27.75
C PHE B 209 -45.87 20.58 29.05
N GLU B 210 -47.09 20.75 29.52
CA GLU B 210 -47.34 21.46 30.77
C GLU B 210 -47.74 20.47 31.84
N GLY B 211 -46.98 20.44 32.94
CA GLY B 211 -47.29 19.60 34.07
C GLY B 211 -47.87 20.39 35.23
N GLU B 212 -47.90 19.74 36.39
CA GLU B 212 -48.47 20.37 37.56
C GLU B 212 -47.56 21.44 38.15
N HIS B 213 -46.26 21.40 37.84
CA HIS B 213 -45.32 22.37 38.39
C HIS B 213 -44.63 23.20 37.32
N ALA B 214 -44.23 22.56 36.22
CA ALA B 214 -43.38 23.21 35.22
C ALA B 214 -43.90 22.98 33.82
N ASN B 215 -43.52 23.87 32.91
CA ASN B 215 -43.90 23.79 31.50
C ASN B 215 -42.65 23.71 30.65
N TYR B 216 -42.75 22.98 29.54
CA TYR B 216 -41.66 22.83 28.59
C TYR B 216 -42.19 23.10 27.18
N VAL B 217 -41.36 23.72 26.36
CA VAL B 217 -41.70 24.00 24.97
C VAL B 217 -40.62 23.40 24.08
N VAL B 218 -41.05 22.63 23.08
CA VAL B 218 -40.17 21.87 22.21
C VAL B 218 -40.43 22.28 20.77
N ALA B 219 -39.35 22.50 20.03
CA ALA B 219 -39.46 22.82 18.62
C ALA B 219 -39.79 21.57 17.81
N LEU B 220 -40.36 21.79 16.62
CA LEU B 220 -40.71 20.71 15.70
C LEU B 220 -39.81 20.80 14.48
N GLU B 221 -39.28 19.65 14.06
CA GLU B 221 -38.41 19.60 12.90
C GLU B 221 -39.19 19.95 11.63
N ALA B 222 -38.49 20.56 10.67
CA ALA B 222 -39.12 20.97 9.42
C ALA B 222 -39.67 19.80 8.62
N ASP B 223 -39.19 18.58 8.87
CA ASP B 223 -39.70 17.41 8.18
C ASP B 223 -41.14 17.10 8.57
N SER B 224 -41.66 17.71 9.63
CA SER B 224 -43.05 17.51 10.03
C SER B 224 -43.99 18.01 8.94
N THR B 225 -45.03 17.23 8.65
CA THR B 225 -46.02 17.64 7.62
C THR B 225 -47.42 17.69 8.27
N HIS B 226 -48.03 18.87 8.32
CA HIS B 226 -49.39 19.01 8.91
C HIS B 226 -50.35 19.56 7.86
N ASP B 227 -51.66 19.31 8.03
CA ASP B 227 -52.67 19.83 7.09
C ASP B 227 -53.73 20.58 7.90
N PHE B 228 -53.38 21.76 8.42
CA PHE B 228 -54.32 22.52 9.28
C PHE B 228 -54.92 23.67 8.48
N MET C 1 8.68 32.87 -53.54
CA MET C 1 8.84 32.22 -52.24
C MET C 1 10.13 31.40 -52.17
N LYS C 2 10.91 31.65 -51.11
CA LYS C 2 12.20 31.00 -50.97
C LYS C 2 12.03 29.52 -50.67
N GLU C 3 13.03 28.73 -51.04
CA GLU C 3 13.03 27.29 -50.82
C GLU C 3 12.97 26.97 -49.33
N PHE C 4 11.85 26.42 -48.86
CA PHE C 4 11.71 26.05 -47.46
C PHE C 4 11.66 24.53 -47.33
N TYR C 5 12.21 24.04 -46.22
CA TYR C 5 12.38 22.61 -46.01
C TYR C 5 11.13 21.99 -45.42
N ILE C 6 10.85 20.76 -45.82
CA ILE C 6 9.73 20.01 -45.26
C ILE C 6 10.18 19.17 -44.07
N SER C 7 11.26 18.43 -44.22
CA SER C 7 11.77 17.61 -43.13
C SER C 7 13.25 17.33 -43.36
N ILE C 8 13.95 17.03 -42.28
CA ILE C 8 15.39 16.83 -42.29
C ILE C 8 15.74 15.60 -41.46
N GLU C 9 16.57 14.72 -42.01
CA GLU C 9 17.08 13.56 -41.28
C GLU C 9 18.56 13.40 -41.61
N THR C 10 19.23 12.56 -40.83
CA THR C 10 20.65 12.28 -41.02
C THR C 10 20.82 10.81 -41.39
N VAL C 11 21.50 10.56 -42.51
CA VAL C 11 21.80 9.20 -42.95
C VAL C 11 23.31 9.07 -43.00
N GLY C 12 23.85 8.23 -42.11
CA GLY C 12 25.30 8.05 -42.05
C GLY C 12 25.99 9.36 -41.74
N ASN C 13 27.02 9.66 -42.54
CA ASN C 13 27.75 10.91 -42.40
C ASN C 13 27.13 12.05 -43.21
N ASN C 14 26.04 11.78 -43.94
CA ASN C 14 25.38 12.77 -44.76
C ASN C 14 24.04 13.15 -44.12
N ILE C 15 23.47 14.26 -44.61
CA ILE C 15 22.18 14.73 -44.13
C ILE C 15 21.24 14.83 -45.33
N VAL C 16 20.08 14.19 -45.22
CA VAL C 16 19.08 14.19 -46.29
C VAL C 16 17.94 15.09 -45.85
N GLU C 17 17.29 15.70 -46.83
CA GLU C 17 16.18 16.60 -46.52
C GLU C 17 15.19 16.63 -47.67
N ARG C 18 13.92 16.73 -47.31
CA ARG C 18 12.85 16.99 -48.25
C ARG C 18 12.42 18.44 -48.09
N TYR C 19 12.33 19.17 -49.21
CA TYR C 19 12.08 20.59 -49.21
C TYR C 19 11.10 20.93 -50.31
N ILE C 20 10.59 22.16 -50.28
CA ILE C 20 9.76 22.71 -51.35
C ILE C 20 10.63 23.67 -52.15
N ASP C 21 10.79 23.39 -53.43
CA ASP C 21 11.68 24.17 -54.27
C ASP C 21 11.06 25.54 -54.56
N GLU C 22 11.83 26.39 -55.24
CA GLU C 22 11.35 27.71 -55.62
C GLU C 22 10.22 27.64 -56.64
N ASN C 23 10.04 26.48 -57.28
CA ASN C 23 8.98 26.28 -58.26
C ASN C 23 7.72 25.69 -57.66
N GLY C 24 7.67 25.52 -56.34
CA GLY C 24 6.51 24.93 -55.70
C GLY C 24 6.38 23.43 -55.88
N LYS C 25 7.49 22.70 -55.80
CA LYS C 25 7.47 21.24 -55.90
C LYS C 25 8.34 20.67 -54.80
N GLU C 26 8.07 19.42 -54.44
CA GLU C 26 8.81 18.75 -53.37
C GLU C 26 9.99 17.98 -53.93
N ARG C 27 11.16 18.20 -53.35
CA ARG C 27 12.39 17.57 -53.80
C ARG C 27 13.21 17.08 -52.62
N THR C 28 13.99 16.03 -52.85
CA THR C 28 14.83 15.43 -51.84
C THR C 28 16.29 15.59 -52.22
N ARG C 29 17.11 16.06 -51.28
CA ARG C 29 18.52 16.27 -51.54
C ARG C 29 19.35 15.77 -50.36
N GLU C 30 20.53 15.25 -50.67
CA GLU C 30 21.46 14.75 -49.68
C GLU C 30 22.76 15.55 -49.77
N VAL C 31 23.24 16.03 -48.63
CA VAL C 31 24.41 16.90 -48.57
C VAL C 31 25.39 16.32 -47.55
N GLU C 32 26.68 16.33 -47.90
CA GLU C 32 27.74 15.93 -46.96
C GLU C 32 28.15 17.18 -46.19
N TYR C 33 27.41 17.46 -45.13
CA TYR C 33 27.64 18.65 -44.33
C TYR C 33 28.98 18.56 -43.60
N LEU C 34 29.58 19.73 -43.36
CA LEU C 34 30.90 19.84 -42.73
C LEU C 34 30.81 20.83 -41.58
N PRO C 35 30.40 20.38 -40.40
CA PRO C 35 30.29 21.28 -39.24
C PRO C 35 31.65 21.82 -38.82
N THR C 36 31.62 23.03 -38.27
CA THR C 36 32.82 23.71 -37.78
C THR C 36 32.66 23.96 -36.29
N MET C 37 33.58 23.41 -35.49
CA MET C 37 33.53 23.55 -34.05
C MET C 37 34.50 24.64 -33.59
N PHE C 38 34.55 24.84 -32.27
CA PHE C 38 35.41 25.85 -31.67
C PHE C 38 36.00 25.29 -30.38
N ARG C 39 37.11 25.88 -29.94
CA ARG C 39 37.75 25.45 -28.71
C ARG C 39 38.37 26.64 -28.00
N HIS C 40 38.54 26.50 -26.69
CA HIS C 40 39.21 27.54 -25.91
C HIS C 40 40.64 27.74 -26.40
N CYS C 41 41.03 28.99 -26.61
CA CYS C 41 42.37 29.32 -27.07
C CYS C 41 42.93 30.48 -26.26
N LYS C 42 44.24 30.47 -26.08
CA LYS C 42 44.91 31.51 -25.31
C LYS C 42 45.05 32.81 -26.11
N GLU C 43 45.28 32.72 -27.41
CA GLU C 43 45.47 33.89 -28.24
C GLU C 43 44.12 34.57 -28.53
N GLU C 44 44.20 35.75 -29.12
CA GLU C 44 43.00 36.51 -29.44
C GLU C 44 42.19 35.82 -30.52
N SER C 45 40.87 36.02 -30.47
CA SER C 45 39.96 35.46 -31.46
C SER C 45 38.68 36.29 -31.45
N LYS C 46 38.22 36.69 -32.64
CA LYS C 46 37.00 37.48 -32.73
C LYS C 46 35.77 36.67 -32.34
N TYR C 47 35.83 35.34 -32.45
CA TYR C 47 34.74 34.48 -32.00
C TYR C 47 34.85 34.29 -30.50
N LYS C 48 33.93 34.90 -29.75
CA LYS C 48 33.90 34.81 -28.31
C LYS C 48 32.64 34.10 -27.86
N ASP C 49 32.77 33.29 -26.81
CA ASP C 49 31.62 32.61 -26.23
C ASP C 49 30.83 33.59 -25.36
N ILE C 50 29.86 33.07 -24.61
CA ILE C 50 29.10 33.93 -23.71
C ILE C 50 29.98 34.46 -22.59
N TYR C 51 31.01 33.71 -22.20
CA TYR C 51 31.93 34.15 -21.16
C TYR C 51 32.87 35.25 -21.63
N GLY C 52 32.93 35.51 -22.94
CA GLY C 52 33.78 36.55 -23.48
C GLY C 52 35.20 36.13 -23.82
N LYS C 53 35.60 34.92 -23.45
CA LYS C 53 36.94 34.46 -23.76
C LYS C 53 37.05 34.08 -25.24
N ASN C 54 38.26 34.17 -25.76
CA ASN C 54 38.49 33.89 -27.17
C ASN C 54 38.30 32.41 -27.48
N CYS C 55 37.87 32.13 -28.71
CA CYS C 55 37.58 30.77 -29.15
C CYS C 55 38.15 30.57 -30.54
N ALA C 56 39.07 29.62 -30.67
CA ALA C 56 39.67 29.29 -31.95
C ALA C 56 38.76 28.36 -32.74
N PRO C 57 38.46 28.68 -34.00
CA PRO C 57 37.62 27.79 -34.81
C PRO C 57 38.40 26.58 -35.29
N GLN C 58 37.65 25.61 -35.82
CA GLN C 58 38.24 24.39 -36.36
C GLN C 58 37.23 23.73 -37.28
N LYS C 59 37.56 23.65 -38.56
CA LYS C 59 36.67 23.02 -39.54
C LYS C 59 36.92 21.52 -39.58
N PHE C 60 35.85 20.77 -39.83
CA PHE C 60 35.94 19.32 -39.84
C PHE C 60 35.32 18.77 -41.12
N PRO C 61 35.84 17.64 -41.62
CA PRO C 61 35.36 17.11 -42.90
C PRO C 61 34.16 16.18 -42.79
N SER C 62 33.96 15.56 -41.63
CA SER C 62 32.92 14.55 -41.48
C SER C 62 32.30 14.62 -40.10
N MET C 63 31.06 14.12 -40.01
CA MET C 63 30.34 14.12 -38.73
C MET C 63 30.98 13.18 -37.73
N LYS C 64 31.32 11.95 -38.15
CA LYS C 64 31.85 10.96 -37.22
C LYS C 64 33.21 11.39 -36.67
N ASP C 65 34.06 11.97 -37.52
CA ASP C 65 35.36 12.43 -37.04
C ASP C 65 35.21 13.60 -36.07
N ALA C 66 34.19 14.45 -36.30
CA ALA C 66 33.90 15.51 -35.33
C ALA C 66 33.46 14.92 -34.00
N ARG C 67 32.61 13.89 -34.02
CA ARG C 67 32.21 13.24 -32.79
C ARG C 67 33.41 12.62 -32.08
N ASP C 68 34.32 12.01 -32.84
CA ASP C 68 35.53 11.47 -32.26
C ASP C 68 36.36 12.58 -31.61
N TRP C 69 36.42 13.76 -32.25
CA TRP C 69 37.16 14.87 -31.68
C TRP C 69 36.56 15.32 -30.36
N MET C 70 35.24 15.45 -30.30
CA MET C 70 34.64 15.89 -29.03
C MET C 70 34.81 14.83 -27.96
N LYS C 71 34.81 13.55 -28.35
CA LYS C 71 35.15 12.51 -27.39
C LYS C 71 36.57 12.67 -26.87
N ARG C 72 37.50 13.01 -27.76
CA ARG C 72 38.88 13.22 -27.35
C ARG C 72 39.00 14.37 -26.37
N MET C 73 38.31 15.48 -26.63
CA MET C 73 38.31 16.57 -25.66
C MET C 73 37.62 16.17 -24.36
N GLU C 74 36.63 15.29 -24.44
CA GLU C 74 35.93 14.84 -23.23
C GLU C 74 36.86 14.03 -22.33
N ASP C 75 37.63 13.11 -22.91
CA ASP C 75 38.45 12.24 -22.07
C ASP C 75 39.70 12.95 -21.53
N ILE C 76 40.03 14.14 -22.03
CA ILE C 76 41.14 14.91 -21.49
C ILE C 76 40.69 16.04 -20.59
N GLY C 77 39.39 16.15 -20.34
CA GLY C 77 38.88 17.21 -19.48
C GLY C 77 39.09 18.60 -20.02
N LEU C 78 38.99 18.77 -21.34
CA LEU C 78 39.12 20.07 -21.98
C LEU C 78 37.81 20.44 -22.65
N GLU C 79 37.34 21.66 -22.38
CA GLU C 79 36.06 22.10 -22.90
C GLU C 79 36.14 22.33 -24.41
N ALA C 80 35.18 21.76 -25.14
CA ALA C 80 35.09 21.90 -26.59
C ALA C 80 33.84 22.70 -26.93
N LEU C 81 34.02 23.80 -27.65
CA LEU C 81 32.94 24.72 -27.96
C LEU C 81 32.29 24.35 -29.29
N GLY C 82 31.45 25.24 -29.79
CA GLY C 82 30.62 24.96 -30.94
C GLY C 82 29.23 24.50 -30.50
N MET C 83 28.52 23.90 -31.44
CA MET C 83 27.23 23.31 -31.16
C MET C 83 27.29 21.80 -31.44
N ASN C 84 26.67 21.02 -30.56
CA ASN C 84 26.78 19.57 -30.63
C ASN C 84 25.88 18.98 -31.72
N ASP C 85 24.58 19.27 -31.66
CA ASP C 85 23.66 18.82 -32.69
C ASP C 85 23.97 19.51 -34.00
N PHE C 86 23.82 18.78 -35.11
CA PHE C 86 24.29 19.27 -36.40
C PHE C 86 23.18 19.56 -37.40
N LYS C 87 21.97 19.02 -37.21
CA LYS C 87 20.87 19.40 -38.08
C LYS C 87 20.54 20.88 -37.94
N LEU C 88 20.58 21.39 -36.72
CA LEU C 88 20.34 22.82 -36.48
C LEU C 88 21.40 23.67 -37.17
N ALA C 89 22.67 23.25 -37.06
CA ALA C 89 23.74 23.98 -37.73
C ALA C 89 23.58 23.96 -39.23
N TYR C 90 23.20 22.80 -39.78
CA TYR C 90 22.96 22.70 -41.22
C TYR C 90 21.86 23.67 -41.64
N ILE C 91 20.77 23.69 -40.87
CA ILE C 91 19.62 24.60 -41.18
C ILE C 91 20.13 26.04 -41.15
N SER C 92 20.78 26.45 -40.06
CA SER C 92 21.22 27.86 -39.92
C SER C 92 22.06 28.27 -41.12
N ASP C 93 23.05 27.46 -41.50
CA ASP C 93 23.95 27.80 -42.63
C ASP C 93 23.17 27.74 -43.95
N THR C 94 22.28 26.75 -44.10
CA THR C 94 21.51 26.59 -45.36
C THR C 94 20.61 27.80 -45.59
N TYR C 95 20.05 28.38 -44.53
CA TYR C 95 19.07 29.50 -44.72
C TYR C 95 19.68 30.83 -44.23
N GLY C 96 20.06 30.90 -42.95
CA GLY C 96 20.59 32.13 -42.42
C GLY C 96 19.55 33.21 -42.26
N SER C 97 19.02 33.71 -43.37
CA SER C 97 17.96 34.70 -43.33
C SER C 97 16.65 34.06 -42.89
N GLU C 98 15.69 34.90 -42.54
CA GLU C 98 14.38 34.40 -42.15
C GLU C 98 13.70 33.72 -43.34
N ILE C 99 12.85 32.76 -43.05
CA ILE C 99 12.27 31.88 -44.07
C ILE C 99 10.79 32.23 -44.23
N VAL C 100 10.37 32.39 -45.47
CA VAL C 100 8.96 32.65 -45.80
C VAL C 100 8.35 31.35 -46.30
N TYR C 101 7.16 31.02 -45.80
CA TYR C 101 6.52 29.75 -46.09
C TYR C 101 5.05 29.95 -46.41
N ASP C 102 4.49 29.01 -47.17
CA ASP C 102 3.07 28.98 -47.48
C ASP C 102 2.49 27.67 -46.94
N ARG C 103 1.46 27.79 -46.10
CA ARG C 103 0.89 26.62 -45.44
C ARG C 103 0.28 25.63 -46.43
N LYS C 104 -0.13 26.09 -47.61
CA LYS C 104 -0.81 25.21 -48.55
C LYS C 104 0.10 24.08 -49.01
N PHE C 105 1.37 24.38 -49.29
CA PHE C 105 2.25 23.39 -49.94
C PHE C 105 2.59 22.24 -49.01
N VAL C 106 2.80 22.51 -47.72
CA VAL C 106 3.15 21.45 -46.79
C VAL C 106 1.95 20.54 -46.60
N ARG C 107 2.17 19.23 -46.76
CA ARG C 107 1.09 18.25 -46.73
C ARG C 107 0.91 17.72 -45.31
N VAL C 108 -0.30 17.89 -44.78
CA VAL C 108 -0.64 17.42 -43.44
C VAL C 108 -1.69 16.32 -43.60
N ALA C 109 -1.37 15.13 -43.10
CA ALA C 109 -2.25 13.98 -43.20
C ALA C 109 -2.86 13.71 -41.83
N ASN C 110 -4.17 13.76 -41.75
CA ASN C 110 -4.90 13.58 -40.50
C ASN C 110 -5.61 12.23 -40.55
N CYS C 111 -5.25 11.34 -39.64
CA CYS C 111 -5.64 9.94 -39.77
C CYS C 111 -6.27 9.40 -38.49
N ASP C 112 -7.07 8.36 -38.67
CA ASP C 112 -7.63 7.62 -37.55
C ASP C 112 -8.00 6.21 -38.03
N ILE C 113 -8.04 5.28 -37.08
CA ILE C 113 -8.35 3.88 -37.37
C ILE C 113 -9.42 3.42 -36.38
N GLU C 114 -10.11 2.34 -36.76
CA GLU C 114 -11.09 1.70 -35.89
C GLU C 114 -10.84 0.20 -35.91
N VAL C 115 -10.84 -0.40 -34.73
CA VAL C 115 -10.59 -1.83 -34.57
C VAL C 115 -11.69 -2.43 -33.70
N THR C 116 -12.18 -3.59 -34.09
CA THR C 116 -13.23 -4.30 -33.36
C THR C 116 -12.65 -5.53 -32.68
N GLY C 117 -12.88 -5.65 -31.39
CA GLY C 117 -12.39 -6.80 -30.64
C GLY C 117 -13.16 -7.05 -29.37
N ASP C 118 -13.27 -8.32 -28.97
CA ASP C 118 -14.00 -8.69 -27.77
C ASP C 118 -13.36 -8.05 -26.55
N LYS C 119 -12.11 -8.42 -26.24
CA LYS C 119 -11.37 -7.73 -25.21
C LYS C 119 -10.89 -6.37 -25.73
N PHE C 120 -10.55 -5.49 -24.81
CA PHE C 120 -10.06 -4.17 -25.22
C PHE C 120 -8.81 -4.32 -26.06
N PRO C 121 -8.78 -3.76 -27.27
CA PRO C 121 -7.62 -3.95 -28.15
C PRO C 121 -6.36 -3.37 -27.52
N ASP C 122 -5.25 -4.08 -27.70
CA ASP C 122 -3.98 -3.69 -27.10
C ASP C 122 -3.13 -3.00 -28.16
N PRO C 123 -2.72 -1.75 -27.95
CA PRO C 123 -1.87 -1.08 -28.94
C PRO C 123 -0.54 -1.79 -29.17
N MET C 124 0.02 -2.42 -28.14
CA MET C 124 1.35 -3.00 -28.26
C MET C 124 1.39 -4.28 -29.08
N LYS C 125 0.40 -5.16 -28.95
CA LYS C 125 0.41 -6.43 -29.66
C LYS C 125 -0.52 -6.50 -30.85
N ALA C 126 -1.68 -5.83 -30.79
CA ALA C 126 -2.58 -5.70 -31.93
C ALA C 126 -2.99 -7.08 -32.48
N GLU C 127 -3.69 -7.82 -31.63
CA GLU C 127 -4.17 -9.13 -32.03
C GLU C 127 -5.20 -9.02 -33.16
N TYR C 128 -6.14 -8.09 -33.05
CA TYR C 128 -7.30 -8.08 -33.91
C TYR C 128 -6.96 -7.51 -35.28
N GLU C 129 -7.93 -7.57 -36.18
CA GLU C 129 -7.78 -7.08 -37.54
C GLU C 129 -8.04 -5.58 -37.60
N ILE C 130 -7.73 -5.00 -38.75
CA ILE C 130 -8.01 -3.60 -39.03
C ILE C 130 -9.07 -3.58 -40.13
N ASP C 131 -10.12 -2.79 -39.94
CA ASP C 131 -11.22 -2.75 -40.91
C ASP C 131 -11.64 -1.36 -41.33
N ALA C 132 -11.43 -0.33 -40.51
CA ALA C 132 -11.80 1.03 -40.86
C ALA C 132 -10.59 1.93 -40.73
N ILE C 133 -10.22 2.58 -41.83
CA ILE C 133 -9.12 3.54 -41.86
C ILE C 133 -9.64 4.82 -42.50
N THR C 134 -9.36 5.97 -41.89
CA THR C 134 -9.65 7.25 -42.50
C THR C 134 -8.38 8.09 -42.56
N HIS C 135 -8.09 8.64 -43.73
CA HIS C 135 -6.86 9.37 -43.97
C HIS C 135 -7.22 10.62 -44.77
N TYR C 136 -7.15 11.78 -44.15
CA TYR C 136 -7.51 13.04 -44.79
C TYR C 136 -6.24 13.74 -45.24
N ASP C 137 -6.19 14.08 -46.52
CA ASP C 137 -5.04 14.75 -47.12
C ASP C 137 -5.42 16.19 -47.45
N SER C 138 -4.57 17.13 -47.03
CA SER C 138 -4.85 18.54 -47.23
C SER C 138 -4.45 19.01 -48.62
N ILE C 139 -3.37 18.48 -49.19
CA ILE C 139 -2.99 18.82 -50.55
C ILE C 139 -4.10 18.44 -51.52
N ASP C 140 -4.57 17.20 -51.43
CA ASP C 140 -5.69 16.76 -52.22
C ASP C 140 -7.03 17.08 -51.56
N ASP C 141 -7.03 17.43 -50.28
CA ASP C 141 -8.23 17.82 -49.54
C ASP C 141 -9.30 16.74 -49.64
N ARG C 142 -8.88 15.49 -49.47
CA ARG C 142 -9.79 14.36 -49.65
C ARG C 142 -9.67 13.39 -48.49
N PHE C 143 -10.79 12.76 -48.17
CA PHE C 143 -10.87 11.76 -47.11
C PHE C 143 -10.83 10.38 -47.76
N TYR C 144 -9.65 9.76 -47.80
CA TYR C 144 -9.54 8.38 -48.25
C TYR C 144 -10.02 7.48 -47.12
N VAL C 145 -11.14 6.80 -47.33
CA VAL C 145 -11.70 5.91 -46.32
C VAL C 145 -11.56 4.48 -46.82
N PHE C 146 -10.65 3.74 -46.19
CA PHE C 146 -10.49 2.31 -46.46
C PHE C 146 -11.45 1.54 -45.57
N ASP C 147 -12.26 0.69 -46.19
CA ASP C 147 -13.30 -0.05 -45.47
C ASP C 147 -13.14 -1.53 -45.81
N LEU C 148 -13.02 -2.36 -44.78
CA LEU C 148 -12.85 -3.79 -44.94
C LEU C 148 -14.17 -4.48 -44.62
N LEU C 149 -14.66 -5.29 -45.56
CA LEU C 149 -15.95 -5.97 -45.40
C LEU C 149 -15.79 -7.37 -44.81
N ASN C 150 -15.03 -8.22 -45.48
CA ASN C 150 -14.90 -9.63 -45.08
C ASN C 150 -13.78 -9.74 -44.06
N SER C 151 -14.16 -9.69 -42.79
CA SER C 151 -13.23 -9.90 -41.68
C SER C 151 -13.40 -11.31 -41.13
N MET C 152 -12.73 -11.60 -40.03
CA MET C 152 -12.96 -12.82 -39.29
C MET C 152 -14.13 -12.72 -38.33
N TYR C 153 -14.77 -11.55 -38.26
CA TYR C 153 -15.93 -11.34 -37.40
C TYR C 153 -17.23 -11.28 -38.20
N GLY C 154 -17.21 -11.70 -39.47
CA GLY C 154 -18.42 -11.70 -40.27
C GLY C 154 -18.47 -10.59 -41.29
N SER C 155 -18.79 -10.92 -42.54
CA SER C 155 -18.86 -9.91 -43.59
C SER C 155 -20.05 -8.98 -43.36
N VAL C 156 -19.95 -7.78 -43.92
CA VAL C 156 -20.98 -6.76 -43.82
C VAL C 156 -21.17 -6.10 -45.18
N SER C 157 -22.26 -5.37 -45.30
CA SER C 157 -22.61 -4.70 -46.54
C SER C 157 -21.70 -3.50 -46.77
N LYS C 158 -21.77 -2.95 -47.99
CA LYS C 158 -20.95 -1.81 -48.36
C LYS C 158 -21.41 -0.56 -47.62
N TRP C 159 -20.72 0.54 -47.89
CA TRP C 159 -21.06 1.84 -47.33
C TRP C 159 -21.66 2.71 -48.42
N ASP C 160 -22.85 3.25 -48.17
CA ASP C 160 -23.58 4.07 -49.12
C ASP C 160 -23.51 5.53 -48.70
N ALA C 161 -23.06 6.39 -49.62
CA ALA C 161 -22.92 7.81 -49.29
C ALA C 161 -24.27 8.47 -49.12
N LYS C 162 -25.19 8.26 -50.07
CA LYS C 162 -26.49 8.90 -49.99
C LYS C 162 -27.30 8.41 -48.81
N LEU C 163 -27.12 7.14 -48.41
CA LEU C 163 -27.77 6.66 -47.20
C LEU C 163 -27.26 7.40 -45.98
N ALA C 164 -25.94 7.59 -45.88
CA ALA C 164 -25.37 8.32 -44.74
C ALA C 164 -25.77 9.78 -44.77
N ALA C 165 -26.05 10.33 -45.95
CA ALA C 165 -26.46 11.73 -46.05
C ALA C 165 -27.81 11.95 -45.37
N LYS C 166 -28.70 10.96 -45.41
CA LYS C 166 -30.04 11.12 -44.88
C LYS C 166 -30.00 11.22 -43.36
N LEU C 167 -31.10 11.75 -42.80
CA LEU C 167 -31.20 11.96 -41.36
C LEU C 167 -31.37 10.62 -40.65
N ASP C 168 -31.20 10.67 -39.32
CA ASP C 168 -31.35 9.47 -38.50
C ASP C 168 -32.78 8.93 -38.53
N CYS C 169 -33.76 9.81 -38.77
CA CYS C 169 -35.15 9.36 -38.83
C CYS C 169 -35.36 8.40 -39.99
N GLU C 170 -34.70 8.62 -41.12
CA GLU C 170 -34.81 7.75 -42.28
C GLU C 170 -33.85 6.57 -42.22
N GLY C 171 -33.09 6.42 -41.14
CA GLY C 171 -32.14 5.34 -41.01
C GLY C 171 -30.77 5.63 -41.56
N GLY C 172 -30.41 6.89 -41.73
CA GLY C 172 -29.13 7.28 -42.27
C GLY C 172 -28.10 7.58 -41.20
N ASP C 173 -27.17 8.48 -41.53
CA ASP C 173 -26.11 8.85 -40.59
C ASP C 173 -25.85 10.35 -40.54
N GLU C 174 -26.68 11.17 -41.20
CA GLU C 174 -26.71 12.63 -41.05
C GLU C 174 -25.33 13.27 -41.19
N VAL C 175 -24.42 12.63 -41.91
CA VAL C 175 -23.13 13.25 -42.20
C VAL C 175 -23.32 14.37 -43.20
N PRO C 176 -22.80 15.57 -42.95
CA PRO C 176 -23.03 16.69 -43.88
C PRO C 176 -22.50 16.38 -45.28
N GLN C 177 -23.25 16.84 -46.29
CA GLN C 177 -22.98 16.44 -47.67
C GLN C 177 -21.62 16.95 -48.15
N GLU C 178 -21.22 18.14 -47.72
CA GLU C 178 -19.94 18.69 -48.13
C GLU C 178 -18.79 17.77 -47.75
N ILE C 179 -18.96 16.98 -46.69
CA ILE C 179 -17.95 15.98 -46.35
C ILE C 179 -17.97 14.83 -47.35
N LEU C 180 -19.16 14.34 -47.71
CA LEU C 180 -19.25 13.21 -48.63
C LEU C 180 -18.69 13.56 -50.01
N ASP C 181 -18.87 14.81 -50.46
CA ASP C 181 -18.32 15.19 -51.75
C ASP C 181 -16.80 15.09 -51.75
N ARG C 182 -16.17 15.22 -50.58
CA ARG C 182 -14.73 15.12 -50.44
C ARG C 182 -14.28 13.77 -49.89
N VAL C 183 -15.10 12.73 -50.01
CA VAL C 183 -14.79 11.41 -49.49
C VAL C 183 -14.55 10.46 -50.66
N ILE C 184 -13.42 9.78 -50.65
CA ILE C 184 -13.11 8.74 -51.62
C ILE C 184 -13.15 7.40 -50.89
N TYR C 185 -14.07 6.54 -51.31
CA TYR C 185 -14.38 5.31 -50.60
C TYR C 185 -13.69 4.13 -51.27
N MET C 186 -12.93 3.36 -50.50
CA MET C 186 -12.22 2.19 -51.01
C MET C 186 -12.63 0.96 -50.23
N PRO C 187 -13.54 0.12 -50.75
CA PRO C 187 -13.86 -1.14 -50.09
C PRO C 187 -12.93 -2.27 -50.52
N PHE C 188 -12.56 -3.11 -49.56
CA PHE C 188 -11.62 -4.18 -49.81
C PHE C 188 -12.13 -5.48 -49.19
N ASP C 189 -11.90 -6.59 -49.89
CA ASP C 189 -12.47 -7.87 -49.49
C ASP C 189 -11.65 -8.53 -48.39
N ASN C 190 -10.39 -8.86 -48.68
CA ASN C 190 -9.52 -9.47 -47.69
C ASN C 190 -8.80 -8.37 -46.91
N GLU C 191 -7.80 -8.74 -46.12
CA GLU C 191 -7.16 -7.81 -45.20
C GLU C 191 -5.79 -7.35 -45.67
N ARG C 192 -5.04 -8.21 -46.38
CA ARG C 192 -3.70 -7.83 -46.82
C ARG C 192 -3.75 -6.67 -47.81
N ASP C 193 -4.61 -6.78 -48.82
CA ASP C 193 -4.60 -5.82 -49.92
C ASP C 193 -4.92 -4.41 -49.43
N MET C 194 -5.76 -4.28 -48.40
CA MET C 194 -6.04 -2.95 -47.88
C MET C 194 -4.79 -2.33 -47.26
N LEU C 195 -4.01 -3.13 -46.54
CA LEU C 195 -2.74 -2.63 -46.01
C LEU C 195 -1.78 -2.27 -47.13
N MET C 196 -1.71 -3.10 -48.17
CA MET C 196 -0.87 -2.75 -49.31
C MET C 196 -1.29 -1.42 -49.94
N GLU C 197 -2.59 -1.21 -50.09
CA GLU C 197 -3.06 0.04 -50.66
C GLU C 197 -2.79 1.23 -49.74
N TYR C 198 -2.90 1.03 -48.42
CA TYR C 198 -2.56 2.11 -47.51
C TYR C 198 -1.08 2.48 -47.62
N ILE C 199 -0.21 1.48 -47.67
CA ILE C 199 1.22 1.75 -47.86
C ILE C 199 1.45 2.45 -49.19
N ASN C 200 0.72 2.04 -50.23
CA ASN C 200 0.90 2.62 -51.55
C ASN C 200 0.48 4.10 -51.53
N LEU C 201 -0.65 4.41 -50.91
CA LEU C 201 -1.10 5.79 -50.80
C LEU C 201 -0.11 6.62 -49.99
N TRP C 202 0.40 6.06 -48.90
CA TRP C 202 1.43 6.74 -48.13
C TRP C 202 2.66 7.01 -48.99
N GLU C 203 2.99 6.07 -49.88
CA GLU C 203 4.14 6.23 -50.76
C GLU C 203 3.93 7.38 -51.75
N GLN C 204 2.79 7.37 -52.45
CA GLN C 204 2.56 8.40 -53.47
C GLN C 204 2.42 9.78 -52.84
N LYS C 205 1.69 9.88 -51.74
CA LYS C 205 1.46 11.16 -51.05
C LYS C 205 2.09 11.07 -49.67
N ARG C 206 3.38 11.40 -49.61
CA ARG C 206 4.10 11.33 -48.34
C ARG C 206 3.72 12.52 -47.47
N PRO C 207 3.15 12.31 -46.29
CA PRO C 207 2.83 13.44 -45.42
C PRO C 207 4.08 14.11 -44.90
N ALA C 208 3.97 15.42 -44.66
CA ALA C 208 5.02 16.12 -43.94
C ALA C 208 4.78 16.08 -42.45
N ILE C 209 3.53 16.27 -42.04
CA ILE C 209 3.09 16.08 -40.67
C ILE C 209 1.95 15.09 -40.66
N PHE C 210 2.05 14.08 -39.81
CA PHE C 210 1.06 13.02 -39.71
C PHE C 210 0.41 13.12 -38.34
N THR C 211 -0.82 13.63 -38.28
CA THR C 211 -1.46 13.94 -37.02
C THR C 211 -2.83 13.27 -36.94
N GLY C 212 -3.44 13.40 -35.76
CA GLY C 212 -4.72 12.81 -35.45
C GLY C 212 -4.94 12.81 -33.95
N TRP C 213 -6.15 12.52 -33.49
CA TRP C 213 -6.40 12.52 -32.06
C TRP C 213 -5.84 11.27 -31.42
N ASN C 214 -4.97 11.46 -30.42
CA ASN C 214 -4.31 10.36 -29.73
C ASN C 214 -3.65 9.41 -30.73
N ILE C 215 -3.04 9.98 -31.77
CA ILE C 215 -2.45 9.14 -32.86
C ILE C 215 -1.25 8.36 -32.32
N GLU C 216 -0.41 8.98 -31.48
CA GLU C 216 0.83 8.30 -31.00
C GLU C 216 0.44 7.27 -29.93
N GLY C 217 -0.81 7.32 -29.45
CA GLY C 217 -1.25 6.40 -28.39
C GLY C 217 -1.85 5.13 -28.94
N PHE C 218 -2.46 5.19 -30.13
CA PHE C 218 -3.16 4.00 -30.67
C PHE C 218 -2.90 3.84 -32.16
N ALA C 219 -3.36 4.79 -32.98
CA ALA C 219 -3.23 4.64 -34.45
C ALA C 219 -1.84 4.17 -34.85
N VAL C 220 -0.79 4.96 -34.58
CA VAL C 220 0.58 4.60 -35.06
C VAL C 220 0.99 3.24 -34.47
N PRO C 221 1.07 3.05 -33.13
CA PRO C 221 1.54 1.78 -32.57
C PRO C 221 0.78 0.59 -33.15
N TYR C 222 -0.51 0.76 -33.45
CA TYR C 222 -1.34 -0.33 -33.96
C TYR C 222 -1.04 -0.60 -35.43
N ILE C 223 -0.98 0.45 -36.25
CA ILE C 223 -0.66 0.26 -37.66
C ILE C 223 0.71 -0.37 -37.82
N MET C 224 1.70 0.15 -37.08
CA MET C 224 3.05 -0.37 -37.19
C MET C 224 3.12 -1.84 -36.81
N ASN C 225 2.52 -2.21 -35.67
CA ASN C 225 2.59 -3.58 -35.21
C ASN C 225 1.84 -4.52 -36.14
N ARG C 226 0.67 -4.11 -36.61
CA ARG C 226 -0.09 -4.96 -37.52
C ARG C 226 0.66 -5.20 -38.82
N VAL C 227 1.27 -4.13 -39.37
CA VAL C 227 2.03 -4.32 -40.60
C VAL C 227 3.26 -5.18 -40.35
N LYS C 228 3.90 -5.03 -39.19
CA LYS C 228 5.08 -5.83 -38.88
C LYS C 228 4.72 -7.32 -38.77
N MET C 229 3.63 -7.63 -38.08
CA MET C 229 3.28 -9.02 -37.80
C MET C 229 2.38 -9.65 -38.85
N ILE C 230 1.96 -8.90 -39.87
CA ILE C 230 1.17 -9.45 -40.96
C ILE C 230 1.95 -9.45 -42.27
N LEU C 231 2.64 -8.35 -42.58
CA LEU C 231 3.41 -8.24 -43.81
C LEU C 231 4.90 -8.48 -43.61
N GLY C 232 5.45 -8.11 -42.46
CA GLY C 232 6.87 -8.22 -42.21
C GLY C 232 7.52 -6.88 -41.93
N GLU C 233 8.79 -6.95 -41.54
CA GLU C 233 9.52 -5.74 -41.18
C GLU C 233 9.77 -4.84 -42.38
N ARG C 234 10.05 -5.44 -43.54
CA ARG C 234 10.36 -4.63 -44.72
C ARG C 234 9.19 -3.77 -45.14
N SER C 235 7.98 -4.32 -45.12
CA SER C 235 6.80 -3.53 -45.46
C SER C 235 6.58 -2.42 -44.44
N MET C 236 6.84 -2.70 -43.16
CA MET C 236 6.60 -1.69 -42.09
C MET C 236 7.48 -0.47 -42.33
N LYS C 237 8.71 -0.67 -42.79
CA LYS C 237 9.66 0.47 -42.96
C LYS C 237 9.31 1.29 -44.21
N ARG C 238 8.48 0.75 -45.10
CA ARG C 238 8.17 1.46 -46.38
C ARG C 238 7.54 2.82 -46.05
N PHE C 239 6.84 2.92 -44.92
CA PHE C 239 6.21 4.20 -44.51
C PHE C 239 7.29 5.30 -44.43
N SER C 240 8.43 4.98 -43.82
CA SER C 240 9.53 5.97 -43.69
C SER C 240 10.11 6.29 -45.07
N PRO C 241 10.24 7.57 -45.46
CA PRO C 241 10.85 7.93 -46.75
C PRO C 241 12.26 7.34 -46.86
N ILE C 242 12.99 7.29 -45.75
CA ILE C 242 14.39 6.76 -45.77
C ILE C 242 14.42 5.38 -45.11
N GLY C 243 13.28 4.68 -45.11
CA GLY C 243 13.23 3.38 -44.47
C GLY C 243 13.97 3.32 -43.15
N ARG C 244 13.48 4.08 -42.17
CA ARG C 244 14.10 4.08 -40.84
C ARG C 244 13.01 4.42 -39.83
N VAL C 245 12.46 3.38 -39.20
CA VAL C 245 11.45 3.54 -38.16
C VAL C 245 11.93 2.80 -36.91
N LYS C 246 11.73 3.43 -35.75
CA LYS C 246 12.22 2.89 -34.48
C LYS C 246 11.13 2.96 -33.43
N SER C 247 11.23 2.06 -32.44
CA SER C 247 10.24 1.92 -31.39
C SER C 247 10.92 2.01 -30.03
N LYS C 248 10.44 2.92 -29.18
CA LYS C 248 10.94 3.08 -27.83
C LYS C 248 9.81 2.82 -26.84
N LEU C 249 10.18 2.42 -25.63
CA LEU C 249 9.23 2.20 -24.56
C LEU C 249 9.46 3.24 -23.48
N ILE C 250 8.39 3.93 -23.08
CA ILE C 250 8.44 4.97 -22.06
C ILE C 250 7.58 4.52 -20.89
N GLN C 251 8.19 4.43 -19.72
CA GLN C 251 7.51 3.99 -18.51
C GLN C 251 7.11 5.21 -17.67
N ASN C 252 6.21 6.01 -18.23
CA ASN C 252 5.60 7.14 -17.53
C ASN C 252 4.10 7.05 -17.68
N MET C 253 3.38 7.36 -16.60
CA MET C 253 1.93 7.24 -16.57
C MET C 253 1.50 5.81 -16.93
N TYR C 254 1.86 4.90 -16.02
CA TYR C 254 1.66 3.45 -16.16
C TYR C 254 2.28 2.90 -17.45
N GLY C 255 3.21 3.64 -18.05
CA GLY C 255 3.95 3.14 -19.19
C GLY C 255 3.06 2.79 -20.36
N SER C 256 3.38 1.68 -21.01
CA SER C 256 2.64 1.12 -22.14
C SER C 256 2.57 2.07 -23.33
N LYS C 257 3.40 3.11 -23.37
CA LYS C 257 3.40 4.07 -24.47
C LYS C 257 4.57 3.77 -25.41
N GLU C 258 4.32 2.85 -26.33
CA GLU C 258 5.33 2.52 -27.33
C GLU C 258 5.40 3.61 -28.38
N ILE C 259 6.00 4.75 -28.04
CA ILE C 259 6.09 5.87 -28.97
C ILE C 259 6.93 5.44 -30.17
N TYR C 260 6.32 5.51 -31.35
CA TYR C 260 7.01 5.15 -32.58
C TYR C 260 7.55 6.40 -33.25
N SER C 261 8.79 6.32 -33.73
CA SER C 261 9.43 7.40 -34.45
C SER C 261 9.66 6.98 -35.89
N ILE C 262 9.12 7.75 -36.82
CA ILE C 262 9.32 7.54 -38.25
C ILE C 262 10.29 8.61 -38.73
N ASP C 263 11.41 8.20 -39.30
CA ASP C 263 12.38 9.17 -39.79
C ASP C 263 11.95 9.66 -41.17
N GLY C 264 11.80 10.97 -41.30
CA GLY C 264 11.35 11.60 -42.53
C GLY C 264 10.00 12.28 -42.42
N VAL C 265 9.10 11.77 -41.58
CA VAL C 265 7.83 12.41 -41.31
C VAL C 265 7.79 12.77 -39.83
N SER C 266 6.96 13.76 -39.50
CA SER C 266 6.87 14.27 -38.15
C SER C 266 5.59 13.78 -37.51
N ILE C 267 5.73 13.14 -36.34
CA ILE C 267 4.58 12.71 -35.55
C ILE C 267 4.28 13.82 -34.54
N LEU C 268 3.06 14.36 -34.61
CA LEU C 268 2.69 15.56 -33.87
C LEU C 268 1.34 15.34 -33.19
N ASP C 269 1.26 14.26 -32.42
CA ASP C 269 0.03 13.80 -31.76
C ASP C 269 -0.81 14.96 -31.26
N TYR C 270 -2.07 15.01 -31.70
CA TYR C 270 -2.91 16.16 -31.42
C TYR C 270 -3.35 16.23 -29.98
N LEU C 271 -3.38 15.10 -29.26
CA LEU C 271 -3.84 15.14 -27.88
C LEU C 271 -2.94 16.01 -27.02
N ASP C 272 -1.63 15.76 -27.06
CA ASP C 272 -0.72 16.58 -26.28
C ASP C 272 -0.55 17.97 -26.89
N LEU C 273 -0.67 18.07 -28.21
CA LEU C 273 -0.59 19.38 -28.86
C LEU C 273 -1.69 20.30 -28.34
N TYR C 274 -2.91 19.77 -28.19
CA TYR C 274 -3.99 20.53 -27.59
C TYR C 274 -3.83 20.66 -26.08
N LYS C 275 -3.22 19.66 -25.43
CA LYS C 275 -3.04 19.70 -23.99
C LYS C 275 -2.14 20.87 -23.57
N LYS C 276 -1.06 21.09 -24.31
CA LYS C 276 -0.07 22.07 -23.90
C LYS C 276 -0.19 23.42 -24.62
N PHE C 277 -1.03 23.52 -25.65
CA PHE C 277 -1.14 24.76 -26.41
C PHE C 277 -2.56 25.34 -26.35
N ALA C 278 -3.31 25.02 -25.30
CA ALA C 278 -4.66 25.56 -25.14
C ALA C 278 -4.96 26.11 -23.75
N PHE C 279 -4.25 25.67 -22.71
CA PHE C 279 -4.42 26.16 -21.35
C PHE C 279 -5.85 25.97 -20.83
N THR C 280 -6.60 25.03 -21.42
CA THR C 280 -7.98 24.77 -21.01
C THR C 280 -8.04 23.40 -20.37
N ASN C 281 -8.54 23.34 -19.13
CA ASN C 281 -8.59 22.11 -18.37
C ASN C 281 -10.02 21.55 -18.43
N LEU C 282 -10.29 20.82 -19.51
CA LEU C 282 -11.59 20.18 -19.66
C LEU C 282 -11.71 19.00 -18.70
N PRO C 283 -12.93 18.65 -18.30
CA PRO C 283 -13.10 17.51 -17.37
C PRO C 283 -12.55 16.20 -17.92
N SER C 284 -12.70 15.97 -19.22
CA SER C 284 -12.16 14.76 -19.84
C SER C 284 -11.68 15.11 -21.24
N PHE C 285 -10.52 14.56 -21.61
CA PHE C 285 -9.88 14.89 -22.88
C PHE C 285 -10.30 13.94 -24.00
N SER C 286 -11.46 13.32 -23.90
CA SER C 286 -11.97 12.53 -25.00
C SER C 286 -12.30 13.44 -26.18
N LEU C 287 -12.18 12.88 -27.39
CA LEU C 287 -12.45 13.67 -28.59
C LEU C 287 -13.87 14.19 -28.60
N GLU C 288 -14.83 13.36 -28.19
CA GLU C 288 -16.22 13.81 -28.13
C GLU C 288 -16.37 14.98 -27.18
N SER C 289 -15.72 14.90 -26.01
CA SER C 289 -15.86 15.96 -25.01
C SER C 289 -15.31 17.28 -25.52
N VAL C 290 -14.11 17.27 -26.10
CA VAL C 290 -13.52 18.52 -26.56
C VAL C 290 -14.26 19.07 -27.76
N ALA C 291 -14.68 18.20 -28.68
CA ALA C 291 -15.46 18.65 -29.83
C ALA C 291 -16.77 19.29 -29.37
N GLN C 292 -17.44 18.69 -28.39
CA GLN C 292 -18.66 19.26 -27.86
C GLN C 292 -18.40 20.59 -27.17
N HIS C 293 -17.31 20.68 -26.40
CA HIS C 293 -17.02 21.90 -25.66
C HIS C 293 -16.72 23.06 -26.60
N GLU C 294 -15.97 22.82 -27.67
CA GLU C 294 -15.49 23.91 -28.51
C GLU C 294 -16.28 24.04 -29.81
N THR C 295 -16.35 22.99 -30.63
CA THR C 295 -17.11 23.08 -31.87
C THR C 295 -18.62 23.10 -31.65
N LYS C 296 -19.09 22.75 -30.44
CA LYS C 296 -20.51 22.72 -30.12
C LYS C 296 -21.29 21.81 -31.05
N LYS C 297 -20.63 20.78 -31.58
CA LYS C 297 -21.26 19.78 -32.44
C LYS C 297 -21.36 18.47 -31.68
N GLY C 298 -22.57 17.94 -31.58
CA GLY C 298 -22.82 16.74 -30.81
C GLY C 298 -22.67 15.48 -31.64
N LYS C 299 -21.99 14.49 -31.07
CA LYS C 299 -21.88 13.18 -31.72
C LYS C 299 -23.24 12.50 -31.76
N LEU C 300 -23.48 11.78 -32.86
CA LEU C 300 -24.72 11.02 -32.97
C LEU C 300 -24.73 9.91 -31.93
N PRO C 301 -25.79 9.79 -31.12
CA PRO C 301 -25.82 8.72 -30.13
C PRO C 301 -25.92 7.35 -30.78
N TYR C 302 -25.34 6.36 -30.11
CA TYR C 302 -25.31 4.99 -30.61
C TYR C 302 -25.69 4.04 -29.47
N ASP C 303 -26.03 2.81 -29.84
CA ASP C 303 -26.52 1.81 -28.90
C ASP C 303 -25.55 0.64 -28.82
N GLY C 304 -25.51 0.00 -27.65
CA GLY C 304 -24.72 -1.19 -27.45
C GLY C 304 -23.24 -0.90 -27.25
N PRO C 305 -22.43 -1.94 -27.33
CA PRO C 305 -20.98 -1.77 -27.22
C PRO C 305 -20.35 -1.53 -28.59
N ILE C 306 -19.08 -1.09 -28.55
CA ILE C 306 -18.38 -0.75 -29.79
C ILE C 306 -18.10 -1.99 -30.62
N ASN C 307 -17.73 -3.10 -29.97
CA ASN C 307 -17.30 -4.28 -30.70
C ASN C 307 -18.44 -4.87 -31.54
N LYS C 308 -19.65 -4.90 -31.00
CA LYS C 308 -20.80 -5.35 -31.78
C LYS C 308 -21.30 -4.30 -32.77
N LEU C 309 -20.85 -3.05 -32.64
CA LEU C 309 -21.37 -1.99 -33.49
C LEU C 309 -21.07 -2.25 -34.96
N ARG C 310 -19.94 -2.89 -35.27
CA ARG C 310 -19.63 -3.20 -36.66
C ARG C 310 -20.66 -4.14 -37.25
N GLU C 311 -21.02 -5.19 -36.52
CA GLU C 311 -21.94 -6.20 -37.01
C GLU C 311 -23.40 -5.78 -36.90
N THR C 312 -23.70 -4.75 -36.10
CA THR C 312 -25.07 -4.25 -36.03
C THR C 312 -25.35 -3.23 -37.14
N ASN C 313 -24.58 -2.15 -37.17
CA ASN C 313 -24.75 -1.09 -38.17
C ASN C 313 -23.38 -0.72 -38.72
N HIS C 314 -22.96 -1.40 -39.79
CA HIS C 314 -21.68 -1.09 -40.41
C HIS C 314 -21.66 0.31 -41.00
N GLN C 315 -22.77 0.72 -41.64
CA GLN C 315 -22.90 2.08 -42.13
C GLN C 315 -22.67 3.09 -41.03
N ARG C 316 -23.33 2.89 -39.90
CA ARG C 316 -23.15 3.77 -38.75
C ARG C 316 -21.70 3.76 -38.27
N TYR C 317 -21.05 2.60 -38.32
CA TYR C 317 -19.69 2.48 -37.84
C TYR C 317 -18.74 3.34 -38.67
N ILE C 318 -18.79 3.17 -40.00
CA ILE C 318 -17.91 3.93 -40.87
C ILE C 318 -18.23 5.42 -40.81
N SER C 319 -19.52 5.76 -40.71
CA SER C 319 -19.88 7.16 -40.60
C SER C 319 -19.38 7.77 -39.30
N TYR C 320 -19.37 6.98 -38.23
CA TYR C 320 -18.84 7.49 -36.94
C TYR C 320 -17.34 7.78 -37.10
N ASN C 321 -16.60 6.86 -37.71
CA ASN C 321 -15.13 7.03 -37.87
C ASN C 321 -14.85 8.26 -38.73
N ILE C 322 -15.59 8.43 -39.84
CA ILE C 322 -15.40 9.61 -40.72
C ILE C 322 -15.74 10.88 -39.94
N ILE C 323 -16.86 10.88 -39.21
CA ILE C 323 -17.21 12.06 -38.37
C ILE C 323 -16.03 12.36 -37.43
N ASP C 324 -15.51 11.34 -36.75
CA ASP C 324 -14.39 11.55 -35.84
C ASP C 324 -13.27 12.32 -36.54
N VAL C 325 -12.91 11.88 -37.74
CA VAL C 325 -11.83 12.56 -38.47
C VAL C 325 -12.25 13.99 -38.81
N GLU C 326 -13.50 14.19 -39.22
CA GLU C 326 -13.96 15.55 -39.49
C GLU C 326 -13.95 16.42 -38.25
N SER C 327 -14.27 15.84 -37.09
CA SER C 327 -14.24 16.62 -35.85
C SER C 327 -12.84 17.06 -35.49
N VAL C 328 -11.86 16.17 -35.67
CA VAL C 328 -10.48 16.59 -35.41
C VAL C 328 -10.03 17.64 -36.43
N GLN C 329 -10.49 17.52 -37.68
CA GLN C 329 -10.20 18.56 -38.65
C GLN C 329 -10.82 19.89 -38.24
N ALA C 330 -12.02 19.85 -37.67
CA ALA C 330 -12.70 21.09 -37.30
C ALA C 330 -12.04 21.76 -36.10
N ILE C 331 -11.65 20.97 -35.10
CA ILE C 331 -10.92 21.54 -33.96
C ILE C 331 -9.61 22.14 -34.43
N ASP C 332 -8.94 21.49 -35.40
CA ASP C 332 -7.73 22.09 -35.96
C ASP C 332 -8.04 23.40 -36.66
N LYS C 333 -9.11 23.43 -37.47
CA LYS C 333 -9.43 24.62 -38.23
C LYS C 333 -9.74 25.80 -37.33
N ILE C 334 -10.51 25.57 -36.27
CA ILE C 334 -10.90 26.67 -35.40
C ILE C 334 -9.73 27.10 -34.53
N ARG C 335 -9.00 26.15 -33.93
CA ARG C 335 -7.90 26.53 -33.06
C ARG C 335 -6.69 27.02 -33.85
N GLY C 336 -6.44 26.45 -35.02
CA GLY C 336 -5.28 26.84 -35.80
C GLY C 336 -3.97 26.44 -35.17
N PHE C 337 -3.71 25.13 -35.11
CA PHE C 337 -2.51 24.61 -34.47
C PHE C 337 -1.42 24.17 -35.44
N ILE C 338 -1.79 23.67 -36.61
CA ILE C 338 -0.77 23.30 -37.61
C ILE C 338 -0.03 24.55 -38.07
N ASP C 339 -0.76 25.65 -38.28
CA ASP C 339 -0.10 26.91 -38.59
C ASP C 339 0.84 27.33 -37.47
N LEU C 340 0.43 27.10 -36.22
CA LEU C 340 1.29 27.41 -35.08
C LEU C 340 2.58 26.59 -35.13
N VAL C 341 2.47 25.28 -35.37
CA VAL C 341 3.68 24.47 -35.36
C VAL C 341 4.57 24.82 -36.55
N LEU C 342 3.99 25.19 -37.68
CA LEU C 342 4.80 25.64 -38.81
C LEU C 342 5.56 26.91 -38.46
N SER C 343 4.86 27.88 -37.84
CA SER C 343 5.51 29.12 -37.45
C SER C 343 6.60 28.85 -36.42
N MET C 344 6.34 27.95 -35.47
CA MET C 344 7.40 27.51 -34.56
C MET C 344 8.62 27.05 -35.31
N SER C 345 8.45 26.00 -36.11
CA SER C 345 9.60 25.31 -36.67
C SER C 345 10.35 26.19 -37.66
N TYR C 346 9.67 27.15 -38.29
CA TYR C 346 10.38 28.01 -39.22
C TYR C 346 10.94 29.27 -38.59
N TYR C 347 10.40 29.69 -37.44
CA TYR C 347 11.00 30.84 -36.75
C TYR C 347 12.29 30.44 -36.04
N ALA C 348 12.29 29.29 -35.38
CA ALA C 348 13.46 28.82 -34.66
C ALA C 348 14.40 28.00 -35.52
N LYS C 349 14.03 27.74 -36.77
CA LYS C 349 14.89 27.05 -37.75
C LYS C 349 15.31 25.68 -37.22
N MET C 350 14.30 24.83 -37.06
CA MET C 350 14.47 23.54 -36.40
C MET C 350 13.55 22.54 -37.08
N PRO C 351 13.80 21.24 -36.87
CA PRO C 351 12.86 20.24 -37.39
C PRO C 351 11.53 20.29 -36.66
N PHE C 352 10.51 19.74 -37.31
CA PHE C 352 9.14 19.87 -36.80
C PHE C 352 8.99 19.24 -35.42
N SER C 353 9.40 17.98 -35.28
CA SER C 353 9.12 17.25 -34.04
C SER C 353 9.75 17.91 -32.83
N GLY C 354 10.88 18.59 -33.01
CA GLY C 354 11.51 19.30 -31.91
C GLY C 354 10.61 20.29 -31.22
N VAL C 355 9.50 20.66 -31.85
CA VAL C 355 8.53 21.55 -31.23
C VAL C 355 8.01 21.00 -29.91
N MET C 356 7.98 19.67 -29.75
CA MET C 356 7.40 19.09 -28.55
C MET C 356 8.23 19.43 -27.31
N SER C 357 9.56 19.43 -27.46
CA SER C 357 10.45 19.72 -26.35
C SER C 357 10.82 21.20 -26.37
N PRO C 358 10.44 21.98 -25.35
CA PRO C 358 10.78 23.41 -25.37
C PRO C 358 12.27 23.70 -25.35
N ILE C 359 13.07 22.83 -24.72
CA ILE C 359 14.49 23.12 -24.58
C ILE C 359 15.17 23.08 -25.95
N LYS C 360 14.73 22.20 -26.84
CA LYS C 360 15.29 22.15 -28.18
C LYS C 360 15.01 23.44 -28.95
N THR C 361 13.77 23.93 -28.87
CA THR C 361 13.42 25.17 -29.55
C THR C 361 14.21 26.35 -29.00
N TRP C 362 14.32 26.43 -27.67
CA TRP C 362 15.06 27.54 -27.07
C TRP C 362 16.53 27.47 -27.43
N ASP C 363 17.11 26.27 -27.43
CA ASP C 363 18.49 26.10 -27.88
C ASP C 363 18.63 26.59 -29.31
N ALA C 364 17.68 26.24 -30.17
CA ALA C 364 17.77 26.64 -31.58
C ALA C 364 17.76 28.15 -31.73
N ILE C 365 16.79 28.83 -31.10
CA ILE C 365 16.68 30.27 -31.28
C ILE C 365 17.88 30.97 -30.63
N ILE C 366 18.32 30.49 -29.47
CA ILE C 366 19.46 31.10 -28.80
C ILE C 366 20.72 30.97 -29.66
N PHE C 367 20.94 29.78 -30.23
CA PHE C 367 22.12 29.57 -31.06
C PHE C 367 22.06 30.44 -32.31
N ASN C 368 20.88 30.55 -32.93
CA ASN C 368 20.76 31.39 -34.11
C ASN C 368 21.06 32.86 -33.78
N SER C 369 20.50 33.35 -32.67
CA SER C 369 20.76 34.73 -32.29
C SER C 369 22.23 34.96 -31.98
N LEU C 370 22.86 34.01 -31.29
CA LEU C 370 24.28 34.16 -30.97
C LEU C 370 25.14 34.13 -32.24
N LYS C 371 24.81 33.25 -33.17
CA LYS C 371 25.53 33.20 -34.44
C LYS C 371 25.34 34.49 -35.23
N GLY C 372 24.20 35.16 -35.04
CA GLY C 372 24.02 36.47 -35.64
C GLY C 372 25.04 37.48 -35.16
N GLU C 373 25.47 37.36 -33.90
CA GLU C 373 26.44 38.29 -33.30
C GLU C 373 27.82 37.68 -33.13
N HIS C 374 28.19 36.72 -34.01
CA HIS C 374 29.52 36.12 -34.03
C HIS C 374 29.88 35.42 -32.72
N LYS C 375 28.88 35.01 -31.93
CA LYS C 375 29.16 34.28 -30.71
C LYS C 375 29.19 32.79 -30.97
N VAL C 376 29.67 32.03 -29.99
CA VAL C 376 29.73 30.58 -30.06
C VAL C 376 29.21 30.01 -28.75
N ILE C 377 28.26 29.09 -28.84
CA ILE C 377 27.57 28.56 -27.67
C ILE C 377 28.45 27.55 -26.94
N PRO C 378 28.33 27.45 -25.61
CA PRO C 378 29.14 26.47 -24.87
C PRO C 378 28.58 25.07 -24.94
N GLN C 379 29.19 24.14 -24.20
CA GLN C 379 28.75 22.76 -24.13
C GLN C 379 28.10 22.49 -22.78
N GLN C 380 26.96 21.79 -22.80
CA GLN C 380 26.20 21.51 -21.59
C GLN C 380 26.95 20.53 -20.71
N GLY C 381 26.90 20.76 -19.40
CA GLY C 381 27.48 19.83 -18.46
C GLY C 381 26.43 18.88 -17.88
N SER C 382 26.84 17.63 -17.71
CA SER C 382 25.96 16.57 -17.22
C SER C 382 25.95 16.59 -15.70
N HIS C 383 24.78 16.84 -15.12
CA HIS C 383 24.64 16.94 -13.67
C HIS C 383 23.39 16.20 -13.23
N VAL C 384 23.39 15.76 -11.98
CA VAL C 384 22.24 15.06 -11.43
C VAL C 384 21.13 16.06 -11.11
N LYS C 385 19.92 15.53 -10.95
CA LYS C 385 18.78 16.37 -10.60
C LYS C 385 18.74 16.62 -9.10
N GLN C 386 18.56 17.89 -8.72
CA GLN C 386 18.45 18.27 -7.32
C GLN C 386 17.16 19.08 -7.14
N SER C 387 16.33 18.64 -6.21
CA SER C 387 15.11 19.38 -5.91
C SER C 387 15.43 20.67 -5.18
N PHE C 388 14.70 21.72 -5.50
CA PHE C 388 14.80 23.01 -4.84
C PHE C 388 13.40 23.44 -4.43
N PRO C 389 13.29 24.32 -3.44
CA PRO C 389 11.95 24.77 -3.00
C PRO C 389 11.19 25.40 -4.15
N GLY C 390 9.91 25.07 -4.23
CA GLY C 390 9.07 25.52 -5.32
C GLY C 390 8.40 26.85 -5.03
N ALA C 391 7.06 26.85 -5.02
CA ALA C 391 6.28 28.06 -4.78
C ALA C 391 5.77 28.03 -3.34
N PHE C 392 6.04 29.11 -2.60
CA PHE C 392 5.54 29.22 -1.24
C PHE C 392 4.05 29.53 -1.25
N VAL C 393 3.22 28.50 -1.37
CA VAL C 393 1.78 28.68 -1.40
C VAL C 393 1.34 29.21 -0.04
N PHE C 394 0.63 30.34 -0.06
CA PHE C 394 0.11 30.90 1.19
C PHE C 394 -0.96 29.97 1.76
N GLU C 395 -0.91 29.75 3.06
CA GLU C 395 -1.81 28.81 3.69
C GLU C 395 -3.24 29.36 3.69
N PRO C 396 -4.21 28.64 3.15
CA PRO C 396 -5.58 29.15 3.09
C PRO C 396 -6.26 29.05 4.45
N LYS C 397 -6.95 30.13 4.84
CA LYS C 397 -7.82 30.06 6.01
C LYS C 397 -9.20 29.61 5.54
N PRO C 398 -9.64 28.42 5.92
CA PRO C 398 -10.92 27.91 5.40
C PRO C 398 -12.12 28.64 5.96
N ILE C 399 -12.14 29.96 5.81
CA ILE C 399 -13.23 30.81 6.27
C ILE C 399 -13.71 31.66 5.09
N ALA C 400 -15.02 31.64 4.85
CA ALA C 400 -15.58 32.43 3.77
C ALA C 400 -15.37 33.92 4.05
N ARG C 401 -14.92 34.65 3.02
CA ARG C 401 -14.61 36.07 3.16
C ARG C 401 -15.35 36.93 2.14
N ARG C 402 -16.53 36.48 1.72
CA ARG C 402 -17.40 37.28 0.86
C ARG C 402 -16.69 37.76 -0.39
N TYR C 403 -16.55 39.08 -0.53
CA TYR C 403 -15.93 39.65 -1.72
C TYR C 403 -14.42 39.48 -1.69
N ILE C 404 -13.84 39.23 -2.85
CA ILE C 404 -12.40 39.02 -2.99
C ILE C 404 -11.95 39.61 -4.32
N MET C 405 -10.73 40.14 -4.35
CA MET C 405 -10.12 40.66 -5.56
C MET C 405 -8.80 39.93 -5.76
N SER C 406 -8.66 39.24 -6.89
CA SER C 406 -7.50 38.41 -7.15
C SER C 406 -6.71 38.96 -8.33
N PHE C 407 -5.40 39.08 -8.13
CA PHE C 407 -4.53 39.51 -9.21
C PHE C 407 -3.20 38.79 -9.11
N ASP C 408 -2.47 38.80 -10.22
CA ASP C 408 -1.13 38.24 -10.30
C ASP C 408 -0.41 38.91 -11.46
N LEU C 409 0.92 38.85 -11.41
CA LEU C 409 1.74 39.45 -12.46
C LEU C 409 1.90 38.50 -13.62
N THR C 410 1.98 39.07 -14.82
CA THR C 410 2.05 38.30 -16.06
C THR C 410 3.50 37.94 -16.38
N SER C 411 3.74 36.66 -16.62
CA SER C 411 5.06 36.14 -17.00
C SER C 411 6.12 36.57 -15.98
N LEU C 412 5.93 36.08 -14.76
CA LEU C 412 6.80 36.50 -13.66
C LEU C 412 8.24 36.03 -13.86
N TYR C 413 8.43 34.77 -14.28
CA TYR C 413 9.79 34.24 -14.39
C TYR C 413 10.61 34.95 -15.47
N PRO C 414 10.10 35.20 -16.67
CA PRO C 414 10.85 36.05 -17.60
C PRO C 414 11.11 37.44 -17.05
N SER C 415 10.21 37.97 -16.22
CA SER C 415 10.49 39.25 -15.57
C SER C 415 11.68 39.15 -14.64
N ILE C 416 11.77 38.05 -13.88
CA ILE C 416 12.96 37.82 -13.06
C ILE C 416 14.20 37.78 -13.92
N ILE C 417 14.16 36.98 -14.99
CA ILE C 417 15.35 36.81 -15.83
C ILE C 417 15.75 38.10 -16.51
N ARG C 418 14.78 38.98 -16.78
CA ARG C 418 15.08 40.22 -17.49
C ARG C 418 15.56 41.31 -16.55
N GLN C 419 14.80 41.61 -15.50
CA GLN C 419 15.15 42.73 -14.63
C GLN C 419 16.45 42.47 -13.90
N VAL C 420 16.65 41.25 -13.41
CA VAL C 420 17.90 40.85 -12.76
C VAL C 420 18.54 39.79 -13.64
N ASN C 421 19.74 40.08 -14.14
CA ASN C 421 20.38 39.20 -15.10
C ASN C 421 20.70 37.86 -14.46
N ILE C 422 20.20 36.78 -15.05
CA ILE C 422 20.49 35.43 -14.57
C ILE C 422 21.16 34.67 -15.71
N SER C 423 21.78 35.39 -16.63
CA SER C 423 22.54 34.75 -17.68
C SER C 423 23.75 34.03 -17.08
N PRO C 424 24.18 32.92 -17.68
CA PRO C 424 25.25 32.12 -17.05
C PRO C 424 26.52 32.88 -16.78
N GLU C 425 26.94 33.76 -17.68
CA GLU C 425 28.24 34.40 -17.55
C GLU C 425 28.25 35.60 -16.62
N THR C 426 27.10 36.11 -16.21
CA THR C 426 27.05 37.29 -15.36
C THR C 426 27.25 36.98 -13.88
N ILE C 427 27.75 35.80 -13.53
CA ILE C 427 28.03 35.50 -12.13
C ILE C 427 29.36 36.15 -11.76
N ARG C 428 29.32 37.07 -10.80
CA ARG C 428 30.50 37.80 -10.37
C ARG C 428 31.09 37.27 -9.07
N GLY C 429 30.53 36.22 -8.50
CA GLY C 429 31.02 35.68 -7.24
C GLY C 429 29.91 35.41 -6.25
N GLN C 430 30.27 34.92 -5.06
CA GLN C 430 29.27 34.64 -4.06
C GLN C 430 28.95 35.90 -3.25
N PHE C 431 27.78 35.88 -2.62
CA PHE C 431 27.32 36.99 -1.79
C PHE C 431 26.86 36.46 -0.45
N LYS C 432 27.18 37.19 0.61
CA LYS C 432 26.88 36.74 1.96
C LYS C 432 25.39 36.50 2.13
N VAL C 433 25.01 35.26 2.44
CA VAL C 433 23.62 34.86 2.51
C VAL C 433 23.12 35.04 3.94
N HIS C 434 21.99 35.72 4.08
CA HIS C 434 21.30 35.87 5.35
C HIS C 434 20.13 34.90 5.42
N PRO C 435 19.54 34.72 6.60
CA PRO C 435 18.29 33.94 6.68
C PRO C 435 17.17 34.62 5.92
N ILE C 436 16.18 33.81 5.52
CA ILE C 436 15.12 34.29 4.63
C ILE C 436 14.31 35.38 5.30
N HIS C 437 14.12 35.28 6.62
CA HIS C 437 13.34 36.29 7.33
C HIS C 437 14.00 37.66 7.24
N GLU C 438 15.34 37.71 7.29
CA GLU C 438 16.04 38.97 7.17
C GLU C 438 15.77 39.63 5.83
N TYR C 439 15.79 38.85 4.75
CA TYR C 439 15.52 39.40 3.43
C TYR C 439 14.07 39.81 3.28
N ILE C 440 13.13 39.01 3.80
CA ILE C 440 11.72 39.29 3.59
C ILE C 440 11.28 40.50 4.41
N ALA C 441 11.85 40.70 5.59
CA ALA C 441 11.46 41.82 6.43
C ALA C 441 12.20 43.10 6.08
N GLY C 442 13.16 43.05 5.17
CA GLY C 442 13.98 44.21 4.87
C GLY C 442 14.99 44.55 5.94
N THR C 443 15.09 43.75 7.01
CA THR C 443 16.02 44.06 8.08
C THR C 443 17.47 43.85 7.65
N ALA C 444 17.71 42.92 6.74
CA ALA C 444 19.07 42.71 6.25
C ALA C 444 19.55 43.97 5.53
N PRO C 445 20.82 44.32 5.66
CA PRO C 445 21.33 45.52 4.98
C PRO C 445 21.30 45.37 3.48
N LYS C 446 21.42 46.50 2.79
CA LYS C 446 21.43 46.48 1.34
C LYS C 446 22.61 45.66 0.85
N PRO C 447 22.38 44.65 -0.01
CA PRO C 447 23.46 43.74 -0.40
C PRO C 447 24.66 44.42 -1.03
N SER C 448 24.45 45.14 -2.13
CA SER C 448 25.54 45.80 -2.80
C SER C 448 24.99 46.83 -3.77
N ASP C 449 25.86 47.76 -4.15
CA ASP C 449 25.54 48.74 -5.19
C ASP C 449 26.19 48.41 -6.53
N GLU C 450 27.35 47.74 -6.52
CA GLU C 450 28.05 47.47 -7.77
C GLU C 450 27.34 46.41 -8.60
N TYR C 451 26.93 45.30 -7.97
CA TYR C 451 26.29 44.20 -8.65
C TYR C 451 24.98 43.85 -7.95
N SER C 452 24.01 43.41 -8.73
CA SER C 452 22.71 43.01 -8.20
C SER C 452 22.79 41.60 -7.64
N CYS C 453 21.91 41.31 -6.68
CA CYS C 453 21.94 40.04 -5.98
C CYS C 453 20.55 39.41 -5.97
N SER C 454 20.49 38.16 -5.49
CA SER C 454 19.27 37.39 -5.37
C SER C 454 19.29 36.68 -4.03
N PRO C 455 18.13 36.26 -3.52
CA PRO C 455 18.12 35.63 -2.19
C PRO C 455 18.92 34.35 -2.10
N ASN C 456 19.20 33.69 -3.22
CA ASN C 456 20.10 32.54 -3.18
C ASN C 456 21.48 32.96 -2.72
N GLY C 457 21.91 34.16 -3.08
CA GLY C 457 23.17 34.69 -2.61
C GLY C 457 24.30 34.58 -3.60
N TRP C 458 24.03 34.86 -4.88
CA TRP C 458 25.07 34.87 -5.90
C TRP C 458 25.08 36.20 -6.62
N MET C 459 26.28 36.74 -6.80
CA MET C 459 26.47 38.12 -7.26
C MET C 459 26.16 38.18 -8.75
N TYR C 460 25.20 39.03 -9.13
CA TYR C 460 24.80 39.14 -10.54
C TYR C 460 25.11 40.53 -11.07
N ASP C 461 25.73 40.57 -12.24
CA ASP C 461 26.20 41.82 -12.82
C ASP C 461 25.03 42.75 -13.15
N LYS C 462 25.19 44.02 -12.82
CA LYS C 462 24.22 45.05 -13.15
C LYS C 462 24.64 45.85 -14.38
N HIS C 463 25.90 46.26 -14.44
CA HIS C 463 26.37 47.10 -15.54
C HIS C 463 26.36 46.34 -16.86
N GLN C 464 26.74 45.06 -16.84
CA GLN C 464 26.85 44.26 -18.05
C GLN C 464 25.57 43.44 -18.26
N GLU C 465 25.02 43.54 -19.47
CA GLU C 465 23.83 42.79 -19.81
C GLU C 465 24.20 41.37 -20.23
N GLY C 466 23.38 40.41 -19.82
CA GLY C 466 23.59 39.02 -20.17
C GLY C 466 23.08 38.71 -21.56
N ILE C 467 23.01 37.41 -21.86
CA ILE C 467 22.53 36.95 -23.15
C ILE C 467 21.10 36.43 -23.07
N ILE C 468 20.77 35.67 -22.03
CA ILE C 468 19.41 35.16 -21.88
C ILE C 468 18.39 36.30 -21.74
N PRO C 469 18.61 37.30 -20.88
CA PRO C 469 17.67 38.44 -20.86
C PRO C 469 17.60 39.17 -22.19
N LYS C 470 18.68 39.19 -22.96
CA LYS C 470 18.63 39.80 -24.29
C LYS C 470 17.61 39.08 -25.18
N GLU C 471 17.66 37.75 -25.19
CA GLU C 471 16.70 36.98 -25.98
C GLU C 471 15.28 37.16 -25.45
N ILE C 472 15.13 37.18 -24.13
CA ILE C 472 13.79 37.39 -23.56
C ILE C 472 13.24 38.75 -23.96
N ALA C 473 14.09 39.78 -23.94
CA ALA C 473 13.66 41.10 -24.35
C ALA C 473 13.30 41.13 -25.83
N LYS C 474 14.06 40.44 -26.66
CA LYS C 474 13.74 40.39 -28.10
C LYS C 474 12.38 39.75 -28.32
N VAL C 475 12.13 38.62 -27.65
CA VAL C 475 10.86 37.93 -27.82
C VAL C 475 9.71 38.76 -27.27
N PHE C 476 9.94 39.44 -26.14
CA PHE C 476 8.92 40.32 -25.57
C PHE C 476 8.59 41.46 -26.51
N PHE C 477 9.60 42.07 -27.13
CA PHE C 477 9.35 43.16 -28.07
C PHE C 477 8.59 42.65 -29.28
N GLN C 478 8.96 41.48 -29.79
CA GLN C 478 8.23 40.92 -30.93
C GLN C 478 6.77 40.62 -30.56
N ARG C 479 6.55 40.09 -29.37
CA ARG C 479 5.19 39.81 -28.90
C ARG C 479 4.39 41.10 -28.79
N LYS C 480 4.99 42.15 -28.23
CA LYS C 480 4.29 43.42 -28.10
C LYS C 480 3.94 44.00 -29.45
N ASP C 481 4.88 43.96 -30.39
CA ASP C 481 4.62 44.47 -31.74
C ASP C 481 3.50 43.68 -32.42
N TRP C 482 3.53 42.36 -32.30
CA TRP C 482 2.52 41.55 -32.98
C TRP C 482 1.15 41.71 -32.31
N LYS C 483 1.11 41.93 -31.00
CA LYS C 483 -0.18 42.18 -30.34
C LYS C 483 -0.72 43.54 -30.73
N LYS C 484 0.16 44.54 -30.90
CA LYS C 484 -0.27 45.82 -31.42
C LYS C 484 -0.83 45.67 -32.83
N LYS C 485 -0.18 44.85 -33.65
CA LYS C 485 -0.71 44.57 -34.99
C LYS C 485 -2.05 43.85 -34.90
N MET C 486 -2.20 42.96 -33.93
CA MET C 486 -3.50 42.33 -33.68
C MET C 486 -4.58 43.35 -33.40
N PHE C 487 -4.32 44.28 -32.49
CA PHE C 487 -5.32 45.28 -32.15
C PHE C 487 -5.64 46.17 -33.34
N ALA C 488 -4.60 46.56 -34.11
CA ALA C 488 -4.81 47.38 -35.30
C ALA C 488 -5.67 46.65 -36.32
N GLU C 489 -5.39 45.37 -36.57
CA GLU C 489 -6.20 44.61 -37.52
C GLU C 489 -7.63 44.41 -37.00
N GLU C 490 -7.78 44.23 -35.69
CA GLU C 490 -9.12 44.09 -35.11
C GLU C 490 -9.95 45.35 -35.36
N MET C 491 -9.39 46.52 -35.06
CA MET C 491 -10.15 47.75 -35.27
C MET C 491 -10.34 48.02 -36.76
N ASN C 492 -9.39 47.61 -37.60
CA ASN C 492 -9.56 47.75 -39.05
C ASN C 492 -10.74 46.92 -39.53
N ALA C 493 -10.80 45.65 -39.12
CA ALA C 493 -11.91 44.80 -39.53
C ALA C 493 -13.23 45.32 -39.00
N GLU C 494 -13.25 45.80 -37.76
CA GLU C 494 -14.48 46.38 -37.20
C GLU C 494 -14.92 47.61 -37.99
N ALA C 495 -13.96 48.46 -38.37
CA ALA C 495 -14.29 49.65 -39.16
C ALA C 495 -14.85 49.28 -40.53
N ILE C 496 -14.24 48.28 -41.18
CA ILE C 496 -14.75 47.87 -42.50
C ILE C 496 -16.13 47.23 -42.36
N LYS C 497 -16.37 46.49 -41.28
CA LYS C 497 -17.70 45.93 -41.04
C LYS C 497 -18.72 47.05 -40.84
N LYS C 498 -18.37 48.08 -40.07
CA LYS C 498 -19.26 49.21 -39.88
C LYS C 498 -19.54 49.93 -41.20
N ILE C 499 -18.51 50.06 -42.03
CA ILE C 499 -18.68 50.69 -43.34
C ILE C 499 -19.64 49.88 -44.20
N ILE C 500 -19.47 48.55 -44.21
CA ILE C 500 -20.37 47.70 -44.99
C ILE C 500 -21.80 47.83 -44.47
N MET C 501 -21.98 47.87 -43.15
CA MET C 501 -23.31 48.07 -42.59
C MET C 501 -23.88 49.42 -43.02
N LYS C 502 -23.03 50.44 -43.11
CA LYS C 502 -23.48 51.75 -43.59
C LYS C 502 -23.78 51.74 -45.08
N GLY C 503 -23.31 50.72 -45.81
CA GLY C 503 -23.55 50.65 -47.24
C GLY C 503 -22.26 50.65 -48.06
N ALA C 504 -22.02 49.55 -48.76
CA ALA C 504 -20.82 49.43 -49.57
C ALA C 504 -20.93 50.27 -50.84
N GLY C 505 -19.78 50.47 -51.48
CA GLY C 505 -19.70 51.24 -52.71
C GLY C 505 -19.95 50.40 -53.94
N SER C 506 -19.39 50.84 -55.07
CA SER C 506 -19.60 50.18 -56.35
C SER C 506 -18.29 50.06 -57.12
N CYS C 507 -17.22 49.68 -56.44
CA CYS C 507 -15.92 49.45 -57.07
C CYS C 507 -15.50 48.01 -56.87
N SER C 508 -15.14 47.34 -57.96
CA SER C 508 -14.77 45.93 -57.93
C SER C 508 -13.26 45.73 -58.03
N THR C 509 -12.47 46.77 -57.87
CA THR C 509 -11.02 46.70 -57.95
C THR C 509 -10.42 46.58 -56.55
N LYS C 510 -9.42 45.70 -56.42
CA LYS C 510 -8.78 45.48 -55.12
C LYS C 510 -7.46 46.24 -55.09
N PRO C 511 -7.33 47.30 -54.31
CA PRO C 511 -6.07 48.03 -54.24
C PRO C 511 -5.14 47.41 -53.20
N GLU C 512 -3.91 47.91 -53.16
CA GLU C 512 -2.94 47.45 -52.18
C GLU C 512 -3.23 48.05 -50.81
N VAL C 513 -3.10 47.24 -49.78
CA VAL C 513 -3.28 47.66 -48.39
C VAL C 513 -2.04 47.27 -47.60
N GLU C 514 -1.47 48.23 -46.88
CA GLU C 514 -0.31 47.96 -46.05
C GLU C 514 -0.73 47.06 -44.89
N ARG C 515 0.01 45.99 -44.67
CA ARG C 515 -0.39 44.98 -43.70
C ARG C 515 0.15 45.31 -42.31
N TYR C 516 -0.56 44.81 -41.29
CA TYR C 516 -0.14 44.89 -39.89
C TYR C 516 0.03 46.33 -39.42
N VAL C 517 -0.80 47.24 -39.92
CA VAL C 517 -0.78 48.63 -39.53
C VAL C 517 -2.21 49.09 -39.24
N LYS C 518 -2.34 50.36 -38.83
CA LYS C 518 -3.63 50.94 -38.50
C LYS C 518 -4.15 51.75 -39.69
N PHE C 519 -5.40 51.51 -40.06
CA PHE C 519 -6.00 52.25 -41.16
C PHE C 519 -6.31 53.68 -40.74
N SER C 520 -6.22 54.59 -41.71
CA SER C 520 -6.56 55.98 -41.49
C SER C 520 -8.03 56.23 -41.81
N ASP C 521 -8.56 57.35 -41.32
CA ASP C 521 -9.95 57.69 -41.57
C ASP C 521 -10.19 57.92 -43.06
N ASP C 522 -9.25 58.58 -43.73
CA ASP C 522 -9.36 58.75 -45.18
C ASP C 522 -9.32 57.41 -45.90
N PHE C 523 -8.52 56.47 -45.38
CA PHE C 523 -8.51 55.12 -45.96
C PHE C 523 -9.87 54.45 -45.82
N LEU C 524 -10.52 54.63 -44.67
CA LEU C 524 -11.87 54.09 -44.49
C LEU C 524 -12.85 54.75 -45.46
N ASN C 525 -12.74 56.07 -45.62
CA ASN C 525 -13.63 56.77 -46.56
C ASN C 525 -13.44 56.25 -47.98
N GLU C 526 -12.20 56.03 -48.40
CA GLU C 526 -11.95 55.48 -49.73
C GLU C 526 -12.47 54.06 -49.84
N LEU C 527 -12.25 53.23 -48.81
CA LEU C 527 -12.71 51.85 -48.84
C LEU C 527 -14.24 51.75 -48.85
N SER C 528 -14.93 52.79 -48.38
CA SER C 528 -16.39 52.78 -48.40
C SER C 528 -16.94 52.80 -49.82
N ASN C 529 -16.11 53.10 -50.82
CA ASN C 529 -16.55 53.23 -52.21
C ASN C 529 -16.39 51.94 -53.00
N TYR C 530 -16.02 50.83 -52.37
CA TYR C 530 -15.80 49.57 -53.05
C TYR C 530 -17.01 48.64 -52.89
N THR C 531 -17.12 47.69 -53.80
CA THR C 531 -18.25 46.77 -53.80
C THR C 531 -18.25 45.89 -52.55
N GLU C 532 -19.43 45.34 -52.24
CA GLU C 532 -19.56 44.47 -51.08
C GLU C 532 -18.74 43.19 -51.25
N SER C 533 -18.63 42.68 -52.48
CA SER C 533 -17.79 41.51 -52.72
C SER C 533 -16.32 41.81 -52.45
N VAL C 534 -15.83 42.94 -52.97
CA VAL C 534 -14.43 43.31 -52.74
C VAL C 534 -14.20 43.66 -51.28
N LEU C 535 -15.17 44.31 -50.64
CA LEU C 535 -15.04 44.62 -49.22
C LEU C 535 -15.00 43.33 -48.39
N ASN C 536 -15.82 42.34 -48.75
CA ASN C 536 -15.79 41.06 -48.06
C ASN C 536 -14.44 40.35 -48.29
N SER C 537 -13.90 40.45 -49.50
CA SER C 537 -12.59 39.87 -49.77
C SER C 537 -11.52 40.56 -48.95
N LEU C 538 -11.60 41.89 -48.81
CA LEU C 538 -10.65 42.62 -47.98
C LEU C 538 -10.78 42.22 -46.51
N ILE C 539 -12.02 42.02 -46.04
CA ILE C 539 -12.22 41.56 -44.68
C ILE C 539 -11.64 40.16 -44.49
N GLU C 540 -11.80 39.30 -45.51
CA GLU C 540 -11.22 37.97 -45.45
C GLU C 540 -9.70 38.02 -45.37
N GLU C 541 -9.08 38.89 -46.19
CA GLU C 541 -7.63 39.04 -46.14
C GLU C 541 -7.17 39.59 -44.79
N CYS C 542 -7.91 40.55 -44.24
CA CYS C 542 -7.60 41.06 -42.91
C CYS C 542 -7.75 39.97 -41.86
N GLU C 543 -8.72 39.08 -42.03
CA GLU C 543 -8.90 37.98 -41.09
C GLU C 543 -7.78 36.95 -41.20
N LYS C 544 -7.28 36.69 -42.41
CA LYS C 544 -6.11 35.83 -42.54
C LYS C 544 -4.88 36.48 -41.93
N ALA C 545 -4.71 37.79 -42.10
CA ALA C 545 -3.65 38.49 -41.40
C ALA C 545 -3.84 38.40 -39.89
N ALA C 546 -5.08 38.44 -39.42
CA ALA C 546 -5.35 38.29 -37.99
C ALA C 546 -5.01 36.88 -37.52
N THR C 547 -5.24 35.87 -38.36
CA THR C 547 -4.83 34.51 -38.01
C THR C 547 -3.32 34.40 -37.91
N LEU C 548 -2.60 35.04 -38.85
CA LEU C 548 -1.15 35.08 -38.75
C LEU C 548 -0.70 35.77 -37.48
N ALA C 549 -1.38 36.87 -37.13
CA ALA C 549 -1.09 37.56 -35.88
C ALA C 549 -1.37 36.67 -34.68
N ASN C 550 -2.45 35.88 -34.74
CA ASN C 550 -2.74 34.92 -33.68
C ASN C 550 -1.61 33.92 -33.52
N THR C 551 -1.17 33.35 -34.64
CA THR C 551 -0.10 32.37 -34.60
C THR C 551 1.15 32.97 -33.98
N ASN C 552 1.58 34.13 -34.48
CA ASN C 552 2.79 34.76 -33.94
C ASN C 552 2.63 35.15 -32.47
N GLN C 553 1.48 35.70 -32.11
CA GLN C 553 1.27 36.21 -30.76
C GLN C 553 1.31 35.06 -29.76
N LEU C 554 0.54 33.99 -30.00
CA LEU C 554 0.57 32.88 -29.05
C LEU C 554 1.86 32.07 -29.17
N ASN C 555 2.53 32.11 -30.32
CA ASN C 555 3.90 31.58 -30.43
C ASN C 555 4.83 32.23 -29.42
N ARG C 556 4.88 33.57 -29.43
CA ARG C 556 5.71 34.29 -28.49
C ARG C 556 5.28 34.01 -27.07
N LYS C 557 3.96 33.95 -26.84
CA LYS C 557 3.44 33.68 -25.51
C LYS C 557 3.98 32.36 -24.96
N ILE C 558 3.87 31.29 -25.75
CA ILE C 558 4.23 29.98 -25.22
C ILE C 558 5.74 29.82 -25.16
N LEU C 559 6.49 30.46 -26.07
CA LEU C 559 7.94 30.45 -25.93
C LEU C 559 8.36 31.11 -24.62
N ILE C 560 7.76 32.25 -24.30
CA ILE C 560 8.06 32.95 -23.06
C ILE C 560 7.72 32.08 -21.87
N ASN C 561 6.55 31.42 -21.91
CA ASN C 561 6.14 30.62 -20.78
C ASN C 561 6.87 29.28 -20.68
N SER C 562 7.57 28.85 -21.72
CA SER C 562 8.37 27.64 -21.67
C SER C 562 9.84 27.89 -21.38
N LEU C 563 10.28 29.15 -21.43
CA LEU C 563 11.66 29.47 -21.06
C LEU C 563 12.01 28.91 -19.68
N TYR C 564 11.17 29.18 -18.68
CA TYR C 564 11.50 28.75 -17.32
C TYR C 564 11.60 27.23 -17.23
N GLY C 565 10.67 26.52 -17.86
CA GLY C 565 10.75 25.07 -17.88
C GLY C 565 12.02 24.59 -18.57
N ALA C 566 12.49 25.35 -19.55
CA ALA C 566 13.77 25.01 -20.18
C ALA C 566 14.93 25.18 -19.20
N LEU C 567 14.97 26.31 -18.50
CA LEU C 567 16.11 26.59 -17.62
C LEU C 567 16.17 25.63 -16.44
N GLY C 568 15.03 25.06 -16.04
CA GLY C 568 15.01 24.17 -14.90
C GLY C 568 15.44 22.74 -15.19
N ASN C 569 15.80 22.43 -16.43
CA ASN C 569 16.19 21.08 -16.80
C ASN C 569 17.70 20.96 -16.87
N ILE C 570 18.22 19.81 -16.42
CA ILE C 570 19.66 19.61 -16.39
C ILE C 570 20.25 19.58 -17.80
N HIS C 571 19.52 19.04 -18.76
CA HIS C 571 20.04 18.89 -20.11
C HIS C 571 20.06 20.21 -20.88
N PHE C 572 19.46 21.27 -20.35
CA PHE C 572 19.54 22.56 -21.01
C PHE C 572 20.97 23.07 -20.98
N ARG C 573 21.34 23.83 -22.02
CA ARG C 573 22.71 24.25 -22.20
C ARG C 573 23.21 25.15 -21.08
N TYR C 574 22.32 25.72 -20.29
CA TYR C 574 22.67 26.70 -19.27
C TYR C 574 22.04 26.34 -17.93
N TYR C 575 22.05 25.06 -17.59
CA TYR C 575 21.50 24.64 -16.31
C TYR C 575 22.43 25.07 -15.17
N ASP C 576 21.81 25.42 -14.04
CA ASP C 576 22.55 25.78 -12.84
C ASP C 576 21.58 25.75 -11.67
N LEU C 577 22.00 25.10 -10.57
CA LEU C 577 21.19 25.14 -9.36
C LEU C 577 21.05 26.57 -8.85
N ARG C 578 22.15 27.34 -8.93
CA ARG C 578 22.15 28.69 -8.38
C ARG C 578 21.14 29.58 -9.10
N ASN C 579 21.08 29.49 -10.43
CA ASN C 579 20.20 30.37 -11.19
C ASN C 579 18.73 30.06 -10.92
N ALA C 580 18.35 28.78 -11.00
CA ALA C 580 16.97 28.40 -10.74
C ALA C 580 16.56 28.72 -9.32
N THR C 581 17.43 28.43 -8.36
CA THR C 581 17.11 28.78 -6.97
C THR C 581 16.97 30.28 -6.81
N ALA C 582 17.85 31.06 -7.45
CA ALA C 582 17.77 32.51 -7.34
C ALA C 582 16.44 33.04 -7.85
N ILE C 583 16.01 32.57 -9.02
CA ILE C 583 14.76 33.09 -9.59
C ILE C 583 13.56 32.63 -8.76
N THR C 584 13.58 31.38 -8.28
CA THR C 584 12.45 30.89 -7.50
C THR C 584 12.31 31.65 -6.19
N ILE C 585 13.41 31.80 -5.45
CA ILE C 585 13.31 32.55 -4.19
C ILE C 585 13.03 34.01 -4.45
N PHE C 586 13.49 34.56 -5.58
CA PHE C 586 13.10 35.93 -5.93
C PHE C 586 11.59 36.05 -6.04
N GLY C 587 10.96 35.12 -6.75
CA GLY C 587 9.51 35.12 -6.81
C GLY C 587 8.86 35.00 -5.45
N GLN C 588 9.39 34.10 -4.61
CA GLN C 588 8.81 33.89 -3.29
C GLN C 588 8.88 35.15 -2.43
N VAL C 589 10.06 35.77 -2.36
CA VAL C 589 10.19 36.99 -1.57
C VAL C 589 9.34 38.10 -2.17
N GLY C 590 9.21 38.15 -3.49
CA GLY C 590 8.37 39.18 -4.08
C GLY C 590 6.92 39.05 -3.65
N ILE C 591 6.37 37.83 -3.71
CA ILE C 591 4.96 37.67 -3.38
C ILE C 591 4.73 37.87 -1.89
N GLN C 592 5.63 37.37 -1.05
CA GLN C 592 5.45 37.56 0.40
C GLN C 592 5.60 39.02 0.79
N TRP C 593 6.52 39.73 0.13
CA TRP C 593 6.65 41.17 0.34
C TRP C 593 5.39 41.90 -0.04
N ILE C 594 4.80 41.55 -1.19
CA ILE C 594 3.55 42.17 -1.59
C ILE C 594 2.47 41.89 -0.55
N ALA C 595 2.41 40.67 -0.03
CA ALA C 595 1.40 40.32 0.97
C ALA C 595 1.55 41.16 2.23
N ARG C 596 2.77 41.24 2.78
CA ARG C 596 2.93 41.98 4.02
C ARG C 596 2.70 43.48 3.79
N LYS C 597 3.13 43.99 2.63
CA LYS C 597 2.92 45.40 2.34
C LYS C 597 1.45 45.74 2.18
N ILE C 598 0.68 44.89 1.51
CA ILE C 598 -0.74 45.18 1.36
C ILE C 598 -1.43 45.09 2.72
N ASN C 599 -0.97 44.16 3.58
CA ASN C 599 -1.49 44.13 4.94
C ASN C 599 -1.29 45.48 5.64
N GLU C 600 -0.05 45.98 5.64
CA GLU C 600 0.21 47.22 6.38
C GLU C 600 -0.43 48.42 5.70
N TYR C 601 -0.55 48.41 4.37
CA TYR C 601 -1.21 49.50 3.67
C TYR C 601 -2.69 49.57 4.01
N LEU C 602 -3.37 48.42 4.03
CA LEU C 602 -4.76 48.41 4.44
C LEU C 602 -4.90 48.84 5.90
N ASN C 603 -3.96 48.41 6.74
CA ASN C 603 -3.98 48.85 8.14
C ASN C 603 -3.91 50.36 8.24
N LYS C 604 -2.98 50.99 7.52
CA LYS C 604 -2.80 52.43 7.62
C LYS C 604 -3.89 53.20 6.88
N VAL C 605 -4.58 52.57 5.93
CA VAL C 605 -5.61 53.27 5.17
C VAL C 605 -6.93 53.25 5.93
N CYS C 606 -7.34 52.07 6.41
CA CYS C 606 -8.61 51.95 7.10
C CYS C 606 -8.51 52.21 8.61
N GLY C 607 -7.33 52.54 9.10
CA GLY C 607 -7.15 52.84 10.51
C GLY C 607 -7.00 51.64 11.41
N THR C 608 -7.06 50.43 10.87
CA THR C 608 -6.90 49.24 11.68
C THR C 608 -5.43 49.07 12.08
N ASN C 609 -5.21 48.44 13.23
CA ASN C 609 -3.88 48.26 13.79
C ASN C 609 -3.60 46.77 13.92
N ASP C 610 -2.49 46.32 13.33
CA ASP C 610 -1.98 44.95 13.42
C ASP C 610 -2.94 43.91 12.86
N GLU C 611 -3.92 44.32 12.06
CA GLU C 611 -4.90 43.38 11.53
C GLU C 611 -4.38 42.73 10.25
N ASP C 612 -4.98 41.60 9.91
CA ASP C 612 -4.58 40.80 8.75
C ASP C 612 -5.66 40.85 7.68
N PHE C 613 -5.24 41.01 6.42
CA PHE C 613 -6.17 41.09 5.30
C PHE C 613 -5.78 40.28 4.08
N ILE C 614 -4.54 39.79 3.99
CA ILE C 614 -4.15 38.99 2.82
C ILE C 614 -4.88 37.66 2.88
N ALA C 615 -5.56 37.32 1.78
CA ALA C 615 -6.32 36.05 1.73
C ALA C 615 -5.40 34.89 1.36
N ALA C 616 -5.96 33.81 0.81
CA ALA C 616 -5.15 32.62 0.47
C ALA C 616 -4.47 32.82 -0.89
N GLY C 617 -3.33 33.51 -0.91
CA GLY C 617 -2.62 33.76 -2.18
C GLY C 617 -1.83 32.55 -2.63
N ASP C 618 -2.52 31.56 -3.20
CA ASP C 618 -1.83 30.32 -3.68
C ASP C 618 -0.74 30.70 -4.69
N THR C 619 0.44 30.09 -4.59
CA THR C 619 1.58 30.39 -5.50
C THR C 619 1.73 31.90 -5.71
N ASP C 620 2.02 32.33 -6.94
CA ASP C 620 2.24 33.77 -7.24
C ASP C 620 0.92 34.54 -7.08
N SER C 621 -0.19 33.96 -7.55
CA SER C 621 -1.49 34.66 -7.49
C SER C 621 -1.77 35.11 -6.05
N VAL C 622 -2.13 36.39 -5.87
CA VAL C 622 -2.43 36.92 -4.50
C VAL C 622 -3.89 37.37 -4.46
N TYR C 623 -4.61 37.01 -3.40
CA TYR C 623 -6.05 37.38 -3.27
C TYR C 623 -6.17 38.38 -2.12
N VAL C 624 -6.77 39.55 -2.39
CA VAL C 624 -6.85 40.61 -1.34
C VAL C 624 -8.29 41.14 -1.28
N CYS C 625 -8.52 42.22 -0.52
CA CYS C 625 -9.89 42.79 -0.35
C CYS C 625 -10.82 41.72 0.24
N VAL C 626 -10.69 41.46 1.54
CA VAL C 626 -11.50 40.38 2.18
C VAL C 626 -12.84 40.96 2.69
N ASP C 627 -12.83 41.63 3.84
CA ASP C 627 -14.07 42.22 4.42
C ASP C 627 -13.72 43.48 5.22
N LYS C 628 -13.51 44.61 4.55
CA LYS C 628 -13.11 45.86 5.26
C LYS C 628 -13.40 47.07 4.37
N VAL C 629 -12.74 47.16 3.20
CA VAL C 629 -12.89 48.36 2.32
C VAL C 629 -14.37 48.62 2.04
N ILE C 630 -15.10 47.62 1.55
CA ILE C 630 -16.53 47.83 1.18
C ILE C 630 -17.32 48.31 2.41
N GLU C 631 -17.14 47.63 3.54
CA GLU C 631 -17.88 47.99 4.78
C GLU C 631 -17.48 49.40 5.21
N LYS C 632 -16.17 49.68 5.23
CA LYS C 632 -15.66 51.01 5.69
C LYS C 632 -16.52 52.12 5.08
N VAL C 633 -16.83 52.02 3.79
CA VAL C 633 -17.59 53.11 3.09
C VAL C 633 -19.09 52.91 3.37
N GLY C 634 -19.63 51.76 2.99
CA GLY C 634 -21.07 51.48 3.22
C GLY C 634 -21.73 50.84 2.01
N LEU C 635 -22.57 49.83 2.24
CA LEU C 635 -23.29 49.14 1.13
C LEU C 635 -24.48 50.00 0.68
N ASP C 636 -24.88 50.98 1.50
CA ASP C 636 -26.05 51.84 1.19
C ASP C 636 -25.78 52.66 -0.08
N ARG C 637 -24.50 52.83 -0.44
CA ARG C 637 -24.14 53.68 -1.60
C ARG C 637 -24.34 52.90 -2.92
N PHE C 638 -24.98 51.72 -2.85
CA PHE C 638 -25.11 50.90 -4.07
C PHE C 638 -26.58 50.56 -4.36
N LYS C 639 -27.24 51.34 -5.22
CA LYS C 639 -28.60 50.99 -5.61
C LYS C 639 -28.64 49.74 -6.48
N GLU C 640 -27.51 49.32 -7.03
CA GLU C 640 -27.45 48.15 -7.88
C GLU C 640 -26.06 47.52 -7.72
N GLN C 641 -26.02 46.18 -7.78
CA GLN C 641 -24.76 45.45 -7.66
C GLN C 641 -23.73 45.95 -8.66
N ASN C 642 -24.18 46.31 -9.87
CA ASN C 642 -23.27 46.87 -10.86
C ASN C 642 -22.62 48.15 -10.37
N ASP C 643 -23.36 48.97 -9.60
CA ASP C 643 -22.76 50.16 -9.01
C ASP C 643 -21.68 49.80 -8.01
N LEU C 644 -21.89 48.74 -7.23
CA LEU C 644 -20.84 48.28 -6.33
C LEU C 644 -19.62 47.82 -7.10
N VAL C 645 -19.83 47.15 -8.24
CA VAL C 645 -18.70 46.74 -9.07
C VAL C 645 -17.97 47.95 -9.62
N GLU C 646 -18.71 48.99 -10.01
CA GLU C 646 -18.08 50.21 -10.51
C GLU C 646 -17.25 50.89 -9.42
N PHE C 647 -17.78 50.96 -8.20
CA PHE C 647 -17.01 51.54 -7.11
C PHE C 647 -15.78 50.69 -6.81
N MET C 648 -15.95 49.37 -6.87
CA MET C 648 -14.83 48.44 -6.81
C MET C 648 -13.74 48.83 -7.80
N ASN C 649 -14.12 49.02 -9.06
CA ASN C 649 -13.14 49.43 -10.07
C ASN C 649 -12.51 50.76 -9.73
N GLN C 650 -13.32 51.72 -9.27
CA GLN C 650 -12.82 53.07 -9.00
C GLN C 650 -11.76 53.05 -7.91
N PHE C 651 -12.08 52.45 -6.75
CA PHE C 651 -11.08 52.45 -5.69
C PHE C 651 -9.94 51.47 -5.95
N GLY C 652 -10.17 50.44 -6.76
CA GLY C 652 -9.05 49.60 -7.18
C GLY C 652 -8.04 50.38 -7.99
N LYS C 653 -8.52 51.16 -8.96
CA LYS C 653 -7.63 52.03 -9.72
C LYS C 653 -7.02 53.12 -8.84
N LYS C 654 -7.77 53.56 -7.82
CA LYS C 654 -7.23 54.58 -6.92
C LYS C 654 -6.06 54.05 -6.11
N LYS C 655 -6.16 52.82 -5.61
CA LYS C 655 -5.20 52.30 -4.65
C LYS C 655 -4.22 51.28 -5.22
N MET C 656 -4.32 50.90 -6.50
CA MET C 656 -3.51 49.79 -6.99
C MET C 656 -2.14 50.26 -7.47
N GLU C 657 -2.12 51.11 -8.50
CA GLU C 657 -0.84 51.44 -9.13
C GLU C 657 0.17 52.13 -8.21
N PRO C 658 -0.18 53.12 -7.37
CA PRO C 658 0.88 53.71 -6.54
C PRO C 658 1.40 52.76 -5.50
N MET C 659 0.51 51.98 -4.88
CA MET C 659 0.93 51.06 -3.82
C MET C 659 1.86 49.98 -4.36
N ILE C 660 1.44 49.27 -5.42
CA ILE C 660 2.28 48.23 -5.98
C ILE C 660 3.54 48.83 -6.59
N ASP C 661 3.42 50.02 -7.18
CA ASP C 661 4.59 50.68 -7.77
C ASP C 661 5.65 50.93 -6.72
N VAL C 662 5.27 51.55 -5.60
CA VAL C 662 6.26 51.83 -4.56
C VAL C 662 6.74 50.54 -3.91
N ALA C 663 5.87 49.53 -3.76
CA ALA C 663 6.31 48.28 -3.16
C ALA C 663 7.39 47.60 -3.98
N TYR C 664 7.13 47.40 -5.27
CA TYR C 664 8.13 46.73 -6.10
C TYR C 664 9.32 47.63 -6.39
N ARG C 665 9.13 48.96 -6.35
CA ARG C 665 10.27 49.87 -6.42
C ARG C 665 11.17 49.68 -5.22
N GLU C 666 10.60 49.56 -4.02
CA GLU C 666 11.41 49.29 -2.84
C GLU C 666 12.13 47.96 -3.00
N LEU C 667 11.43 46.95 -3.54
CA LEU C 667 12.07 45.65 -3.72
C LEU C 667 13.25 45.73 -4.67
N CYS C 668 13.12 46.40 -5.81
CA CYS C 668 14.23 46.45 -6.74
C CYS C 668 15.38 47.31 -6.21
N ASP C 669 15.04 48.40 -5.51
CA ASP C 669 16.10 49.23 -4.92
C ASP C 669 16.86 48.47 -3.85
N TYR C 670 16.13 47.74 -2.99
CA TYR C 670 16.81 46.90 -1.98
C TYR C 670 17.80 45.99 -2.70
N MET C 671 17.38 45.39 -3.81
CA MET C 671 18.24 44.44 -4.55
C MET C 671 19.14 45.22 -5.52
N ASN C 672 18.87 46.51 -5.70
CA ASN C 672 19.69 47.37 -6.60
C ASN C 672 19.87 46.66 -7.96
N ASN C 673 18.77 46.40 -8.67
CA ASN C 673 18.86 45.78 -10.01
C ASN C 673 18.85 46.86 -11.10
N ARG C 674 19.13 46.48 -12.35
CA ARG C 674 19.22 47.48 -13.45
C ARG C 674 17.83 48.10 -13.72
N GLU C 675 16.77 47.29 -13.67
CA GLU C 675 15.42 47.82 -14.02
C GLU C 675 14.34 47.02 -13.28
N HIS C 676 13.12 47.55 -13.20
CA HIS C 676 11.99 46.83 -12.55
C HIS C 676 10.94 46.50 -13.60
N LEU C 677 10.56 45.22 -13.72
CA LEU C 677 9.58 44.80 -14.76
C LEU C 677 8.50 43.92 -14.13
N MET C 678 7.83 44.41 -13.08
CA MET C 678 6.79 43.63 -12.42
C MET C 678 5.57 44.53 -12.22
N HIS C 679 4.48 44.22 -12.93
CA HIS C 679 3.26 45.01 -12.88
C HIS C 679 2.09 44.13 -12.46
N MET C 680 1.31 44.62 -11.50
CA MET C 680 0.08 43.98 -11.10
C MET C 680 -1.04 44.35 -12.07
N ASP C 681 -2.11 43.58 -12.02
CA ASP C 681 -3.34 43.92 -12.73
C ASP C 681 -4.50 43.10 -12.18
N ARG C 682 -5.56 43.78 -11.75
CA ARG C 682 -6.73 43.10 -11.21
C ARG C 682 -7.28 42.10 -12.22
N GLU C 683 -7.17 40.81 -11.92
CA GLU C 683 -7.62 39.79 -12.85
C GLU C 683 -9.07 39.40 -12.62
N ALA C 684 -9.38 38.89 -11.43
CA ALA C 684 -10.71 38.37 -11.14
C ALA C 684 -11.30 39.12 -9.94
N ILE C 685 -12.58 39.46 -10.01
CA ILE C 685 -13.27 40.13 -8.93
C ILE C 685 -14.50 39.31 -8.58
N SER C 686 -14.55 38.76 -7.38
CA SER C 686 -15.71 38.04 -6.90
C SER C 686 -16.35 38.85 -5.77
N CYS C 687 -17.67 38.73 -5.65
CA CYS C 687 -18.41 39.36 -4.57
C CYS C 687 -19.83 38.79 -4.54
N PRO C 688 -20.40 38.60 -3.35
CA PRO C 688 -21.78 38.12 -3.28
C PRO C 688 -22.73 39.10 -3.93
N PRO C 689 -23.77 38.61 -4.60
CA PRO C 689 -24.72 39.52 -5.23
C PRO C 689 -25.37 40.45 -4.22
N LEU C 690 -25.53 41.71 -4.60
CA LEU C 690 -26.04 42.72 -3.68
C LEU C 690 -27.47 42.40 -3.28
N GLY C 691 -27.79 42.65 -2.02
CA GLY C 691 -29.14 42.41 -1.53
C GLY C 691 -29.49 40.94 -1.35
N SER C 692 -28.49 40.08 -1.18
CA SER C 692 -28.72 38.65 -1.02
C SER C 692 -27.86 38.13 0.12
N LYS C 693 -28.31 37.02 0.71
CA LYS C 693 -27.61 36.39 1.82
C LYS C 693 -26.53 35.41 1.36
N GLY C 694 -26.35 35.23 0.06
CA GLY C 694 -25.29 34.37 -0.42
C GLY C 694 -23.92 34.89 -0.05
N VAL C 695 -22.97 33.98 0.09
CA VAL C 695 -21.66 34.36 0.60
C VAL C 695 -20.72 34.81 -0.52
N GLY C 696 -20.86 34.27 -1.72
CA GLY C 696 -20.02 34.67 -2.83
C GLY C 696 -18.76 33.84 -2.99
N GLY C 697 -17.88 33.88 -2.00
CA GLY C 697 -16.63 33.15 -2.10
C GLY C 697 -16.17 32.53 -0.81
N PHE C 698 -15.62 31.32 -0.89
CA PHE C 698 -15.12 30.61 0.28
C PHE C 698 -13.86 29.85 -0.13
N TRP C 699 -13.22 29.22 0.86
CA TRP C 699 -12.04 28.40 0.62
C TRP C 699 -12.14 27.14 1.47
N LYS C 700 -11.79 26.00 0.86
CA LYS C 700 -11.82 24.72 1.55
C LYS C 700 -10.44 24.31 2.04
N ALA C 701 -9.48 24.21 1.13
CA ALA C 701 -8.11 23.85 1.46
C ALA C 701 -7.21 24.35 0.35
N LYS C 702 -5.95 23.92 0.36
CA LYS C 702 -5.00 24.32 -0.67
C LYS C 702 -5.52 23.96 -2.05
N LYS C 703 -5.50 24.93 -2.97
CA LYS C 703 -5.93 24.69 -4.37
C LYS C 703 -7.40 24.25 -4.42
N ARG C 704 -8.18 24.60 -3.39
CA ARG C 704 -9.63 24.28 -3.40
C ARG C 704 -10.41 25.57 -3.07
N TYR C 705 -11.05 26.17 -4.08
CA TYR C 705 -11.75 27.47 -3.83
C TYR C 705 -12.75 27.79 -4.94
N ALA C 706 -13.83 28.49 -4.57
CA ALA C 706 -14.83 28.92 -5.53
C ALA C 706 -15.15 30.39 -5.31
N LEU C 707 -15.17 31.15 -6.40
CA LEU C 707 -15.38 32.58 -6.35
C LEU C 707 -16.51 32.98 -7.29
N ASN C 708 -17.38 33.88 -6.84
CA ASN C 708 -18.47 34.40 -7.64
C ASN C 708 -17.97 35.61 -8.44
N VAL C 709 -17.13 35.29 -9.43
CA VAL C 709 -16.43 36.33 -10.19
C VAL C 709 -17.42 37.04 -11.11
N TYR C 710 -17.21 38.35 -11.29
CA TYR C 710 -18.07 39.20 -12.08
C TYR C 710 -17.36 39.81 -13.29
N ASP C 711 -16.23 40.48 -13.07
CA ASP C 711 -15.49 41.16 -14.13
C ASP C 711 -14.08 40.57 -14.17
N MET C 712 -13.91 39.50 -14.93
CA MET C 712 -12.62 38.83 -15.05
C MET C 712 -11.81 39.48 -16.16
N GLU C 713 -10.59 39.91 -15.82
CA GLU C 713 -9.65 40.59 -16.73
C GLU C 713 -10.36 41.55 -17.67
N ASP C 714 -11.04 42.52 -17.06
CA ASP C 714 -11.70 43.62 -17.79
C ASP C 714 -12.73 43.09 -18.80
N LYS C 715 -13.50 42.09 -18.38
CA LYS C 715 -14.61 41.55 -19.19
C LYS C 715 -15.84 41.50 -18.29
N ARG C 716 -16.64 42.55 -18.33
CA ARG C 716 -17.87 42.57 -17.56
C ARG C 716 -18.81 41.46 -18.01
N PHE C 717 -19.38 40.75 -17.03
CA PHE C 717 -20.31 39.66 -17.29
C PHE C 717 -21.71 40.09 -16.91
N ALA C 718 -22.67 39.84 -17.80
CA ALA C 718 -24.06 40.15 -17.49
C ALA C 718 -24.59 39.29 -16.35
N GLU C 719 -24.02 38.11 -16.17
CA GLU C 719 -24.42 37.17 -15.12
C GLU C 719 -23.19 36.72 -14.37
N PRO C 720 -23.35 36.28 -13.11
CA PRO C 720 -22.20 35.82 -12.34
C PRO C 720 -21.55 34.61 -12.97
N HIS C 721 -20.24 34.46 -12.73
CA HIS C 721 -19.49 33.30 -13.18
C HIS C 721 -18.87 32.62 -11.97
N LEU C 722 -19.13 31.32 -11.83
CA LEU C 722 -18.69 30.55 -10.67
C LEU C 722 -17.33 29.94 -10.99
N LYS C 723 -16.26 30.67 -10.68
CA LYS C 723 -14.91 30.18 -10.96
C LYS C 723 -14.63 29.20 -9.83
N ILE C 724 -14.65 27.91 -10.14
CA ILE C 724 -14.54 26.85 -9.14
C ILE C 724 -13.30 26.01 -9.47
N MET C 725 -12.52 25.68 -8.45
CA MET C 725 -11.36 24.82 -8.63
C MET C 725 -11.21 23.94 -7.40
N GLY C 726 -11.02 22.65 -7.62
CA GLY C 726 -10.68 21.70 -6.59
C GLY C 726 -11.82 20.87 -6.07
N MET C 727 -13.06 21.34 -6.21
CA MET C 727 -14.20 20.58 -5.70
C MET C 727 -14.51 19.40 -6.62
N GLU C 728 -15.60 18.72 -6.29
CA GLU C 728 -16.03 17.54 -7.03
C GLU C 728 -16.74 17.87 -8.34
N THR C 729 -17.08 19.14 -8.57
CA THR C 729 -17.87 19.50 -9.74
C THR C 729 -17.13 19.18 -11.03
N GLN C 730 -15.90 19.67 -11.18
CA GLN C 730 -15.12 19.35 -12.37
C GLN C 730 -14.62 17.93 -12.34
N GLN C 731 -14.41 17.36 -11.16
CA GLN C 731 -13.95 15.98 -11.06
C GLN C 731 -15.04 15.04 -11.53
N SER C 732 -14.63 13.97 -12.22
CA SER C 732 -15.57 13.04 -12.84
C SER C 732 -15.76 11.77 -12.02
N SER C 733 -15.34 11.76 -10.76
CA SER C 733 -15.59 10.61 -9.91
C SER C 733 -17.08 10.41 -9.67
N THR C 734 -17.81 11.50 -9.42
CA THR C 734 -19.25 11.44 -9.18
C THR C 734 -20.00 11.42 -10.51
N PRO C 735 -21.21 10.85 -10.52
CA PRO C 735 -22.02 10.86 -11.75
C PRO C 735 -22.37 12.28 -12.17
N LYS C 736 -22.72 12.43 -13.46
CA LYS C 736 -22.97 13.75 -14.02
C LYS C 736 -24.14 14.44 -13.34
N ALA C 737 -25.17 13.67 -12.94
CA ALA C 737 -26.26 14.25 -12.18
C ALA C 737 -25.78 14.80 -10.84
N VAL C 738 -24.90 14.05 -10.17
CA VAL C 738 -24.33 14.52 -8.90
C VAL C 738 -23.48 15.76 -9.13
N GLN C 739 -22.75 15.79 -10.25
CA GLN C 739 -21.95 16.97 -10.57
C GLN C 739 -22.83 18.20 -10.77
N GLU C 740 -23.93 18.05 -11.51
CA GLU C 740 -24.84 19.16 -11.72
C GLU C 740 -25.45 19.62 -10.40
N ALA C 741 -25.84 18.65 -9.55
CA ALA C 741 -26.39 19.00 -8.25
C ALA C 741 -25.38 19.77 -7.40
N LEU C 742 -24.13 19.32 -7.40
CA LEU C 742 -23.09 19.99 -6.64
C LEU C 742 -22.86 21.40 -7.16
N GLU C 743 -22.81 21.57 -8.48
CA GLU C 743 -22.62 22.90 -9.04
C GLU C 743 -23.77 23.82 -8.67
N GLU C 744 -25.00 23.31 -8.73
CA GLU C 744 -26.15 24.13 -8.34
C GLU C 744 -26.08 24.51 -6.87
N SER C 745 -25.67 23.57 -6.02
CA SER C 745 -25.54 23.88 -4.60
C SER C 745 -24.47 24.95 -4.37
N ILE C 746 -23.35 24.86 -5.09
CA ILE C 746 -22.32 25.89 -4.96
C ILE C 746 -22.86 27.24 -5.37
N ARG C 747 -23.56 27.30 -6.51
CA ARG C 747 -24.17 28.55 -6.94
C ARG C 747 -25.11 29.09 -5.87
N ARG C 748 -25.86 28.20 -5.23
CA ARG C 748 -26.81 28.63 -4.21
C ARG C 748 -26.09 29.22 -2.99
N ILE C 749 -25.04 28.55 -2.52
CA ILE C 749 -24.35 29.07 -1.34
C ILE C 749 -23.60 30.36 -1.65
N LEU C 750 -23.17 30.55 -2.90
CA LEU C 750 -22.48 31.80 -3.21
C LEU C 750 -23.43 32.91 -3.69
N GLN C 751 -24.70 32.64 -3.94
CA GLN C 751 -25.51 33.69 -4.54
C GLN C 751 -26.70 34.15 -3.70
N GLU C 752 -27.45 33.25 -3.07
CA GLU C 752 -28.63 33.68 -2.32
C GLU C 752 -28.58 33.33 -0.84
N GLY C 753 -28.11 32.14 -0.46
CA GLY C 753 -27.78 31.86 0.92
C GLY C 753 -28.57 30.69 1.48
N GLU C 754 -28.60 30.62 2.81
CA GLU C 754 -29.01 29.44 3.59
C GLU C 754 -30.34 28.83 3.16
N GLU C 755 -31.42 29.59 3.24
CA GLU C 755 -32.76 29.02 3.11
C GLU C 755 -32.95 28.34 1.76
N SER C 756 -32.43 28.95 0.70
CA SER C 756 -32.53 28.31 -0.62
C SER C 756 -31.74 27.02 -0.68
N VAL C 757 -30.55 26.99 -0.06
CA VAL C 757 -29.81 25.73 0.01
C VAL C 757 -30.61 24.68 0.75
N GLN C 758 -31.27 25.07 1.84
CA GLN C 758 -32.07 24.12 2.60
C GLN C 758 -33.20 23.55 1.75
N GLU C 759 -33.96 24.43 1.09
CA GLU C 759 -35.10 23.97 0.31
C GLU C 759 -34.65 23.12 -0.88
N TYR C 760 -33.53 23.49 -1.51
CA TYR C 760 -33.02 22.70 -2.62
C TYR C 760 -32.57 21.34 -2.13
N TYR C 761 -31.89 21.29 -0.99
CA TYR C 761 -31.47 20.01 -0.43
C TYR C 761 -32.67 19.12 -0.13
N LYS C 762 -33.72 19.71 0.44
CA LYS C 762 -34.92 18.93 0.74
C LYS C 762 -35.56 18.38 -0.53
N ASN C 763 -35.75 19.23 -1.54
CA ASN C 763 -36.43 18.75 -2.74
C ASN C 763 -35.57 17.78 -3.53
N PHE C 764 -34.24 17.95 -3.50
CA PHE C 764 -33.38 16.98 -4.17
C PHE C 764 -33.39 15.65 -3.43
N GLU C 765 -33.48 15.68 -2.09
CA GLU C 765 -33.69 14.45 -1.34
C GLU C 765 -35.00 13.78 -1.73
N LYS C 766 -36.05 14.59 -1.93
CA LYS C 766 -37.33 14.03 -2.34
C LYS C 766 -37.24 13.37 -3.72
N GLU C 767 -36.57 14.02 -4.67
CA GLU C 767 -36.55 13.55 -6.04
C GLU C 767 -35.40 12.60 -6.37
N TYR C 768 -34.48 12.36 -5.43
CA TYR C 768 -33.37 11.46 -5.70
C TYR C 768 -33.84 10.00 -5.81
N ARG C 769 -34.88 9.63 -5.06
CA ARG C 769 -35.31 8.24 -5.04
C ARG C 769 -35.89 7.79 -6.38
N GLN C 770 -36.41 8.71 -7.18
CA GLN C 770 -37.02 8.37 -8.46
C GLN C 770 -36.03 8.31 -9.61
N LEU C 771 -34.80 8.76 -9.42
CA LEU C 771 -33.81 8.75 -10.49
C LEU C 771 -33.37 7.32 -10.78
N ASP C 772 -32.85 7.12 -11.99
CA ASP C 772 -32.41 5.79 -12.42
C ASP C 772 -31.31 5.27 -11.51
N TYR C 773 -31.40 3.99 -11.16
CA TYR C 773 -30.37 3.37 -10.33
C TYR C 773 -29.05 3.28 -11.07
N LYS C 774 -29.10 3.33 -12.40
CA LYS C 774 -27.86 3.25 -13.18
C LYS C 774 -26.95 4.44 -12.91
N VAL C 775 -27.53 5.58 -12.55
CA VAL C 775 -26.72 6.77 -12.32
C VAL C 775 -26.57 7.06 -10.83
N ILE C 776 -27.35 6.41 -9.96
CA ILE C 776 -27.31 6.69 -8.53
C ILE C 776 -26.81 5.50 -7.72
N ALA C 777 -26.25 4.47 -8.37
CA ALA C 777 -25.63 3.36 -7.68
C ALA C 777 -24.12 3.41 -7.85
N GLU C 778 -23.42 2.47 -7.22
CA GLU C 778 -21.97 2.41 -7.26
C GLU C 778 -21.53 1.50 -8.40
N VAL C 779 -20.29 1.71 -8.87
CA VAL C 779 -19.69 0.86 -9.89
C VAL C 779 -18.25 0.58 -9.47
N LYS C 780 -17.83 -0.67 -9.58
CA LYS C 780 -16.49 -1.04 -9.14
C LYS C 780 -16.01 -2.26 -9.90
N THR C 781 -14.69 -2.43 -9.94
CA THR C 781 -14.10 -3.60 -10.58
C THR C 781 -14.22 -4.82 -9.66
N ALA C 782 -14.24 -6.00 -10.27
CA ALA C 782 -14.36 -7.26 -9.54
C ALA C 782 -13.33 -8.24 -10.08
N ASN C 783 -12.51 -8.77 -9.18
CA ASN C 783 -11.56 -9.83 -9.49
C ASN C 783 -11.55 -10.85 -8.35
N ASP C 784 -10.99 -12.02 -8.64
CA ASP C 784 -10.94 -13.13 -7.68
C ASP C 784 -12.36 -13.45 -7.18
N ILE C 785 -13.19 -13.92 -8.12
CA ILE C 785 -14.60 -14.15 -7.83
C ILE C 785 -14.78 -15.18 -6.73
N ALA C 786 -13.93 -16.22 -6.71
CA ALA C 786 -14.01 -17.24 -5.68
C ALA C 786 -13.81 -16.63 -4.29
N LYS C 787 -12.61 -16.10 -4.04
CA LYS C 787 -12.26 -15.44 -2.78
C LYS C 787 -12.67 -16.29 -1.58
N TYR C 788 -12.39 -17.59 -1.68
CA TYR C 788 -12.82 -18.57 -0.69
C TYR C 788 -14.33 -18.47 -0.47
N ASP C 789 -15.08 -18.79 -1.53
CA ASP C 789 -16.53 -18.60 -1.51
C ASP C 789 -17.17 -19.36 -0.36
N ASP C 790 -16.83 -20.64 -0.21
CA ASP C 790 -17.31 -21.47 0.89
C ASP C 790 -18.84 -21.38 1.02
N LYS C 791 -19.50 -21.40 -0.13
CA LYS C 791 -20.96 -21.28 -0.21
C LYS C 791 -21.45 -19.99 0.45
N GLY C 792 -21.02 -18.87 -0.10
CA GLY C 792 -21.45 -17.56 0.34
C GLY C 792 -20.62 -16.93 1.43
N TRP C 793 -19.63 -17.63 1.97
CA TRP C 793 -18.78 -17.06 3.01
C TRP C 793 -17.83 -16.04 2.38
N PRO C 794 -17.67 -14.86 3.00
CA PRO C 794 -16.85 -13.81 2.37
C PRO C 794 -15.42 -14.22 2.09
N GLY C 795 -14.80 -14.99 3.00
CA GLY C 795 -13.46 -15.48 2.77
C GLY C 795 -12.36 -14.49 3.09
N PHE C 796 -12.18 -13.50 2.21
CA PHE C 796 -11.11 -12.52 2.35
C PHE C 796 -11.69 -11.11 2.42
N LYS C 797 -12.75 -10.94 3.20
CA LYS C 797 -13.34 -9.64 3.50
C LYS C 797 -13.75 -8.91 2.22
N CYS C 798 -14.75 -9.49 1.56
CA CYS C 798 -15.37 -8.91 0.38
C CYS C 798 -15.69 -7.43 0.63
N PRO C 799 -15.08 -6.50 -0.12
CA PRO C 799 -15.19 -5.06 0.18
C PRO C 799 -16.51 -4.43 -0.25
N PHE C 800 -17.61 -4.97 0.28
CA PHE C 800 -18.95 -4.38 0.14
C PHE C 800 -19.46 -4.46 -1.30
N HIS C 801 -18.62 -4.96 -2.21
CA HIS C 801 -19.01 -5.16 -3.60
C HIS C 801 -18.85 -6.60 -4.06
N ILE C 802 -17.78 -7.29 -3.64
CA ILE C 802 -17.70 -8.72 -3.88
C ILE C 802 -18.74 -9.46 -3.06
N ARG C 803 -19.08 -8.94 -1.88
CA ARG C 803 -20.18 -9.50 -1.11
C ARG C 803 -21.49 -9.35 -1.87
N GLY C 804 -21.68 -8.19 -2.52
CA GLY C 804 -22.83 -8.03 -3.40
C GLY C 804 -22.81 -8.97 -4.58
N VAL C 805 -21.62 -9.25 -5.11
CA VAL C 805 -21.49 -10.22 -6.20
C VAL C 805 -21.95 -11.60 -5.72
N LEU C 806 -21.54 -11.99 -4.52
CA LEU C 806 -21.98 -13.26 -3.96
C LEU C 806 -23.49 -13.28 -3.75
N THR C 807 -24.06 -12.17 -3.27
CA THR C 807 -25.49 -12.08 -3.07
C THR C 807 -26.25 -12.22 -4.39
N TYR C 808 -25.77 -11.54 -5.44
CA TYR C 808 -26.39 -11.64 -6.75
C TYR C 808 -26.28 -13.06 -7.29
N ARG C 809 -25.13 -13.72 -7.08
CA ARG C 809 -24.97 -15.10 -7.52
C ARG C 809 -25.96 -16.01 -6.83
N ARG C 810 -26.14 -15.83 -5.51
CA ARG C 810 -27.10 -16.64 -4.77
C ARG C 810 -28.52 -16.38 -5.25
N ALA C 811 -28.85 -15.12 -5.52
CA ALA C 811 -30.22 -14.78 -5.93
C ALA C 811 -30.57 -15.40 -7.28
N VAL C 812 -29.63 -15.38 -8.23
CA VAL C 812 -29.90 -15.81 -9.59
C VAL C 812 -29.70 -17.32 -9.72
N SER C 813 -29.52 -18.00 -8.59
CA SER C 813 -29.36 -19.45 -8.61
C SER C 813 -30.59 -20.11 -9.23
N GLY C 814 -30.39 -20.78 -10.36
CA GLY C 814 -31.47 -21.39 -11.09
C GLY C 814 -31.96 -20.61 -12.29
N LEU C 815 -31.59 -19.34 -12.41
CA LEU C 815 -31.99 -18.55 -13.58
C LEU C 815 -31.16 -18.88 -14.81
N GLY C 816 -29.99 -19.48 -14.64
CA GLY C 816 -29.14 -19.80 -15.77
C GLY C 816 -28.41 -18.63 -16.38
N VAL C 817 -28.37 -17.48 -15.70
CA VAL C 817 -27.73 -16.28 -16.23
C VAL C 817 -26.22 -16.49 -16.25
N ALA C 818 -25.52 -15.60 -16.94
CA ALA C 818 -24.06 -15.70 -17.06
C ALA C 818 -23.40 -15.43 -15.71
N PRO C 819 -22.56 -16.33 -15.22
CA PRO C 819 -21.88 -16.07 -13.94
C PRO C 819 -20.88 -14.94 -14.05
N ILE C 820 -20.61 -14.30 -12.91
CA ILE C 820 -19.67 -13.19 -12.87
C ILE C 820 -18.25 -13.72 -12.95
N LEU C 821 -17.44 -13.12 -13.83
CA LEU C 821 -16.08 -13.56 -14.08
C LEU C 821 -15.09 -12.58 -13.45
N ASP C 822 -13.80 -12.92 -13.58
CA ASP C 822 -12.74 -12.14 -12.95
C ASP C 822 -12.45 -10.88 -13.75
N GLY C 823 -12.22 -9.78 -13.03
CA GLY C 823 -11.88 -8.52 -13.64
C GLY C 823 -13.04 -7.77 -14.26
N ASN C 824 -14.27 -8.21 -14.03
CA ASN C 824 -15.42 -7.58 -14.68
C ASN C 824 -15.85 -6.34 -13.90
N LYS C 825 -16.28 -5.32 -14.64
CA LYS C 825 -16.89 -4.16 -14.00
C LYS C 825 -18.31 -4.52 -13.56
N VAL C 826 -18.58 -4.34 -12.27
CA VAL C 826 -19.86 -4.72 -11.69
C VAL C 826 -20.47 -3.50 -11.01
N MET C 827 -21.75 -3.26 -11.28
CA MET C 827 -22.52 -2.27 -10.56
C MET C 827 -22.95 -2.85 -9.22
N VAL C 828 -22.85 -2.04 -8.17
CA VAL C 828 -23.19 -2.52 -6.80
C VAL C 828 -24.34 -1.68 -6.23
N LEU C 829 -25.35 -2.32 -5.66
CA LEU C 829 -26.49 -1.59 -5.05
C LEU C 829 -26.68 -2.08 -3.61
N PRO C 830 -26.35 -1.27 -2.58
CA PRO C 830 -26.60 -1.66 -1.19
C PRO C 830 -28.09 -1.92 -0.97
N LEU C 831 -28.42 -2.99 -0.24
CA LEU C 831 -29.85 -3.37 -0.04
C LEU C 831 -30.29 -2.94 1.36
N ARG C 832 -31.61 -2.80 1.58
CA ARG C 832 -32.13 -2.34 2.89
C ARG C 832 -31.89 -3.42 3.94
N GLU C 833 -31.70 -3.02 5.21
CA GLU C 833 -31.39 -3.99 6.30
C GLU C 833 -32.54 -4.98 6.44
N GLY C 834 -32.23 -6.23 6.82
CA GLY C 834 -33.27 -7.26 7.00
C GLY C 834 -33.79 -7.79 5.68
N ASN C 835 -33.01 -7.62 4.60
CA ASN C 835 -33.46 -8.05 3.25
C ASN C 835 -33.48 -9.58 3.15
N PRO C 836 -34.34 -10.19 2.30
CA PRO C 836 -34.35 -11.63 2.11
C PRO C 836 -33.05 -12.07 1.42
N PHE C 837 -32.38 -11.13 0.74
CA PHE C 837 -31.11 -11.43 0.04
C PHE C 837 -30.07 -11.90 1.06
N GLY C 838 -30.15 -11.38 2.29
CA GLY C 838 -29.21 -11.78 3.35
C GLY C 838 -27.96 -10.91 3.35
N ASP C 839 -27.95 -9.87 2.53
CA ASP C 839 -26.77 -8.96 2.45
C ASP C 839 -27.26 -7.52 2.26
N LYS C 840 -26.58 -6.55 2.87
CA LYS C 840 -27.02 -5.12 2.78
C LYS C 840 -26.42 -4.50 1.52
N CYS C 841 -26.03 -5.32 0.54
CA CYS C 841 -25.50 -4.82 -0.75
C CYS C 841 -25.62 -5.92 -1.81
N ILE C 842 -25.76 -5.55 -3.08
CA ILE C 842 -25.80 -6.57 -4.18
C ILE C 842 -25.02 -6.01 -5.37
N ALA C 843 -24.35 -6.89 -6.13
CA ALA C 843 -23.51 -6.40 -7.24
C ALA C 843 -23.76 -7.24 -8.51
N TRP C 844 -24.19 -6.58 -9.58
CA TRP C 844 -24.42 -7.28 -10.87
C TRP C 844 -23.50 -6.66 -11.93
N PRO C 845 -23.04 -7.41 -12.95
CA PRO C 845 -22.09 -6.88 -13.93
C PRO C 845 -22.55 -5.51 -14.45
N SER C 846 -21.65 -4.52 -14.42
CA SER C 846 -22.00 -3.14 -14.88
C SER C 846 -22.42 -3.20 -16.36
N GLY C 847 -23.42 -2.40 -16.75
CA GLY C 847 -23.92 -2.43 -18.13
C GLY C 847 -25.10 -3.39 -18.24
N THR C 848 -25.14 -4.41 -17.39
CA THR C 848 -26.29 -5.35 -17.37
C THR C 848 -27.27 -4.88 -16.29
N GLU C 849 -28.43 -5.53 -16.17
CA GLU C 849 -29.39 -5.19 -15.08
C GLU C 849 -29.67 -6.47 -14.28
N LEU C 850 -30.00 -6.33 -13.00
CA LEU C 850 -30.37 -7.51 -12.20
C LEU C 850 -31.60 -8.15 -12.83
N PRO C 851 -31.73 -9.50 -12.85
CA PRO C 851 -32.93 -10.14 -13.39
C PRO C 851 -34.16 -9.39 -12.84
N LYS C 852 -35.03 -8.88 -13.74
CA LYS C 852 -36.18 -8.07 -13.29
C LYS C 852 -36.92 -8.77 -12.15
N GLU C 853 -37.00 -10.10 -12.19
CA GLU C 853 -37.70 -10.88 -11.13
C GLU C 853 -37.09 -10.52 -9.77
N ILE C 854 -35.76 -10.56 -9.67
CA ILE C 854 -35.07 -10.22 -8.39
C ILE C 854 -34.79 -8.72 -8.35
N ARG C 855 -34.70 -8.08 -9.53
CA ARG C 855 -34.39 -6.63 -9.59
C ARG C 855 -35.49 -5.86 -8.87
N SER C 856 -36.75 -6.20 -9.13
CA SER C 856 -37.89 -5.55 -8.43
C SER C 856 -37.65 -5.62 -6.93
N ASP C 857 -37.26 -6.79 -6.43
CA ASP C 857 -37.01 -6.98 -4.97
C ASP C 857 -35.84 -6.08 -4.54
N VAL C 858 -34.73 -6.10 -5.29
CA VAL C 858 -33.54 -5.30 -4.88
C VAL C 858 -33.90 -3.81 -4.98
N LEU C 859 -34.78 -3.45 -5.91
CA LEU C 859 -35.21 -2.03 -6.06
C LEU C 859 -36.07 -1.63 -4.85
N SER C 860 -36.86 -2.56 -4.32
CA SER C 860 -37.67 -2.26 -3.11
C SER C 860 -36.75 -2.04 -1.91
N TRP C 861 -35.64 -2.78 -1.83
CA TRP C 861 -34.67 -2.60 -0.72
C TRP C 861 -33.46 -1.79 -1.20
N ILE C 862 -33.54 -0.45 -1.18
CA ILE C 862 -32.36 0.38 -1.57
C ILE C 862 -32.13 1.46 -0.50
N ASP C 863 -30.88 1.61 -0.04
CA ASP C 863 -30.58 2.71 0.91
C ASP C 863 -30.08 3.91 0.10
N HIS C 864 -30.92 4.46 -0.78
CA HIS C 864 -30.54 5.69 -1.52
C HIS C 864 -29.80 6.60 -0.56
N SER C 865 -30.17 6.55 0.73
CA SER C 865 -29.52 7.41 1.77
C SER C 865 -28.03 7.08 1.90
N THR C 866 -27.67 5.80 1.99
CA THR C 866 -26.24 5.43 2.19
C THR C 866 -25.40 6.09 1.10
N LEU C 867 -25.68 5.79 -0.17
CA LEU C 867 -24.97 6.42 -1.26
C LEU C 867 -25.04 7.93 -1.16
N PHE C 868 -26.20 8.47 -0.77
CA PHE C 868 -26.34 9.91 -0.67
C PHE C 868 -25.38 10.48 0.36
N GLN C 869 -25.28 9.84 1.53
CA GLN C 869 -24.37 10.32 2.57
C GLN C 869 -22.91 10.05 2.20
N LYS C 870 -22.66 9.08 1.33
CA LYS C 870 -21.29 8.82 0.91
C LYS C 870 -20.81 9.86 -0.08
N SER C 871 -21.55 10.08 -1.16
CA SER C 871 -21.07 10.87 -2.29
C SER C 871 -21.52 12.32 -2.25
N PHE C 872 -22.71 12.61 -1.71
CA PHE C 872 -23.29 13.94 -1.83
C PHE C 872 -23.34 14.69 -0.51
N VAL C 873 -23.83 14.06 0.57
CA VAL C 873 -23.95 14.77 1.84
C VAL C 873 -22.60 15.18 2.39
N LYS C 874 -21.59 14.31 2.27
CA LYS C 874 -20.28 14.63 2.84
C LYS C 874 -19.64 15.85 2.19
N PRO C 875 -19.56 15.98 0.86
CA PRO C 875 -18.98 17.22 0.30
C PRO C 875 -19.77 18.46 0.66
N LEU C 876 -21.10 18.39 0.65
CA LEU C 876 -21.90 19.55 1.02
C LEU C 876 -21.63 19.96 2.46
N ALA C 877 -21.52 18.97 3.36
CA ALA C 877 -21.22 19.26 4.75
C ALA C 877 -19.86 19.93 4.90
N GLY C 878 -18.85 19.39 4.21
CA GLY C 878 -17.52 19.98 4.28
C GLY C 878 -17.50 21.40 3.78
N MET C 879 -18.14 21.65 2.63
CA MET C 879 -18.18 22.99 2.07
C MET C 879 -18.95 23.95 2.97
N CYS C 880 -20.11 23.53 3.49
CA CYS C 880 -20.91 24.41 4.32
C CYS C 880 -20.19 24.77 5.61
N GLU C 881 -19.53 23.79 6.25
CA GLU C 881 -18.75 24.11 7.44
C GLU C 881 -17.49 24.89 7.09
N SER C 882 -17.03 24.83 5.85
CA SER C 882 -15.91 25.66 5.42
C SER C 882 -16.32 27.11 5.17
N ALA C 883 -17.61 27.41 5.16
CA ALA C 883 -18.08 28.77 4.91
C ALA C 883 -19.01 29.27 6.01
N GLY C 884 -19.02 28.60 7.17
CA GLY C 884 -19.91 28.99 8.25
C GLY C 884 -21.38 28.84 7.93
N MET C 885 -21.74 27.77 7.22
CA MET C 885 -23.12 27.49 6.84
C MET C 885 -23.54 26.14 7.40
N ASP C 886 -24.83 25.87 7.33
CA ASP C 886 -25.39 24.59 7.76
C ASP C 886 -26.43 24.19 6.73
N TYR C 887 -26.26 23.01 6.16
CA TYR C 887 -27.10 22.52 5.07
C TYR C 887 -28.33 21.76 5.55
N GLU C 888 -28.47 21.53 6.84
CA GLU C 888 -29.63 20.85 7.39
C GLU C 888 -30.36 21.79 8.34
N GLU C 889 -31.67 21.96 8.13
CA GLU C 889 -32.44 22.90 8.93
C GLU C 889 -32.48 22.46 10.39
N LYS C 890 -32.24 23.41 11.29
CA LYS C 890 -32.24 23.13 12.72
C LYS C 890 -33.64 23.25 13.33
N ALA C 891 -34.43 24.20 12.86
CA ALA C 891 -35.81 24.40 13.31
C ALA C 891 -35.85 24.66 14.83
N SER C 892 -35.24 25.77 15.21
CA SER C 892 -35.19 26.17 16.62
C SER C 892 -36.48 26.86 17.04
N LEU C 893 -36.56 27.21 18.32
CA LEU C 893 -37.73 27.86 18.88
C LEU C 893 -37.61 29.38 18.92
N ASP C 894 -36.52 29.93 18.40
CA ASP C 894 -36.27 31.37 18.52
C ASP C 894 -37.39 32.21 17.90
N PHE C 895 -38.15 31.65 16.95
CA PHE C 895 -39.25 32.39 16.36
C PHE C 895 -40.27 32.80 17.40
N LEU C 896 -40.52 31.92 18.38
CA LEU C 896 -41.39 32.28 19.50
C LEU C 896 -40.65 33.01 20.60
N PHE C 897 -39.31 32.98 20.61
CA PHE C 897 -38.56 33.65 21.67
C PHE C 897 -38.69 35.16 21.58
N GLY C 898 -38.69 35.71 20.37
CA GLY C 898 -38.84 37.15 20.19
C GLY C 898 -40.27 37.61 20.30
N MET D 1 -48.31 -15.27 24.36
CA MET D 1 -47.37 -15.85 25.30
C MET D 1 -46.80 -14.75 26.18
N LYS D 2 -46.69 -15.04 27.48
CA LYS D 2 -46.14 -14.10 28.44
C LYS D 2 -45.03 -14.79 29.22
N LEU D 3 -44.05 -13.98 29.64
CA LEU D 3 -42.89 -14.47 30.36
C LEU D 3 -42.91 -13.96 31.79
N SER D 4 -42.77 -14.87 32.75
CA SER D 4 -42.74 -14.50 34.15
C SER D 4 -41.40 -13.84 34.50
N LYS D 5 -41.38 -13.14 35.65
CA LYS D 5 -40.16 -12.50 36.09
C LYS D 5 -39.06 -13.51 36.39
N ASP D 6 -39.41 -14.65 36.97
CA ASP D 6 -38.43 -15.72 37.16
C ASP D 6 -37.89 -16.20 35.83
N THR D 7 -38.75 -16.29 34.82
CA THR D 7 -38.29 -16.64 33.47
C THR D 7 -37.29 -15.61 32.96
N THR D 8 -37.54 -14.32 33.23
CA THR D 8 -36.60 -13.29 32.79
C THR D 8 -35.27 -13.41 33.52
N ALA D 9 -35.29 -13.68 34.82
CA ALA D 9 -34.03 -13.86 35.56
C ALA D 9 -33.26 -15.06 35.03
N LEU D 10 -33.96 -16.17 34.77
CA LEU D 10 -33.29 -17.33 34.19
C LEU D 10 -32.73 -17.01 32.81
N LEU D 11 -33.49 -16.26 32.00
CA LEU D 11 -33.01 -15.88 30.68
C LEU D 11 -31.76 -15.02 30.76
N LYS D 12 -31.71 -14.10 31.74
CA LYS D 12 -30.53 -13.27 31.90
C LYS D 12 -29.32 -14.08 32.33
N ASN D 13 -29.52 -15.03 33.25
CA ASN D 13 -28.41 -15.89 33.65
C ASN D 13 -27.95 -16.76 32.49
N PHE D 14 -28.89 -17.13 31.61
CA PHE D 14 -28.53 -17.92 30.40
C PHE D 14 -27.88 -17.00 29.37
N ALA D 15 -28.24 -15.71 29.39
CA ALA D 15 -27.65 -14.73 28.46
C ALA D 15 -26.15 -14.60 28.72
N THR D 16 -25.74 -14.78 29.99
CA THR D 16 -24.30 -14.70 30.35
C THR D 16 -23.52 -15.73 29.52
N ILE D 17 -24.10 -16.92 29.33
CA ILE D 17 -23.40 -18.01 28.57
C ILE D 17 -23.21 -17.55 27.12
N ASN D 18 -24.21 -16.90 26.54
CA ASN D 18 -24.14 -16.45 25.12
C ASN D 18 -25.09 -15.28 24.90
N SER D 19 -24.57 -14.13 24.47
CA SER D 19 -25.42 -12.96 24.25
C SER D 19 -26.63 -13.27 23.37
N GLY D 20 -26.54 -14.26 22.49
CA GLY D 20 -27.64 -14.57 21.60
C GLY D 20 -28.15 -15.99 21.73
N ILE D 21 -29.41 -16.15 22.13
CA ILE D 21 -29.99 -17.45 22.43
C ILE D 21 -31.22 -17.63 21.57
N MET D 22 -31.31 -18.77 20.89
CA MET D 22 -32.50 -19.06 20.09
C MET D 22 -33.57 -19.69 20.96
N LEU D 23 -34.82 -19.52 20.53
CA LEU D 23 -35.97 -20.07 21.24
C LEU D 23 -36.82 -20.91 20.29
N LYS D 24 -37.42 -21.96 20.84
CA LYS D 24 -38.26 -22.85 20.08
C LYS D 24 -39.60 -23.03 20.79
N SER D 25 -40.59 -23.49 20.05
CA SER D 25 -41.90 -23.76 20.63
C SER D 25 -41.79 -24.86 21.68
N GLY D 26 -42.37 -24.61 22.84
CA GLY D 26 -42.29 -25.51 23.96
C GLY D 26 -42.02 -24.73 25.23
N GLN D 27 -41.53 -25.44 26.25
CA GLN D 27 -41.26 -24.84 27.56
C GLN D 27 -39.86 -25.18 28.06
N PHE D 28 -38.99 -25.67 27.18
CA PHE D 28 -37.64 -26.08 27.56
C PHE D 28 -36.63 -25.20 26.83
N ILE D 29 -35.79 -24.51 27.59
CA ILE D 29 -34.80 -23.61 27.02
C ILE D 29 -33.41 -24.22 27.26
N MET D 30 -32.46 -23.84 26.40
CA MET D 30 -31.20 -24.56 26.32
C MET D 30 -30.21 -23.76 25.48
N THR D 31 -28.95 -23.76 25.90
CA THR D 31 -27.91 -22.97 25.25
C THR D 31 -26.54 -23.50 25.60
N ARG D 32 -25.53 -22.98 24.89
CA ARG D 32 -24.13 -23.31 25.14
C ARG D 32 -23.30 -22.05 24.96
N ALA D 33 -22.04 -22.13 25.39
CA ALA D 33 -21.11 -21.05 25.18
C ALA D 33 -20.58 -21.05 23.75
N VAL D 34 -19.92 -19.95 23.37
CA VAL D 34 -19.40 -19.84 22.01
C VAL D 34 -18.32 -20.89 21.77
N ASN D 35 -17.45 -21.12 22.74
CA ASN D 35 -16.39 -22.11 22.62
C ASN D 35 -16.83 -23.50 23.04
N GLY D 36 -18.09 -23.67 23.45
CA GLY D 36 -18.59 -24.98 23.81
C GLY D 36 -18.11 -25.50 25.15
N THR D 37 -17.51 -24.66 25.99
CA THR D 37 -17.01 -25.10 27.28
C THR D 37 -18.05 -25.08 28.38
N THR D 38 -19.23 -24.51 28.14
CA THR D 38 -20.27 -24.46 29.14
C THR D 38 -21.63 -24.55 28.46
N TYR D 39 -22.53 -25.34 29.06
CA TYR D 39 -23.86 -25.55 28.54
C TYR D 39 -24.87 -25.39 29.66
N ALA D 40 -26.09 -24.99 29.31
CA ALA D 40 -27.12 -24.80 30.32
C ALA D 40 -28.48 -25.12 29.71
N GLU D 41 -29.41 -25.49 30.58
CA GLU D 41 -30.78 -25.73 30.16
C GLU D 41 -31.71 -25.54 31.34
N ALA D 42 -33.00 -25.38 31.03
CA ALA D 42 -34.00 -25.16 32.06
C ALA D 42 -35.37 -25.57 31.53
N ASN D 43 -36.25 -25.94 32.47
CA ASN D 43 -37.64 -26.26 32.19
C ASN D 43 -38.49 -25.19 32.84
N ILE D 44 -39.10 -24.32 32.03
CA ILE D 44 -39.83 -23.17 32.52
C ILE D 44 -41.33 -23.44 32.38
N SER D 45 -42.10 -22.83 33.29
CA SER D 45 -43.55 -23.04 33.28
C SER D 45 -44.18 -22.46 32.01
N ASP D 46 -43.75 -21.28 31.59
CA ASP D 46 -44.30 -20.65 30.39
C ASP D 46 -43.93 -21.46 29.15
N VAL D 47 -44.88 -21.53 28.22
CA VAL D 47 -44.71 -22.30 26.98
C VAL D 47 -44.60 -21.32 25.82
N ILE D 48 -43.52 -21.43 25.06
CA ILE D 48 -43.30 -20.58 23.90
C ILE D 48 -44.08 -21.14 22.73
N ASP D 49 -44.79 -20.27 22.01
CA ASP D 49 -45.66 -20.68 20.92
C ASP D 49 -45.05 -20.53 19.54
N PHE D 50 -43.81 -20.05 19.45
CA PHE D 50 -43.20 -19.82 18.14
C PHE D 50 -41.70 -19.85 18.27
N ASP D 51 -41.04 -20.33 17.21
CA ASP D 51 -39.59 -20.33 17.16
C ASP D 51 -39.07 -18.94 16.79
N VAL D 52 -37.98 -18.54 17.43
CA VAL D 52 -37.36 -17.24 17.14
C VAL D 52 -35.94 -17.27 17.69
N ALA D 53 -35.04 -16.57 17.01
CA ALA D 53 -33.66 -16.42 17.43
C ALA D 53 -33.37 -14.95 17.68
N ILE D 54 -32.82 -14.65 18.85
CA ILE D 54 -32.54 -13.28 19.27
C ILE D 54 -31.04 -13.12 19.42
N TYR D 55 -30.51 -11.99 18.95
CA TYR D 55 -29.08 -11.73 18.98
C TYR D 55 -28.64 -11.03 20.27
N ASP D 56 -29.26 -9.89 20.60
CA ASP D 56 -28.95 -9.17 21.83
C ASP D 56 -30.01 -9.51 22.87
N LEU D 57 -29.86 -10.70 23.45
CA LEU D 57 -30.86 -11.16 24.43
C LEU D 57 -30.82 -10.32 25.69
N ASN D 58 -29.64 -9.83 26.08
CA ASN D 58 -29.56 -8.93 27.23
C ASN D 58 -30.33 -7.65 26.95
N GLY D 59 -30.16 -7.07 25.77
CA GLY D 59 -30.92 -5.89 25.40
C GLY D 59 -32.41 -6.17 25.30
N PHE D 60 -32.77 -7.33 24.75
CA PHE D 60 -34.18 -7.70 24.68
C PHE D 60 -34.80 -7.78 26.06
N LEU D 61 -34.10 -8.41 27.01
CA LEU D 61 -34.60 -8.49 28.38
C LEU D 61 -34.68 -7.13 29.03
N GLY D 62 -33.68 -6.27 28.78
CA GLY D 62 -33.72 -4.93 29.33
C GLY D 62 -34.92 -4.15 28.83
N ILE D 63 -35.25 -4.30 27.55
CA ILE D 63 -36.44 -3.64 27.00
C ILE D 63 -37.71 -4.25 27.59
N LEU D 64 -37.75 -5.58 27.69
CA LEU D 64 -38.93 -6.26 28.22
C LEU D 64 -39.21 -5.86 29.66
N SER D 65 -38.16 -5.60 30.44
CA SER D 65 -38.36 -5.20 31.83
C SER D 65 -39.07 -3.87 31.97
N LEU D 66 -39.17 -3.09 30.89
CA LEU D 66 -39.79 -1.78 30.91
C LEU D 66 -41.30 -1.82 30.70
N VAL D 67 -41.88 -3.01 30.50
CA VAL D 67 -43.30 -3.14 30.26
C VAL D 67 -43.91 -4.03 31.34
N ASN D 68 -45.24 -4.06 31.36
CA ASN D 68 -45.96 -4.84 32.35
C ASN D 68 -45.84 -6.34 32.06
N ASP D 69 -46.12 -7.16 33.08
CA ASP D 69 -45.99 -8.60 32.95
C ASP D 69 -47.02 -9.20 32.00
N ASP D 70 -48.13 -8.51 31.75
CA ASP D 70 -49.18 -9.01 30.88
C ASP D 70 -48.92 -8.74 29.40
N ALA D 71 -47.70 -8.32 29.05
CA ALA D 71 -47.39 -8.02 27.66
C ALA D 71 -47.44 -9.29 26.81
N GLU D 72 -48.03 -9.18 25.62
CA GLU D 72 -48.19 -10.29 24.71
C GLU D 72 -47.11 -10.23 23.65
N ILE D 73 -46.27 -11.26 23.59
CA ILE D 73 -45.13 -11.32 22.67
C ILE D 73 -45.42 -12.35 21.60
N SER D 74 -45.30 -11.94 20.34
CA SER D 74 -45.63 -12.83 19.24
C SER D 74 -44.91 -12.39 17.98
N GLN D 75 -44.88 -13.29 16.99
CA GLN D 75 -44.32 -12.94 15.69
C GLN D 75 -45.17 -11.87 15.02
N SER D 76 -44.50 -11.01 14.25
CA SER D 76 -45.16 -9.91 13.57
C SER D 76 -45.43 -10.29 12.12
N GLU D 77 -45.94 -9.32 11.36
CA GLU D 77 -46.25 -9.55 9.96
C GLU D 77 -44.99 -9.75 9.11
N ASP D 78 -43.85 -9.24 9.57
CA ASP D 78 -42.58 -9.38 8.85
C ASP D 78 -41.66 -10.41 9.49
N GLY D 79 -42.18 -11.26 10.37
CA GLY D 79 -41.39 -12.28 11.01
C GLY D 79 -40.56 -11.82 12.19
N ASN D 80 -40.70 -10.57 12.60
CA ASN D 80 -39.95 -10.04 13.72
C ASN D 80 -40.70 -10.33 15.03
N ILE D 81 -40.26 -9.72 16.12
CA ILE D 81 -40.88 -9.88 17.43
C ILE D 81 -41.69 -8.63 17.73
N LYS D 82 -42.91 -8.82 18.20
CA LYS D 82 -43.81 -7.72 18.55
C LYS D 82 -44.34 -7.94 19.95
N ILE D 83 -44.23 -6.91 20.78
CA ILE D 83 -44.71 -6.93 22.16
C ILE D 83 -45.85 -5.93 22.27
N ALA D 84 -47.05 -6.44 22.54
CA ALA D 84 -48.23 -5.62 22.67
C ALA D 84 -48.58 -5.50 24.15
N ASP D 85 -48.55 -4.28 24.67
CA ASP D 85 -48.98 -3.96 26.01
C ASP D 85 -50.37 -3.32 25.95
N ALA D 86 -50.81 -2.77 27.08
CA ALA D 86 -52.12 -2.13 27.11
C ALA D 86 -52.18 -0.96 26.14
N ARG D 87 -51.11 -0.16 26.07
CA ARG D 87 -51.09 1.02 25.21
C ARG D 87 -49.83 1.15 24.36
N SER D 88 -48.90 0.20 24.42
CA SER D 88 -47.63 0.34 23.73
C SER D 88 -47.35 -0.88 22.86
N THR D 89 -46.50 -0.69 21.85
CA THR D 89 -46.13 -1.75 20.91
C THR D 89 -44.64 -1.67 20.63
N ILE D 90 -43.92 -2.73 20.96
CA ILE D 90 -42.47 -2.81 20.82
C ILE D 90 -42.14 -3.71 19.64
N PHE D 91 -41.27 -3.23 18.76
CA PHE D 91 -40.79 -4.00 17.62
C PHE D 91 -39.33 -4.37 17.85
N TRP D 92 -39.00 -5.65 17.67
CA TRP D 92 -37.64 -6.14 17.83
C TRP D 92 -37.24 -7.00 16.64
N PRO D 93 -36.02 -6.84 16.13
CA PRO D 93 -35.60 -7.62 14.96
C PRO D 93 -35.30 -9.07 15.34
N ALA D 94 -36.00 -10.00 14.71
CA ALA D 94 -35.74 -11.42 14.91
C ALA D 94 -34.49 -11.79 14.12
N ALA D 95 -33.49 -12.32 14.83
CA ALA D 95 -32.21 -12.59 14.20
C ALA D 95 -32.29 -13.84 13.32
N ASP D 96 -31.33 -13.96 12.42
CA ASP D 96 -31.22 -15.15 11.57
C ASP D 96 -30.85 -16.34 12.44
N PRO D 97 -31.60 -17.46 12.36
CA PRO D 97 -31.23 -18.63 13.16
C PRO D 97 -29.84 -19.17 12.86
N SER D 98 -29.28 -18.86 11.68
CA SER D 98 -27.96 -19.36 11.34
C SER D 98 -26.86 -18.64 12.12
N THR D 99 -27.01 -17.33 12.32
CA THR D 99 -25.96 -16.52 12.92
C THR D 99 -25.97 -16.54 14.44
N VAL D 100 -26.59 -17.54 15.06
CA VAL D 100 -26.59 -17.71 16.50
C VAL D 100 -25.98 -19.07 16.81
N VAL D 101 -24.93 -19.08 17.63
CA VAL D 101 -24.25 -20.31 18.01
C VAL D 101 -25.02 -20.94 19.16
N ALA D 102 -25.91 -21.87 18.84
CA ALA D 102 -26.73 -22.52 19.84
C ALA D 102 -26.65 -24.03 19.66
N PRO D 103 -26.77 -24.79 20.74
CA PRO D 103 -26.70 -26.26 20.62
C PRO D 103 -27.83 -26.80 19.76
N ASN D 104 -27.51 -27.84 18.98
CA ASN D 104 -28.47 -28.37 18.02
C ASN D 104 -29.58 -29.16 18.71
N LYS D 105 -29.21 -30.02 19.66
CA LYS D 105 -30.17 -30.88 20.32
C LYS D 105 -29.89 -30.90 21.82
N PRO D 106 -30.91 -31.13 22.65
CA PRO D 106 -30.67 -31.25 24.09
C PRO D 106 -29.73 -32.40 24.38
N ILE D 107 -28.85 -32.18 25.36
CA ILE D 107 -27.80 -33.16 25.67
C ILE D 107 -28.33 -34.22 26.63
N PRO D 108 -28.30 -35.50 26.23
CA PRO D 108 -28.62 -36.61 27.14
C PRO D 108 -27.42 -36.99 28.02
N PHE D 109 -27.27 -36.26 29.12
CA PHE D 109 -26.13 -36.46 30.00
C PHE D 109 -26.13 -37.88 30.55
N PRO D 110 -25.00 -38.59 30.50
CA PRO D 110 -24.98 -40.00 30.89
C PRO D 110 -25.03 -40.17 32.40
N VAL D 111 -24.91 -41.43 32.83
CA VAL D 111 -24.93 -41.74 34.26
C VAL D 111 -23.71 -41.13 34.93
N ALA D 112 -23.93 -40.50 36.08
CA ALA D 112 -22.85 -39.83 36.79
C ALA D 112 -21.92 -40.85 37.43
N SER D 113 -20.61 -40.65 37.24
CA SER D 113 -19.63 -41.47 37.93
C SER D 113 -19.47 -41.07 39.40
N ALA D 114 -19.59 -39.78 39.69
CA ALA D 114 -19.49 -39.29 41.07
C ALA D 114 -20.65 -38.35 41.35
N VAL D 115 -21.12 -38.35 42.59
CA VAL D 115 -22.28 -37.55 42.98
C VAL D 115 -22.01 -36.92 44.35
N THR D 116 -22.35 -35.65 44.46
CA THR D 116 -22.29 -34.93 45.74
C THR D 116 -23.25 -33.76 45.66
N GLU D 117 -23.23 -32.90 46.70
CA GLU D 117 -24.13 -31.76 46.77
C GLU D 117 -23.38 -30.52 47.23
N ILE D 118 -23.47 -29.45 46.45
CA ILE D 118 -22.85 -28.18 46.79
C ILE D 118 -23.94 -27.25 47.32
N LYS D 119 -23.74 -26.75 48.53
CA LYS D 119 -24.70 -25.87 49.16
C LYS D 119 -24.68 -24.49 48.52
N ALA D 120 -25.78 -23.76 48.68
CA ALA D 120 -25.89 -22.43 48.10
C ALA D 120 -24.84 -21.48 48.67
N GLU D 121 -24.63 -21.53 49.98
CA GLU D 121 -23.67 -20.64 50.62
C GLU D 121 -22.25 -20.91 50.11
N ASP D 122 -21.92 -22.18 49.88
CA ASP D 122 -20.57 -22.54 49.43
C ASP D 122 -20.26 -21.88 48.09
N LEU D 123 -21.14 -22.08 47.10
CA LEU D 123 -20.91 -21.48 45.79
C LEU D 123 -20.99 -19.97 45.86
N GLN D 124 -21.93 -19.44 46.64
CA GLN D 124 -22.07 -18.00 46.76
C GLN D 124 -20.80 -17.35 47.29
N GLN D 125 -20.17 -17.98 48.29
CA GLN D 125 -18.91 -17.46 48.80
C GLN D 125 -17.78 -17.68 47.80
N LEU D 126 -17.73 -18.85 47.18
CA LEU D 126 -16.61 -19.19 46.31
C LEU D 126 -16.54 -18.25 45.11
N LEU D 127 -17.68 -17.98 44.49
CA LEU D 127 -17.69 -17.16 43.29
C LEU D 127 -17.18 -15.74 43.58
N ARG D 128 -17.62 -15.16 44.70
CA ARG D 128 -17.19 -13.81 45.03
C ARG D 128 -15.75 -13.78 45.52
N VAL D 129 -15.31 -14.83 46.22
CA VAL D 129 -13.94 -14.88 46.71
C VAL D 129 -12.96 -15.03 45.55
N SER D 130 -13.34 -15.79 44.52
CA SER D 130 -12.43 -16.04 43.40
C SER D 130 -11.93 -14.74 42.77
N ARG D 131 -12.79 -13.72 42.72
CA ARG D 131 -12.36 -12.43 42.20
C ARG D 131 -11.38 -11.75 43.15
N GLY D 132 -11.59 -11.89 44.46
CA GLY D 132 -10.73 -11.23 45.42
C GLY D 132 -9.30 -11.72 45.38
N LEU D 133 -9.11 -13.03 45.27
CA LEU D 133 -7.79 -13.64 45.24
C LEU D 133 -7.27 -13.85 43.83
N GLN D 134 -7.97 -13.33 42.82
CA GLN D 134 -7.61 -13.51 41.41
C GLN D 134 -7.51 -14.99 41.05
N ILE D 135 -8.39 -15.79 41.64
CA ILE D 135 -8.40 -17.23 41.40
C ILE D 135 -9.21 -17.49 40.15
N ASP D 136 -8.57 -18.08 39.13
CA ASP D 136 -9.23 -18.38 37.87
C ASP D 136 -9.30 -19.88 37.55
N THR D 137 -8.63 -20.73 38.31
CA THR D 137 -8.76 -22.17 38.19
C THR D 137 -9.08 -22.76 39.55
N ILE D 138 -10.10 -23.60 39.61
CA ILE D 138 -10.51 -24.25 40.86
C ILE D 138 -10.72 -25.73 40.58
N ALA D 139 -10.06 -26.58 41.38
CA ALA D 139 -10.01 -28.02 41.15
C ALA D 139 -10.73 -28.75 42.27
N ILE D 140 -11.66 -29.61 41.89
CA ILE D 140 -12.31 -30.55 42.80
C ILE D 140 -11.52 -31.85 42.79
N THR D 141 -11.40 -32.49 43.95
CA THR D 141 -10.60 -33.69 44.06
C THR D 141 -11.04 -34.49 45.28
N VAL D 142 -10.40 -35.64 45.46
CA VAL D 142 -10.63 -36.53 46.60
C VAL D 142 -9.43 -36.44 47.53
N LYS D 143 -9.70 -36.11 48.79
CA LYS D 143 -8.65 -35.96 49.79
C LYS D 143 -9.14 -36.53 51.11
N GLU D 144 -8.25 -37.26 51.79
CA GLU D 144 -8.52 -37.91 53.08
C GLU D 144 -9.92 -38.51 53.16
N GLY D 145 -10.22 -39.40 52.21
CA GLY D 145 -11.48 -40.13 52.23
C GLY D 145 -12.72 -39.27 52.04
N LYS D 146 -12.56 -38.06 51.51
CA LYS D 146 -13.67 -37.15 51.30
C LYS D 146 -13.48 -36.46 49.96
N ILE D 147 -14.47 -35.68 49.55
CA ILE D 147 -14.41 -34.89 48.33
C ILE D 147 -14.35 -33.42 48.70
N VAL D 148 -13.29 -32.74 48.26
CA VAL D 148 -13.04 -31.35 48.62
C VAL D 148 -12.67 -30.56 47.38
N ILE D 149 -12.93 -29.25 47.42
CA ILE D 149 -12.79 -28.37 46.27
C ILE D 149 -11.84 -27.24 46.66
N ASN D 150 -10.69 -27.16 45.99
CA ASN D 150 -9.63 -26.21 46.33
C ASN D 150 -9.29 -25.38 45.10
N GLY D 151 -9.06 -24.08 45.30
CA GLY D 151 -8.78 -23.16 44.22
C GLY D 151 -7.31 -22.80 44.16
N PHE D 152 -6.78 -22.74 42.93
CA PHE D 152 -5.38 -22.40 42.67
C PHE D 152 -5.31 -21.13 41.83
N ASN D 153 -4.10 -20.80 41.38
CA ASN D 153 -3.89 -19.71 40.44
C ASN D 153 -3.03 -20.19 39.28
N LYS D 154 -3.27 -19.62 38.10
CA LYS D 154 -2.66 -20.11 36.87
C LYS D 154 -1.77 -19.10 36.18
N VAL D 155 -2.00 -17.80 36.38
CA VAL D 155 -1.24 -16.79 35.64
C VAL D 155 0.25 -16.89 35.94
N GLU D 156 0.60 -17.14 37.20
CA GLU D 156 2.00 -17.28 37.60
C GLU D 156 2.40 -18.71 37.95
N ASP D 157 1.44 -19.61 38.15
CA ASP D 157 1.72 -20.98 38.55
C ASP D 157 1.20 -21.92 37.46
N SER D 158 2.08 -22.31 36.54
CA SER D 158 1.71 -23.32 35.55
C SER D 158 1.77 -24.73 36.11
N ALA D 159 2.45 -24.94 37.24
CA ALA D 159 2.51 -26.25 37.86
C ALA D 159 1.22 -26.64 38.54
N LEU D 160 0.33 -25.67 38.81
CA LEU D 160 -0.98 -25.93 39.40
C LEU D 160 -0.87 -26.61 40.76
N THR D 161 0.16 -26.22 41.52
CA THR D 161 0.36 -26.75 42.87
C THR D 161 0.38 -25.68 43.95
N ARG D 162 0.50 -24.41 43.58
CA ARG D 162 0.42 -23.32 44.56
C ARG D 162 -1.01 -23.24 45.08
N VAL D 163 -1.19 -23.55 46.35
CA VAL D 163 -2.52 -23.69 46.93
C VAL D 163 -2.96 -22.34 47.49
N LYS D 164 -4.11 -21.86 47.04
CA LYS D 164 -4.65 -20.56 47.45
C LYS D 164 -6.00 -20.65 48.12
N TYR D 165 -6.87 -21.56 47.65
CA TYR D 165 -8.19 -21.77 48.23
C TYR D 165 -8.36 -23.23 48.61
N SER D 166 -9.20 -23.48 49.61
CA SER D 166 -9.60 -24.83 49.98
C SER D 166 -11.02 -24.78 50.53
N LEU D 167 -11.79 -25.82 50.22
CA LEU D 167 -13.17 -25.90 50.68
C LEU D 167 -13.56 -27.37 50.83
N THR D 168 -13.91 -27.75 52.06
CA THR D 168 -14.42 -29.09 52.29
C THR D 168 -15.85 -29.19 51.77
N LEU D 169 -16.11 -30.19 50.92
CA LEU D 169 -17.41 -30.31 50.27
C LEU D 169 -18.26 -31.41 50.87
N GLY D 170 -17.73 -32.64 50.95
CA GLY D 170 -18.53 -33.71 51.51
C GLY D 170 -17.74 -34.99 51.62
N ASP D 171 -18.45 -36.08 51.91
CA ASP D 171 -17.85 -37.39 52.03
C ASP D 171 -18.04 -38.20 50.77
N TYR D 172 -17.09 -39.11 50.52
CA TYR D 172 -17.14 -39.95 49.32
C TYR D 172 -16.33 -41.21 49.60
N ASP D 173 -17.02 -42.35 49.66
CA ASP D 173 -16.36 -43.65 49.79
C ASP D 173 -16.14 -44.30 48.43
N GLY D 174 -15.49 -43.57 47.52
CA GLY D 174 -15.26 -44.07 46.18
C GLY D 174 -13.81 -44.38 45.89
N GLU D 175 -13.52 -45.62 45.50
CA GLU D 175 -12.15 -45.99 45.16
C GLU D 175 -11.64 -45.27 43.93
N ASN D 176 -12.53 -44.83 43.05
CA ASN D 176 -12.13 -44.04 41.89
C ASN D 176 -11.54 -42.70 42.36
N THR D 177 -10.46 -42.27 41.73
CA THR D 177 -9.81 -41.02 42.09
C THR D 177 -9.77 -40.08 40.90
N PHE D 178 -9.70 -38.78 41.21
CA PHE D 178 -9.75 -37.77 40.16
C PHE D 178 -9.31 -36.43 40.72
N ASN D 179 -8.80 -35.60 39.82
CA ASN D 179 -8.49 -34.18 40.08
C ASN D 179 -9.04 -33.40 38.89
N PHE D 180 -10.31 -33.00 38.99
CA PHE D 180 -10.92 -32.18 37.96
C PHE D 180 -10.68 -30.72 38.25
N ILE D 181 -10.63 -29.91 37.21
CA ILE D 181 -10.43 -28.47 37.37
C ILE D 181 -11.36 -27.73 36.41
N ILE D 182 -11.76 -26.52 36.81
CA ILE D 182 -12.64 -25.67 36.01
C ILE D 182 -12.11 -24.24 36.06
N ASN D 183 -12.14 -23.58 34.90
CA ASN D 183 -11.85 -22.16 34.82
C ASN D 183 -13.06 -21.35 35.28
N MET D 184 -12.80 -20.10 35.68
CA MET D 184 -13.88 -19.23 36.13
C MET D 184 -14.72 -18.69 34.99
N ALA D 185 -14.30 -18.88 33.74
CA ALA D 185 -15.17 -18.56 32.62
C ALA D 185 -16.35 -19.51 32.51
N ASN D 186 -16.33 -20.63 33.24
CA ASN D 186 -17.40 -21.61 33.18
C ASN D 186 -18.33 -21.57 34.39
N MET D 187 -17.94 -20.88 35.46
CA MET D 187 -18.76 -20.79 36.67
C MET D 187 -19.67 -19.58 36.54
N LYS D 188 -20.87 -19.80 36.00
CA LYS D 188 -21.82 -18.68 35.78
C LYS D 188 -23.18 -19.05 36.36
N MET D 189 -23.26 -20.17 37.08
CA MET D 189 -24.53 -20.61 37.70
C MET D 189 -24.94 -19.60 38.78
N GLN D 190 -26.25 -19.34 38.90
CA GLN D 190 -26.75 -18.36 39.92
C GLN D 190 -26.58 -18.96 41.32
N PRO D 191 -26.65 -18.15 42.41
CA PRO D 191 -26.57 -18.70 43.76
C PRO D 191 -27.67 -19.75 43.97
N GLY D 192 -27.32 -20.89 44.57
CA GLY D 192 -28.30 -21.97 44.81
C GLY D 192 -27.63 -23.28 45.19
N ASN D 193 -28.41 -24.28 45.60
CA ASN D 193 -27.84 -25.57 45.95
C ASN D 193 -27.95 -26.51 44.76
N TYR D 194 -26.84 -27.13 44.38
CA TYR D 194 -26.81 -27.97 43.18
C TYR D 194 -26.28 -29.35 43.50
N LYS D 195 -26.92 -30.36 42.93
CA LYS D 195 -26.33 -31.69 42.89
C LYS D 195 -25.20 -31.68 41.87
N LEU D 196 -24.00 -32.02 42.30
CA LEU D 196 -22.83 -32.04 41.45
C LEU D 196 -22.55 -33.47 41.01
N LEU D 197 -22.53 -33.67 39.70
CA LEU D 197 -22.26 -34.96 39.08
C LEU D 197 -20.96 -34.88 38.30
N LEU D 198 -20.21 -35.98 38.29
CA LEU D 198 -18.92 -36.03 37.63
C LEU D 198 -18.85 -37.26 36.74
N TRP D 199 -18.40 -37.06 35.50
CA TRP D 199 -18.21 -38.15 34.56
C TRP D 199 -16.86 -37.98 33.88
N ALA D 200 -16.20 -39.08 33.58
CA ALA D 200 -14.87 -39.03 32.97
C ALA D 200 -14.57 -40.37 32.33
N LYS D 201 -14.04 -40.33 31.11
CA LYS D 201 -13.68 -41.56 30.40
C LYS D 201 -12.70 -41.20 29.29
N GLY D 202 -11.95 -42.20 28.85
CA GLY D 202 -10.96 -42.00 27.82
C GLY D 202 -9.94 -40.96 28.22
N LYS D 203 -10.04 -39.77 27.61
CA LYS D 203 -9.17 -38.66 27.98
C LYS D 203 -9.96 -37.39 28.26
N GLN D 204 -11.27 -37.49 28.50
CA GLN D 204 -12.08 -36.29 28.70
C GLN D 204 -13.13 -36.53 29.78
N GLY D 205 -13.53 -35.46 30.46
CA GLY D 205 -14.54 -35.52 31.48
C GLY D 205 -15.46 -34.31 31.43
N ALA D 206 -16.46 -34.34 32.31
CA ALA D 206 -17.44 -33.27 32.41
C ALA D 206 -18.02 -33.25 33.82
N ALA D 207 -18.51 -32.08 34.22
CA ALA D 207 -19.18 -31.89 35.49
C ALA D 207 -20.56 -31.29 35.25
N LYS D 208 -21.49 -31.63 36.13
CA LYS D 208 -22.87 -31.22 36.00
C LYS D 208 -23.36 -30.63 37.31
N PHE D 209 -24.03 -29.48 37.23
CA PHE D 209 -24.62 -28.80 38.37
C PHE D 209 -26.12 -28.79 38.12
N GLU D 210 -26.84 -29.76 38.67
CA GLU D 210 -28.28 -29.78 38.50
C GLU D 210 -28.95 -29.07 39.67
N GLY D 211 -29.99 -28.31 39.36
CA GLY D 211 -30.66 -27.49 40.35
C GLY D 211 -32.18 -27.58 40.24
N GLU D 212 -32.83 -26.92 41.18
CA GLU D 212 -34.30 -26.97 41.23
C GLU D 212 -34.93 -26.14 40.12
N HIS D 213 -34.22 -25.17 39.54
CA HIS D 213 -34.71 -24.45 38.37
C HIS D 213 -34.01 -24.91 37.10
N ALA D 214 -32.68 -24.83 37.05
CA ALA D 214 -31.95 -25.04 35.81
C ALA D 214 -30.75 -25.94 36.06
N ASN D 215 -30.29 -26.57 34.98
CA ASN D 215 -29.11 -27.44 35.01
C ASN D 215 -27.99 -26.80 34.20
N TYR D 216 -26.76 -26.96 34.69
CA TYR D 216 -25.56 -26.47 34.02
C TYR D 216 -24.59 -27.63 33.82
N VAL D 217 -23.76 -27.51 32.79
CA VAL D 217 -22.73 -28.49 32.51
C VAL D 217 -21.45 -27.74 32.17
N VAL D 218 -20.35 -28.13 32.81
CA VAL D 218 -19.06 -27.46 32.65
C VAL D 218 -18.01 -28.48 32.21
N ALA D 219 -17.10 -28.04 31.35
CA ALA D 219 -16.04 -28.89 30.87
C ALA D 219 -14.92 -28.99 31.90
N LEU D 220 -14.13 -30.05 31.77
CA LEU D 220 -12.97 -30.28 32.61
C LEU D 220 -11.71 -30.16 31.76
N GLU D 221 -10.75 -29.38 32.24
CA GLU D 221 -9.59 -29.03 31.43
C GLU D 221 -8.66 -30.23 31.27
N ALA D 222 -7.54 -29.99 30.59
CA ALA D 222 -6.61 -31.08 30.28
C ALA D 222 -6.02 -31.67 31.55
N ASP D 223 -5.68 -30.83 32.53
CA ASP D 223 -5.08 -31.30 33.77
C ASP D 223 -6.06 -32.03 34.66
N SER D 224 -7.35 -32.06 34.30
CA SER D 224 -8.35 -32.79 35.07
C SER D 224 -8.13 -34.27 34.86
N THR D 225 -7.31 -34.88 35.73
CA THR D 225 -6.99 -36.32 35.59
C THR D 225 -7.99 -37.16 36.37
N HIS D 226 -8.33 -38.35 35.86
CA HIS D 226 -9.26 -39.26 36.59
C HIS D 226 -8.69 -40.67 36.58
N ASP D 227 -8.66 -41.33 37.75
CA ASP D 227 -8.19 -42.73 37.82
C ASP D 227 -9.38 -43.61 38.25
N PHE D 228 -10.17 -44.09 37.28
CA PHE D 228 -11.37 -44.88 37.61
C PHE D 228 -11.08 -46.37 37.43
N MET E 1 -7.76 -16.36 64.82
CA MET E 1 -8.61 -15.44 65.56
C MET E 1 -9.85 -15.11 64.73
N LYS E 2 -10.68 -14.16 65.20
CA LYS E 2 -11.91 -13.82 64.52
C LYS E 2 -12.08 -12.30 64.55
N LEU E 3 -11.76 -11.64 63.44
CA LEU E 3 -11.98 -10.21 63.31
C LEU E 3 -13.47 -9.91 63.20
N SER E 4 -13.91 -8.89 63.92
CA SER E 4 -15.32 -8.52 63.93
C SER E 4 -15.62 -7.55 62.80
N LYS E 5 -16.92 -7.38 62.52
CA LYS E 5 -17.35 -6.48 61.45
C LYS E 5 -16.94 -5.04 61.74
N ASP E 6 -17.09 -4.60 62.98
CA ASP E 6 -16.64 -3.27 63.36
C ASP E 6 -15.13 -3.15 63.20
N THR E 7 -14.39 -4.19 63.57
CA THR E 7 -12.95 -4.19 63.36
C THR E 7 -12.62 -4.13 61.87
N THR E 8 -13.40 -4.85 61.05
CA THR E 8 -13.19 -4.78 59.61
C THR E 8 -13.41 -3.37 59.08
N ALA E 9 -14.45 -2.70 59.56
CA ALA E 9 -14.71 -1.32 59.13
C ALA E 9 -13.58 -0.39 59.56
N LEU E 10 -13.12 -0.55 60.80
CA LEU E 10 -12.02 0.28 61.29
C LEU E 10 -10.75 0.06 60.46
N LEU E 11 -10.43 -1.21 60.19
CA LEU E 11 -9.23 -1.51 59.41
C LEU E 11 -9.36 -1.02 57.98
N LYS E 12 -10.57 -1.06 57.42
CA LYS E 12 -10.80 -0.43 56.12
C LYS E 12 -10.56 1.08 56.20
N ASN E 13 -10.93 1.69 57.33
CA ASN E 13 -10.69 3.11 57.50
C ASN E 13 -9.20 3.44 57.51
N PHE E 14 -8.41 2.69 58.30
CA PHE E 14 -6.97 2.99 58.32
C PHE E 14 -6.30 2.57 57.02
N ALA E 15 -6.85 1.58 56.32
CA ALA E 15 -6.26 1.11 55.08
C ALA E 15 -6.21 2.20 54.01
N THR E 16 -7.04 3.23 54.15
CA THR E 16 -6.96 4.37 53.23
C THR E 16 -5.61 5.09 53.35
N ILE E 17 -5.02 5.08 54.54
CA ILE E 17 -3.73 5.74 54.73
C ILE E 17 -2.62 4.99 54.00
N ASN E 18 -2.58 3.67 54.16
CA ASN E 18 -1.52 2.86 53.57
C ASN E 18 -2.10 1.54 53.08
N SER E 19 -1.62 1.10 51.92
CA SER E 19 -2.13 -0.16 51.35
C SER E 19 -1.79 -1.34 52.25
N GLY E 20 -0.54 -1.41 52.73
CA GLY E 20 -0.12 -2.47 53.61
C GLY E 20 -0.10 -2.02 55.06
N ILE E 21 0.05 -3.00 55.96
CA ILE E 21 0.04 -2.72 57.39
C ILE E 21 0.69 -3.89 58.11
N MET E 22 1.19 -3.62 59.32
CA MET E 22 1.77 -4.63 60.19
C MET E 22 0.77 -4.91 61.31
N LEU E 23 0.45 -6.18 61.53
CA LEU E 23 -0.54 -6.58 62.51
C LEU E 23 0.14 -7.37 63.63
N LYS E 24 -0.01 -6.89 64.86
CA LYS E 24 0.62 -7.45 66.03
C LYS E 24 -0.42 -8.20 66.87
N SER E 25 0.04 -9.23 67.58
CA SER E 25 -0.83 -9.97 68.47
C SER E 25 -1.24 -9.10 69.67
N GLY E 26 -2.51 -9.19 70.04
CA GLY E 26 -2.99 -8.47 71.19
C GLY E 26 -4.26 -7.67 70.98
N GLN E 27 -4.40 -6.57 71.72
CA GLN E 27 -5.58 -5.72 71.69
C GLN E 27 -5.37 -4.41 70.95
N PHE E 28 -4.15 -4.15 70.50
CA PHE E 28 -3.73 -2.85 69.99
C PHE E 28 -3.48 -2.91 68.49
N ILE E 29 -3.92 -1.86 67.79
CA ILE E 29 -3.64 -1.72 66.37
C ILE E 29 -3.07 -0.32 66.11
N MET E 30 -2.27 -0.21 65.04
CA MET E 30 -1.38 0.92 64.90
C MET E 30 -0.86 0.99 63.47
N THR E 31 -0.84 2.19 62.90
CA THR E 31 -0.42 2.34 61.50
C THR E 31 0.00 3.79 61.24
N ARG E 32 0.77 3.96 60.17
CA ARG E 32 1.31 5.26 59.79
C ARG E 32 0.99 5.60 58.33
N ALA E 33 1.61 6.67 57.84
CA ALA E 33 1.54 7.06 56.43
C ALA E 33 2.88 6.79 55.76
N VAL E 34 2.85 6.71 54.43
CA VAL E 34 4.07 6.44 53.69
C VAL E 34 5.08 7.58 53.87
N ASN E 35 4.61 8.82 53.81
CA ASN E 35 5.47 9.97 54.06
C ASN E 35 5.63 10.29 55.53
N GLY E 36 4.92 9.58 56.41
CA GLY E 36 4.98 9.85 57.83
C GLY E 36 4.15 11.01 58.30
N THR E 37 3.33 11.61 57.42
CA THR E 37 2.52 12.76 57.80
C THR E 37 1.24 12.39 58.53
N THR E 38 0.88 11.11 58.57
CA THR E 38 -0.37 10.70 59.20
C THR E 38 -0.14 9.49 60.09
N TYR E 39 -0.74 9.53 61.28
CA TYR E 39 -0.65 8.48 62.28
C TYR E 39 -2.05 8.03 62.63
N ALA E 40 -2.23 6.73 62.89
CA ALA E 40 -3.52 6.21 63.31
C ALA E 40 -3.32 5.09 64.33
N GLU E 41 -4.20 5.04 65.32
CA GLU E 41 -4.09 4.05 66.39
C GLU E 41 -5.49 3.71 66.88
N ALA E 42 -5.66 2.48 67.34
CA ALA E 42 -6.96 2.07 67.86
C ALA E 42 -6.78 0.89 68.81
N ASN E 43 -7.81 0.68 69.62
CA ASN E 43 -7.90 -0.46 70.53
C ASN E 43 -9.21 -1.18 70.24
N ILE E 44 -9.12 -2.49 69.97
CA ILE E 44 -10.27 -3.28 69.58
C ILE E 44 -10.38 -4.48 70.52
N SER E 45 -11.60 -4.79 70.94
CA SER E 45 -11.83 -5.92 71.84
C SER E 45 -11.39 -7.25 71.25
N ASP E 46 -11.24 -7.32 69.92
CA ASP E 46 -10.76 -8.54 69.29
C ASP E 46 -9.35 -8.87 69.77
N VAL E 47 -9.08 -10.16 69.90
CA VAL E 47 -7.81 -10.67 70.42
C VAL E 47 -7.01 -11.26 69.27
N ILE E 48 -5.78 -10.77 69.09
CA ILE E 48 -4.90 -11.21 68.02
C ILE E 48 -3.83 -12.12 68.60
N ASP E 49 -3.50 -13.18 67.87
CA ASP E 49 -2.61 -14.22 68.38
C ASP E 49 -1.26 -14.27 67.69
N PHE E 50 -1.14 -13.72 66.48
CA PHE E 50 0.10 -13.82 65.72
C PHE E 50 0.26 -12.58 64.84
N ASP E 51 1.51 -12.30 64.47
CA ASP E 51 1.88 -11.04 63.83
C ASP E 51 2.25 -11.26 62.37
N VAL E 52 1.61 -10.51 61.48
CA VAL E 52 1.82 -10.65 60.04
C VAL E 52 1.78 -9.27 59.39
N ALA E 53 2.63 -9.07 58.39
CA ALA E 53 2.59 -7.88 57.56
C ALA E 53 1.79 -8.16 56.28
N ILE E 54 1.30 -7.08 55.66
CA ILE E 54 0.43 -7.22 54.51
C ILE E 54 0.67 -6.07 53.53
N TYR E 55 0.58 -6.39 52.24
CA TYR E 55 0.77 -5.43 51.15
C TYR E 55 -0.51 -4.70 50.79
N ASP E 56 -1.61 -5.43 50.62
CA ASP E 56 -2.90 -4.86 50.24
C ASP E 56 -3.91 -5.20 51.32
N LEU E 57 -4.13 -4.26 52.25
CA LEU E 57 -5.06 -4.50 53.34
C LEU E 57 -6.50 -4.56 52.84
N ASN E 58 -6.83 -3.78 51.81
CA ASN E 58 -8.21 -3.72 51.34
C ASN E 58 -8.69 -5.08 50.84
N GLY E 59 -7.87 -5.79 50.06
CA GLY E 59 -8.30 -7.07 49.53
C GLY E 59 -8.52 -8.11 50.61
N PHE E 60 -7.59 -8.19 51.57
CA PHE E 60 -7.74 -9.14 52.66
C PHE E 60 -8.96 -8.80 53.51
N LEU E 61 -9.17 -7.51 53.80
CA LEU E 61 -10.33 -7.11 54.57
C LEU E 61 -11.62 -7.46 53.83
N GLY E 62 -11.65 -7.28 52.52
CA GLY E 62 -12.77 -7.75 51.74
C GLY E 62 -12.98 -9.25 51.90
N ILE E 63 -11.90 -10.01 51.79
CA ILE E 63 -11.99 -11.46 51.92
C ILE E 63 -12.63 -11.83 53.27
N LEU E 64 -12.26 -11.12 54.33
CA LEU E 64 -12.93 -11.30 55.61
C LEU E 64 -14.40 -10.89 55.54
N SER E 65 -14.72 -9.85 54.77
CA SER E 65 -16.09 -9.37 54.72
C SER E 65 -17.02 -10.38 54.05
N LEU E 66 -16.58 -10.98 52.94
CA LEU E 66 -17.39 -11.99 52.27
C LEU E 66 -16.99 -13.42 52.64
N VAL E 67 -16.60 -13.64 53.88
CA VAL E 67 -16.37 -14.99 54.40
C VAL E 67 -17.25 -15.17 55.63
N ASN E 68 -17.54 -16.43 55.95
CA ASN E 68 -18.42 -16.73 57.07
C ASN E 68 -17.77 -16.32 58.40
N ASP E 69 -18.62 -16.07 59.40
CA ASP E 69 -18.16 -15.56 60.68
C ASP E 69 -17.49 -16.62 61.54
N ASP E 70 -17.58 -17.90 61.16
CA ASP E 70 -16.96 -18.98 61.94
C ASP E 70 -15.52 -19.26 61.50
N ALA E 71 -14.99 -18.49 60.55
CA ALA E 71 -13.61 -18.69 60.12
C ALA E 71 -12.63 -18.24 61.20
N GLU E 72 -11.51 -18.94 61.28
CA GLU E 72 -10.50 -18.71 62.30
C GLU E 72 -9.19 -18.38 61.60
N ILE E 73 -8.51 -17.34 62.08
CA ILE E 73 -7.32 -16.81 61.43
C ILE E 73 -6.10 -17.24 62.23
N SER E 74 -5.24 -18.06 61.62
CA SER E 74 -4.02 -18.55 62.25
C SER E 74 -2.89 -18.50 61.24
N GLN E 75 -1.72 -18.99 61.64
CA GLN E 75 -0.56 -19.05 60.76
C GLN E 75 -0.45 -20.44 60.16
N SER E 76 -0.29 -20.50 58.84
CA SER E 76 -0.19 -21.77 58.14
C SER E 76 1.17 -22.41 58.37
N GLU E 77 1.36 -23.58 57.76
CA GLU E 77 2.65 -24.28 57.88
C GLU E 77 3.76 -23.51 57.20
N ASP E 78 3.48 -22.87 56.06
CA ASP E 78 4.47 -22.09 55.32
C ASP E 78 4.62 -20.67 55.84
N GLY E 79 4.16 -20.41 57.06
CA GLY E 79 4.27 -19.07 57.62
C GLY E 79 3.43 -18.02 56.92
N ASN E 80 2.19 -18.36 56.58
CA ASN E 80 1.26 -17.42 55.94
C ASN E 80 -0.09 -17.52 56.64
N ILE E 81 -1.00 -16.63 56.25
CA ILE E 81 -2.28 -16.52 56.95
C ILE E 81 -3.22 -17.60 56.43
N LYS E 82 -3.81 -18.36 57.35
CA LYS E 82 -4.81 -19.37 57.02
C LYS E 82 -6.10 -19.04 57.77
N ILE E 83 -7.18 -18.86 57.03
CA ILE E 83 -8.47 -18.48 57.57
C ILE E 83 -9.42 -19.62 57.27
N ALA E 84 -9.66 -20.48 58.27
CA ALA E 84 -10.38 -21.73 58.06
C ALA E 84 -11.71 -21.69 58.80
N ASP E 85 -12.81 -21.84 58.07
CA ASP E 85 -14.12 -22.03 58.66
C ASP E 85 -14.50 -23.50 58.55
N ALA E 86 -15.75 -23.82 58.90
CA ALA E 86 -16.21 -25.21 58.90
C ALA E 86 -16.29 -25.80 57.50
N ARG E 87 -16.32 -24.98 56.46
CA ARG E 87 -16.51 -25.50 55.10
C ARG E 87 -15.37 -25.16 54.16
N SER E 88 -14.84 -23.93 54.23
CA SER E 88 -13.84 -23.46 53.28
C SER E 88 -12.56 -23.07 54.03
N THR E 89 -11.57 -22.62 53.26
CA THR E 89 -10.31 -22.15 53.83
C THR E 89 -9.69 -21.14 52.87
N ILE E 90 -9.15 -20.06 53.43
CA ILE E 90 -8.50 -19.00 52.67
C ILE E 90 -7.02 -18.99 53.03
N PHE E 91 -6.17 -18.95 52.02
CA PHE E 91 -4.72 -18.84 52.22
C PHE E 91 -4.24 -17.51 51.66
N TRP E 92 -3.76 -16.65 52.56
CA TRP E 92 -3.32 -15.31 52.22
C TRP E 92 -1.82 -15.20 52.47
N PRO E 93 -1.05 -14.71 51.49
CA PRO E 93 0.40 -14.61 51.68
C PRO E 93 0.76 -13.65 52.80
N ALA E 94 1.84 -13.98 53.51
CA ALA E 94 2.35 -13.17 54.60
C ALA E 94 3.48 -12.30 54.09
N ALA E 95 3.32 -10.98 54.19
CA ALA E 95 4.35 -10.06 53.73
C ALA E 95 5.48 -9.98 54.74
N ASP E 96 6.67 -9.66 54.22
CA ASP E 96 7.83 -9.48 55.09
C ASP E 96 7.68 -8.18 55.85
N PRO E 97 7.79 -8.19 57.18
CA PRO E 97 7.65 -6.94 57.95
C PRO E 97 8.64 -5.87 57.57
N SER E 98 9.84 -6.24 57.13
CA SER E 98 10.83 -5.23 56.74
C SER E 98 10.46 -4.59 55.41
N THR E 99 9.90 -5.36 54.48
CA THR E 99 9.61 -4.86 53.14
C THR E 99 8.44 -3.88 53.11
N VAL E 100 7.64 -3.83 54.17
CA VAL E 100 6.51 -2.91 54.25
C VAL E 100 6.87 -1.77 55.19
N VAL E 101 6.34 -0.58 54.91
CA VAL E 101 6.56 0.57 55.78
C VAL E 101 5.86 0.30 57.10
N ALA E 102 6.63 0.02 58.15
CA ALA E 102 6.08 -0.33 59.43
C ALA E 102 6.38 0.75 60.47
N PRO E 103 5.45 0.99 61.39
CA PRO E 103 5.68 2.04 62.39
C PRO E 103 6.81 1.65 63.34
N ASN E 104 7.50 2.67 63.86
CA ASN E 104 8.62 2.43 64.78
C ASN E 104 8.16 2.47 66.23
N LYS E 105 7.61 3.61 66.67
CA LYS E 105 7.20 3.79 68.04
C LYS E 105 5.85 4.49 68.07
N PRO E 106 5.04 4.22 69.10
CA PRO E 106 3.77 4.95 69.24
C PRO E 106 4.01 6.41 69.58
N ILE E 107 3.08 7.25 69.14
CA ILE E 107 3.10 8.67 69.44
C ILE E 107 2.00 8.94 70.48
N PRO E 108 2.34 9.24 71.73
CA PRO E 108 1.30 9.45 72.75
C PRO E 108 0.60 10.79 72.61
N PHE E 109 1.29 11.76 72.01
CA PHE E 109 0.80 13.13 71.87
C PHE E 109 0.39 13.68 73.23
N PRO E 110 1.36 13.90 74.14
CA PRO E 110 0.98 14.31 75.50
C PRO E 110 0.57 15.77 75.60
N VAL E 111 1.18 16.65 74.82
CA VAL E 111 0.97 18.09 74.94
C VAL E 111 0.23 18.58 73.70
N ALA E 112 -0.85 19.34 73.93
CA ALA E 112 -1.63 19.94 72.86
C ALA E 112 -1.77 21.43 73.13
N SER E 113 -1.53 22.24 72.10
CA SER E 113 -1.63 23.69 72.27
C SER E 113 -3.06 24.12 72.58
N ALA E 114 -4.04 23.52 71.90
CA ALA E 114 -5.44 23.86 72.12
C ALA E 114 -6.28 22.59 71.99
N VAL E 115 -7.45 22.62 72.62
CA VAL E 115 -8.38 21.49 72.59
C VAL E 115 -9.78 22.01 72.28
N THR E 116 -10.45 21.35 71.34
CA THR E 116 -11.83 21.68 70.98
C THR E 116 -12.52 20.39 70.52
N GLU E 117 -13.77 20.52 70.08
CA GLU E 117 -14.51 19.37 69.58
C GLU E 117 -15.21 19.74 68.27
N ILE E 118 -15.36 18.75 67.40
CA ILE E 118 -16.08 18.91 66.14
C ILE E 118 -17.07 17.76 66.02
N LYS E 119 -18.32 18.09 65.69
CA LYS E 119 -19.36 17.08 65.54
C LYS E 119 -19.19 16.35 64.21
N ALA E 120 -19.84 15.19 64.11
CA ALA E 120 -19.70 14.36 62.92
C ALA E 120 -20.20 15.07 61.67
N GLU E 121 -21.40 15.65 61.75
CA GLU E 121 -21.99 16.27 60.58
C GLU E 121 -21.16 17.43 60.06
N ASP E 122 -20.48 18.16 60.93
CA ASP E 122 -19.60 19.23 60.48
C ASP E 122 -18.46 18.67 59.63
N LEU E 123 -17.85 17.56 60.07
CA LEU E 123 -16.78 16.94 59.30
C LEU E 123 -17.30 16.42 57.96
N GLN E 124 -18.47 15.78 57.96
CA GLN E 124 -19.01 15.30 56.69
C GLN E 124 -19.30 16.45 55.73
N GLN E 125 -19.90 17.52 56.23
CA GLN E 125 -20.14 18.71 55.42
C GLN E 125 -18.84 19.25 54.85
N LEU E 126 -17.81 19.39 55.70
CA LEU E 126 -16.54 19.94 55.26
C LEU E 126 -15.90 19.08 54.18
N LEU E 127 -15.87 17.76 54.40
CA LEU E 127 -15.28 16.87 53.40
C LEU E 127 -16.03 16.95 52.08
N ARG E 128 -17.37 16.93 52.13
CA ARG E 128 -18.13 16.92 50.88
C ARG E 128 -18.01 18.24 50.13
N VAL E 129 -17.96 19.37 50.84
CA VAL E 129 -17.78 20.63 50.13
C VAL E 129 -16.36 20.72 49.58
N SER E 130 -15.39 20.15 50.29
CA SER E 130 -14.02 20.13 49.77
C SER E 130 -13.96 19.35 48.46
N ARG E 131 -14.68 18.23 48.37
CA ARG E 131 -14.79 17.55 47.08
C ARG E 131 -15.51 18.45 46.06
N GLY E 132 -16.60 19.08 46.48
CA GLY E 132 -17.41 19.85 45.54
C GLY E 132 -16.71 21.08 45.01
N LEU E 133 -16.06 21.84 45.88
CA LEU E 133 -15.42 23.09 45.50
C LEU E 133 -13.98 22.92 45.05
N GLN E 134 -13.52 21.67 44.89
CA GLN E 134 -12.13 21.39 44.52
C GLN E 134 -11.16 22.01 45.52
N ILE E 135 -11.57 22.06 46.78
CA ILE E 135 -10.76 22.66 47.84
C ILE E 135 -9.72 21.64 48.28
N ASP E 136 -8.45 21.99 48.14
CA ASP E 136 -7.35 21.11 48.49
C ASP E 136 -6.61 21.56 49.74
N THR E 137 -7.16 22.50 50.49
CA THR E 137 -6.47 23.05 51.66
C THR E 137 -7.49 23.48 52.70
N ILE E 138 -7.16 23.24 53.98
CA ILE E 138 -7.95 23.76 55.08
C ILE E 138 -7.01 24.49 56.04
N ALA E 139 -7.50 25.61 56.55
CA ALA E 139 -6.74 26.44 57.49
C ALA E 139 -7.54 26.59 58.77
N ILE E 140 -7.03 26.01 59.85
CA ILE E 140 -7.67 26.12 61.16
C ILE E 140 -7.00 27.28 61.89
N THR E 141 -7.77 28.30 62.22
CA THR E 141 -7.23 29.51 62.82
C THR E 141 -8.21 30.05 63.86
N VAL E 142 -7.88 31.22 64.40
CA VAL E 142 -8.70 31.90 65.38
C VAL E 142 -9.05 33.27 64.84
N LYS E 143 -10.35 33.52 64.65
CA LYS E 143 -10.85 34.82 64.22
C LYS E 143 -12.09 35.16 65.02
N GLU E 144 -12.30 36.46 65.24
CA GLU E 144 -13.36 36.99 66.09
C GLU E 144 -13.43 36.27 67.44
N GLY E 145 -12.28 35.86 67.96
CA GLY E 145 -12.21 35.13 69.21
C GLY E 145 -12.85 33.76 69.15
N LYS E 146 -12.72 33.08 68.01
CA LYS E 146 -13.38 31.81 67.76
C LYS E 146 -12.47 30.92 66.93
N ILE E 147 -12.45 29.63 67.24
CA ILE E 147 -11.77 28.64 66.42
C ILE E 147 -12.60 28.40 65.18
N VAL E 148 -12.00 28.67 64.01
CA VAL E 148 -12.68 28.57 62.73
C VAL E 148 -11.81 27.77 61.76
N ILE E 149 -12.44 27.27 60.71
CA ILE E 149 -11.77 26.56 59.62
C ILE E 149 -12.17 27.21 58.32
N ASN E 150 -11.18 27.51 57.47
CA ASN E 150 -11.40 28.14 56.18
C ASN E 150 -10.91 27.22 55.06
N GLY E 151 -11.66 27.19 53.97
CA GLY E 151 -11.30 26.38 52.82
C GLY E 151 -10.48 27.18 51.82
N PHE E 152 -9.35 26.61 51.41
CA PHE E 152 -8.42 27.25 50.50
C PHE E 152 -8.11 26.31 49.34
N ASN E 153 -7.94 26.89 48.16
CA ASN E 153 -7.58 26.15 46.96
C ASN E 153 -6.11 26.43 46.65
N LYS E 154 -5.24 25.45 46.92
CA LYS E 154 -3.81 25.69 46.81
C LYS E 154 -3.36 25.82 45.37
N VAL E 155 -3.93 25.02 44.46
CA VAL E 155 -3.47 25.00 43.08
C VAL E 155 -3.77 26.30 42.35
N GLU E 156 -4.69 27.13 42.87
CA GLU E 156 -4.99 28.41 42.26
C GLU E 156 -4.75 29.60 43.18
N ASP E 157 -4.71 29.40 44.50
CA ASP E 157 -4.43 30.47 45.45
C ASP E 157 -3.16 30.08 46.21
N SER E 158 -2.01 30.48 45.67
CA SER E 158 -0.74 30.18 46.32
C SER E 158 -0.64 30.87 47.68
N ALA E 159 -1.10 32.12 47.76
CA ALA E 159 -1.04 32.87 49.01
C ALA E 159 -2.02 32.35 50.05
N LEU E 160 -3.01 31.56 49.65
CA LEU E 160 -4.02 31.01 50.56
C LEU E 160 -4.74 32.14 51.31
N THR E 161 -5.30 33.06 50.54
CA THR E 161 -5.98 34.23 51.10
C THR E 161 -7.48 34.21 50.86
N ARG E 162 -7.91 34.07 49.62
CA ARG E 162 -9.34 34.04 49.31
C ARG E 162 -9.98 32.81 49.91
N VAL E 163 -11.18 32.98 50.47
CA VAL E 163 -11.87 31.92 51.21
C VAL E 163 -13.07 31.47 50.41
N LYS E 164 -13.20 30.15 50.24
CA LYS E 164 -14.35 29.54 49.56
C LYS E 164 -15.34 28.92 50.53
N TYR E 165 -14.86 28.32 51.63
CA TYR E 165 -15.72 27.75 52.64
C TYR E 165 -15.14 28.05 54.01
N SER E 166 -15.97 28.58 54.91
CA SER E 166 -15.55 28.92 56.26
C SER E 166 -16.47 28.23 57.26
N LEU E 167 -15.87 27.45 58.17
CA LEU E 167 -16.60 26.78 59.22
C LEU E 167 -16.00 27.14 60.57
N THR E 168 -16.82 27.72 61.44
CA THR E 168 -16.39 28.11 62.78
C THR E 168 -16.53 26.90 63.69
N LEU E 169 -15.40 26.35 64.14
CA LEU E 169 -15.43 25.18 65.01
C LEU E 169 -16.12 25.50 66.34
N GLY E 170 -15.84 26.66 66.91
CA GLY E 170 -16.46 27.03 68.16
C GLY E 170 -15.86 28.30 68.71
N ASP E 171 -16.18 28.57 69.98
CA ASP E 171 -15.66 29.75 70.65
C ASP E 171 -14.24 29.49 71.16
N TYR E 172 -13.42 30.53 71.12
CA TYR E 172 -12.01 30.45 71.53
C TYR E 172 -11.76 31.47 72.63
N ASP E 173 -11.50 30.97 73.85
CA ASP E 173 -11.19 31.83 74.99
C ASP E 173 -9.68 31.77 75.24
N GLY E 174 -8.96 32.59 74.50
CA GLY E 174 -7.52 32.66 74.65
C GLY E 174 -6.94 33.78 73.83
N GLU E 175 -5.70 34.14 74.16
CA GLU E 175 -4.99 35.20 73.45
C GLU E 175 -4.06 34.64 72.37
N ASN E 176 -3.57 33.41 72.55
CA ASN E 176 -2.69 32.79 71.57
C ASN E 176 -3.41 32.64 70.24
N THR E 177 -2.71 32.98 69.15
CA THR E 177 -3.28 32.90 67.81
C THR E 177 -2.48 31.91 66.97
N PHE E 178 -3.13 31.36 65.95
CA PHE E 178 -2.49 30.36 65.12
C PHE E 178 -3.22 30.26 63.79
N ASN E 179 -2.56 29.60 62.84
CA ASN E 179 -3.13 29.29 61.53
C ASN E 179 -2.42 28.04 61.04
N PHE E 180 -3.09 26.89 61.18
CA PHE E 180 -2.53 25.60 60.80
C PHE E 180 -3.10 25.16 59.46
N ILE E 181 -2.22 24.74 58.56
CA ILE E 181 -2.57 24.42 57.18
C ILE E 181 -2.49 22.92 56.99
N ILE E 182 -3.57 22.32 56.48
CA ILE E 182 -3.67 20.88 56.30
C ILE E 182 -4.17 20.59 54.89
N ASN E 183 -3.52 19.66 54.21
CA ASN E 183 -3.98 19.21 52.91
C ASN E 183 -4.97 18.07 53.06
N MET E 184 -5.95 18.01 52.14
CA MET E 184 -7.00 17.01 52.21
C MET E 184 -6.51 15.60 51.92
N ALA E 185 -5.27 15.42 51.46
CA ALA E 185 -4.76 14.09 51.20
C ALA E 185 -4.61 13.27 52.48
N ASN E 186 -4.65 13.90 53.65
CA ASN E 186 -4.47 13.21 54.92
C ASN E 186 -5.77 12.90 55.64
N MET E 187 -6.89 13.49 55.23
CA MET E 187 -8.17 13.27 55.89
C MET E 187 -8.65 11.85 55.61
N LYS E 188 -8.55 10.98 56.63
CA LYS E 188 -8.97 9.59 56.52
C LYS E 188 -9.83 9.18 57.71
N MET E 189 -10.77 10.02 58.11
CA MET E 189 -11.52 9.82 59.34
C MET E 189 -12.83 9.10 59.06
N GLN E 190 -13.17 8.14 59.92
CA GLN E 190 -14.47 7.51 59.84
C GLN E 190 -15.55 8.47 60.34
N PRO E 191 -16.79 8.31 59.86
CA PRO E 191 -17.85 9.23 60.29
C PRO E 191 -18.16 9.08 61.77
N GLY E 192 -18.05 10.18 62.50
CA GLY E 192 -18.33 10.19 63.93
C GLY E 192 -17.85 11.46 64.57
N ASN E 193 -18.29 11.67 65.80
CA ASN E 193 -17.88 12.84 66.56
C ASN E 193 -16.39 12.75 66.89
N TYR E 194 -15.71 13.90 66.84
CA TYR E 194 -14.27 13.93 67.07
C TYR E 194 -13.89 15.06 68.00
N LYS E 195 -12.76 14.87 68.67
CA LYS E 195 -12.15 15.87 69.52
C LYS E 195 -10.81 16.26 68.92
N LEU E 196 -10.60 17.57 68.73
CA LEU E 196 -9.39 18.09 68.11
C LEU E 196 -8.43 18.58 69.18
N LEU E 197 -7.17 18.15 69.06
CA LEU E 197 -6.08 18.61 69.91
C LEU E 197 -4.99 19.15 68.99
N LEU E 198 -4.88 20.47 68.92
CA LEU E 198 -3.88 21.12 68.09
C LEU E 198 -2.61 21.35 68.90
N TRP E 199 -1.46 21.17 68.24
CA TRP E 199 -0.18 21.43 68.88
C TRP E 199 0.78 21.95 67.81
N ALA E 200 1.61 22.91 68.19
CA ALA E 200 2.57 23.49 67.25
C ALA E 200 3.67 24.17 68.03
N LYS E 201 4.90 23.71 67.87
CA LYS E 201 6.08 24.33 68.49
C LYS E 201 7.08 24.66 67.40
N GLY E 202 7.55 25.91 67.40
CA GLY E 202 8.56 26.33 66.44
C GLY E 202 8.15 26.10 65.01
N LYS E 203 8.79 25.11 64.37
CA LYS E 203 8.47 24.72 63.00
C LYS E 203 7.50 23.55 62.92
N GLN E 204 7.54 22.63 63.88
CA GLN E 204 6.73 21.43 63.78
C GLN E 204 5.35 21.62 64.42
N GLY E 205 4.41 20.78 64.00
CA GLY E 205 3.06 20.83 64.53
C GLY E 205 2.24 19.67 64.02
N ALA E 206 1.15 19.40 64.74
CA ALA E 206 0.26 18.31 64.39
C ALA E 206 -1.10 18.53 65.06
N ALA E 207 -2.13 17.97 64.43
CA ALA E 207 -3.49 18.01 64.94
C ALA E 207 -3.98 16.59 65.16
N LYS E 208 -4.51 16.33 66.35
CA LYS E 208 -5.00 15.00 66.72
C LYS E 208 -6.52 14.99 66.72
N PHE E 209 -7.09 14.02 66.02
CA PHE E 209 -8.53 13.76 66.01
C PHE E 209 -8.78 12.49 66.80
N GLU E 210 -9.50 12.62 67.91
CA GLU E 210 -9.80 11.50 68.80
C GLU E 210 -11.27 11.15 68.65
N GLY E 211 -11.58 9.85 68.58
CA GLY E 211 -12.96 9.43 68.52
C GLY E 211 -13.25 8.31 69.49
N GLU E 212 -14.45 7.73 69.39
CA GLU E 212 -14.81 6.61 70.27
C GLU E 212 -13.95 5.39 69.98
N HIS E 213 -13.61 5.16 68.72
CA HIS E 213 -12.91 3.95 68.31
C HIS E 213 -11.42 4.16 68.05
N ALA E 214 -11.02 5.27 67.45
CA ALA E 214 -9.64 5.41 66.99
C ALA E 214 -9.18 6.86 67.11
N ASN E 215 -7.87 7.04 67.06
CA ASN E 215 -7.24 8.34 67.20
C ASN E 215 -6.21 8.52 66.10
N TYR E 216 -6.27 9.65 65.40
CA TYR E 216 -5.37 9.94 64.29
C TYR E 216 -4.64 11.24 64.55
N VAL E 217 -3.49 11.39 63.88
CA VAL E 217 -2.67 12.59 63.95
C VAL E 217 -2.31 12.99 62.53
N VAL E 218 -2.55 14.26 62.20
CA VAL E 218 -2.23 14.82 60.89
C VAL E 218 -1.13 15.86 61.08
N ALA E 219 -0.03 15.69 60.36
CA ALA E 219 1.08 16.63 60.45
C ALA E 219 0.76 17.92 59.71
N LEU E 220 0.99 19.05 60.36
CA LEU E 220 0.73 20.34 59.75
C LEU E 220 1.75 20.62 58.64
N GLU E 221 1.32 21.40 57.66
CA GLU E 221 2.21 21.72 56.54
C GLU E 221 3.22 22.78 56.97
N ALA E 222 4.25 22.96 56.15
CA ALA E 222 5.38 23.82 56.50
C ALA E 222 4.99 25.29 56.61
N ASP E 223 3.85 25.70 56.06
CA ASP E 223 3.47 27.10 56.07
C ASP E 223 2.60 27.48 57.26
N SER E 224 2.31 26.53 58.17
CA SER E 224 1.51 26.84 59.34
C SER E 224 2.28 27.77 60.28
N THR E 225 1.55 28.72 60.87
CA THR E 225 2.15 29.70 61.77
C THR E 225 1.41 29.70 63.10
N HIS E 226 2.08 30.18 64.14
CA HIS E 226 1.46 30.24 65.46
C HIS E 226 2.28 31.16 66.36
N ASP E 227 1.58 31.85 67.26
CA ASP E 227 2.20 32.64 68.31
C ASP E 227 1.39 32.47 69.58
N PHE E 228 2.07 32.11 70.67
CA PHE E 228 1.40 31.84 71.93
C PHE E 228 1.74 32.90 72.97
#